data_6APJ
#
_entry.id   6APJ
#
_cell.length_a   71.346
_cell.length_b   71.803
_cell.length_c   134.246
_cell.angle_alpha   98.78
_cell.angle_beta   101.92
_cell.angle_gamma   103.48
#
_symmetry.space_group_name_H-M   'P 1'
#
loop_
_entity.id
_entity.type
_entity.pdbx_description
1 polymer 'Alpha-N-acetylgalactosaminide alpha-2,6-sialyltransferase 2'
2 non-polymer 2-acetamido-2-deoxy-beta-D-glucopyranose
#
_entity_poly.entity_id   1
_entity_poly.type   'polypeptide(L)'
_entity_poly.pdbx_seq_one_letter_code
;(MSE)GLPRGSFFWLLLLLTAACSGLLFALYFSAVQRYPGPAAGARDTTSFEAFFQSKASNSWTGKGQACRHLLHLAIQR
HPHFRGLFNLSIPVLLWGDLFTPALWDRLSQHKAPYGWRGLSHQVIASTLSLLNGSESAKLFAPPRDTPPKCIRCAVVGN
GGILNGSRQGPNIDAHDYVFRLNGAVIKGFERDVGTKTSFYGFTVNT(MSE)KNSLVSYWNLGFTSVPQGQDLQYIFIPS
DIRDYV(MSE)LRSAILGVPVPEGLDKGDRPHAYFGPEASASKFKLLHPDFISYLTERFLKSKLINTHFGDLY(MSE)PS
TGAL(MSE)LLTALHTCDQVSAYGFITSNYWKFSDHYFERKMKPLIFYANHDLSLEAALWRDLHKAGILQLYQR
;
_entity_poly.pdbx_strand_id   A,B,C,D,E,F
#
loop_
_chem_comp.id
_chem_comp.type
_chem_comp.name
_chem_comp.formula
NAG D-saccharide, beta linking 2-acetamido-2-deoxy-beta-D-glucopyranose 'C8 H15 N O6'
#
# COMPACT_ATOMS: atom_id res chain seq x y z
N CYS A 66 12.38 -7.63 29.50
CA CYS A 66 11.54 -6.63 28.87
C CYS A 66 10.68 -5.92 29.91
N ARG A 67 9.73 -6.65 30.50
CA ARG A 67 8.77 -6.11 31.46
C ARG A 67 9.41 -5.60 32.76
N HIS A 68 10.73 -5.70 32.94
CA HIS A 68 11.35 -5.18 34.16
C HIS A 68 12.82 -4.88 33.95
N LEU A 69 13.26 -4.89 32.70
CA LEU A 69 14.63 -4.56 32.33
C LEU A 69 14.89 -3.05 32.36
N LEU A 70 13.90 -2.26 32.77
CA LEU A 70 14.05 -0.81 32.96
C LEU A 70 14.33 -0.45 34.41
N HIS A 71 13.49 -0.93 35.33
CA HIS A 71 13.70 -0.66 36.75
C HIS A 71 15.00 -1.29 37.26
N LEU A 72 15.51 -2.31 36.58
CA LEU A 72 16.79 -2.89 36.96
C LEU A 72 17.92 -1.89 36.77
N ALA A 73 17.90 -1.13 35.67
CA ALA A 73 18.91 -0.10 35.46
C ALA A 73 18.78 1.03 36.47
N ILE A 74 17.58 1.23 37.03
CA ILE A 74 17.41 2.22 38.09
C ILE A 74 18.08 1.74 39.37
N GLN A 75 18.10 0.43 39.60
CA GLN A 75 18.72 -0.13 40.79
C GLN A 75 20.24 -0.14 40.67
N ARG A 76 20.77 -0.41 39.47
CA ARG A 76 22.22 -0.51 39.29
C ARG A 76 22.93 0.81 39.49
N HIS A 77 22.21 1.93 39.39
CA HIS A 77 22.82 3.25 39.60
C HIS A 77 22.31 3.86 40.89
N PRO A 78 23.19 4.24 41.81
CA PRO A 78 22.73 4.77 43.10
C PRO A 78 22.13 6.16 43.03
N HIS A 79 22.43 6.93 41.99
CA HIS A 79 21.90 8.29 41.90
C HIS A 79 20.39 8.27 41.73
N PHE A 80 19.89 7.53 40.75
CA PHE A 80 18.45 7.47 40.48
C PHE A 80 17.73 6.47 41.36
N ARG A 81 18.45 5.57 42.03
CA ARG A 81 17.78 4.65 42.95
C ARG A 81 17.18 5.40 44.12
N GLY A 82 17.89 6.39 44.64
CA GLY A 82 17.37 7.23 45.72
C GLY A 82 16.69 8.48 45.19
N LEU A 83 16.09 8.38 44.01
CA LEU A 83 15.42 9.51 43.39
C LEU A 83 14.07 9.11 42.84
N PHE A 84 14.00 7.91 42.25
CA PHE A 84 12.75 7.38 41.74
C PHE A 84 11.91 6.83 42.89
N ASN A 85 10.73 7.43 43.10
CA ASN A 85 9.74 6.92 44.03
C ASN A 85 8.56 6.38 43.22
N LEU A 86 8.60 5.08 42.94
CA LEU A 86 7.56 4.40 42.16
C LEU A 86 6.36 3.99 43.01
N SER A 87 6.00 4.79 44.02
CA SER A 87 4.79 4.55 44.80
C SER A 87 3.94 5.79 45.01
N ILE A 88 4.48 6.98 44.79
CA ILE A 88 3.67 8.21 44.85
C ILE A 88 2.69 8.22 43.68
N PRO A 89 1.43 8.57 43.89
CA PRO A 89 0.46 8.55 42.79
C PRO A 89 0.84 9.51 41.67
N VAL A 90 0.53 9.09 40.45
CA VAL A 90 0.83 9.86 39.24
C VAL A 90 -0.42 10.60 38.77
N LEU A 91 -1.58 9.97 38.94
CA LEU A 91 -2.85 10.51 38.46
C LEU A 91 -3.76 10.84 39.63
N LEU A 92 -4.50 11.92 39.52
CA LEU A 92 -5.48 12.32 40.51
C LEU A 92 -6.87 11.90 40.05
N TRP A 93 -7.69 11.45 41.00
CA TRP A 93 -9.03 10.99 40.67
C TRP A 93 -9.92 11.13 41.91
N GLY A 94 -11.08 10.47 41.88
CA GLY A 94 -12.10 10.72 42.88
C GLY A 94 -11.70 10.26 44.26
N ASP A 95 -11.35 8.98 44.40
CA ASP A 95 -11.04 8.41 45.71
C ASP A 95 -9.80 9.00 46.37
N LEU A 96 -9.19 10.05 45.80
CA LEU A 96 -8.09 10.74 46.44
C LEU A 96 -8.45 12.14 46.91
N PHE A 97 -9.56 12.70 46.44
CA PHE A 97 -9.99 14.04 46.84
C PHE A 97 -10.63 13.96 48.22
N THR A 98 -9.85 14.29 49.24
CA THR A 98 -10.29 14.32 50.64
C THR A 98 -10.13 15.75 51.17
N PRO A 99 -10.82 16.07 52.28
CA PRO A 99 -10.56 17.38 52.91
C PRO A 99 -9.10 17.61 53.25
N ALA A 100 -8.37 16.54 53.61
CA ALA A 100 -6.95 16.69 53.90
C ALA A 100 -6.17 17.15 52.66
N LEU A 101 -6.44 16.53 51.51
CA LEU A 101 -5.79 16.96 50.28
C LEU A 101 -6.24 18.36 49.86
N TRP A 102 -7.46 18.74 50.22
CA TRP A 102 -7.93 20.09 49.88
C TRP A 102 -7.23 21.14 50.71
N ASP A 103 -6.89 20.85 51.97
CA ASP A 103 -6.21 21.84 52.79
C ASP A 103 -4.76 22.03 52.35
N ARG A 104 -4.06 20.93 52.05
CA ARG A 104 -2.66 21.04 51.65
C ARG A 104 -2.51 21.78 50.33
N LEU A 105 -3.22 21.33 49.30
CA LEU A 105 -3.07 21.91 47.98
C LEU A 105 -3.69 23.30 47.86
N SER A 106 -4.43 23.75 48.87
CA SER A 106 -4.93 25.12 48.89
C SER A 106 -3.89 26.12 49.37
N GLN A 107 -2.69 25.65 49.73
CA GLN A 107 -1.58 26.52 50.12
C GLN A 107 -0.54 26.65 49.01
N HIS A 108 -0.82 26.10 47.83
CA HIS A 108 0.12 26.13 46.72
C HIS A 108 -0.60 26.60 45.46
N LYS A 109 -0.06 27.62 44.81
CA LYS A 109 -0.53 28.04 43.50
C LYS A 109 0.05 27.08 42.46
N ALA A 110 -0.04 27.46 41.17
CA ALA A 110 0.61 26.73 40.09
C ALA A 110 0.02 25.32 39.97
N PRO A 111 0.53 24.45 39.10
CA PRO A 111 0.06 23.06 39.11
C PRO A 111 0.51 22.25 40.32
N TYR A 112 1.17 22.86 41.30
CA TYR A 112 1.54 22.14 42.51
C TYR A 112 0.41 22.09 43.53
N GLY A 113 -0.66 22.85 43.31
CA GLY A 113 -1.81 22.85 44.20
C GLY A 113 -2.98 23.57 43.57
N TRP A 114 -3.81 24.19 44.40
CA TRP A 114 -4.95 24.95 43.90
C TRP A 114 -5.30 26.08 44.86
N ARG A 115 -4.31 26.91 45.18
CA ARG A 115 -4.57 28.08 46.01
C ARG A 115 -5.38 29.11 45.24
N GLY A 116 -6.41 29.64 45.87
CA GLY A 116 -7.29 30.59 45.23
C GLY A 116 -8.27 29.98 44.24
N LEU A 117 -8.24 28.67 44.05
CA LEU A 117 -9.18 28.00 43.17
C LEU A 117 -10.43 27.60 43.93
N SER A 118 -11.57 27.59 43.23
CA SER A 118 -12.85 27.35 43.87
C SER A 118 -13.03 25.88 44.22
N HIS A 119 -13.53 25.62 45.42
CA HIS A 119 -13.87 24.26 45.82
C HIS A 119 -15.01 23.71 44.98
N GLN A 120 -15.96 24.56 44.57
CA GLN A 120 -17.05 24.11 43.73
C GLN A 120 -16.55 23.68 42.35
N VAL A 121 -15.55 24.39 41.82
CA VAL A 121 -15.05 24.06 40.48
C VAL A 121 -14.26 22.76 40.51
N ILE A 122 -13.52 22.52 41.58
CA ILE A 122 -12.65 21.35 41.65
C ILE A 122 -13.41 20.11 42.14
N ALA A 123 -14.26 20.26 43.15
CA ALA A 123 -15.01 19.12 43.65
C ALA A 123 -15.98 18.57 42.61
N SER A 124 -16.45 19.43 41.69
CA SER A 124 -17.36 18.99 40.65
C SER A 124 -16.64 18.27 39.52
N THR A 125 -15.39 18.66 39.23
CA THR A 125 -14.65 18.01 38.15
C THR A 125 -13.91 16.77 38.63
N LEU A 126 -13.56 16.69 39.92
CA LEU A 126 -12.89 15.50 40.43
C LEU A 126 -13.88 14.39 40.75
N SER A 127 -15.13 14.75 41.07
CA SER A 127 -16.15 13.73 41.32
C SER A 127 -16.52 12.98 40.04
N LEU A 128 -16.33 13.62 38.88
CA LEU A 128 -16.55 12.93 37.62
C LEU A 128 -15.51 11.87 37.34
N LEU A 129 -14.35 11.95 38.00
CA LEU A 129 -13.31 10.94 37.91
C LEU A 129 -13.42 9.88 38.99
N ASN A 130 -14.64 9.53 39.40
CA ASN A 130 -14.84 8.54 40.45
C ASN A 130 -14.62 7.11 39.98
N GLY A 131 -14.37 6.91 38.69
CA GLY A 131 -14.13 5.56 38.19
C GLY A 131 -12.80 5.00 38.67
N SER A 132 -12.79 3.69 38.90
CA SER A 132 -11.57 3.03 39.34
C SER A 132 -10.51 2.99 38.25
N GLU A 133 -10.89 3.20 36.99
CA GLU A 133 -9.94 3.17 35.88
C GLU A 133 -9.15 4.47 35.76
N SER A 134 -9.63 5.56 36.35
CA SER A 134 -8.94 6.84 36.26
C SER A 134 -7.70 6.91 37.13
N ALA A 135 -7.45 5.90 37.96
CA ALA A 135 -6.29 5.92 38.83
C ALA A 135 -5.00 5.58 38.08
N LYS A 136 -5.08 4.64 37.14
CA LYS A 136 -3.93 4.17 36.37
C LYS A 136 -3.99 4.69 34.95
N LEU A 137 -2.86 4.58 34.25
CA LEU A 137 -2.74 4.96 32.85
C LEU A 137 -2.94 3.80 31.89
N PHE A 138 -2.48 2.61 32.24
CA PHE A 138 -2.54 1.44 31.35
C PHE A 138 -3.61 0.46 31.83
N ALA A 139 -3.80 -0.60 31.04
CA ALA A 139 -4.82 -1.59 31.34
C ALA A 139 -4.47 -2.37 32.60
N PRO A 140 -5.48 -2.88 33.32
CA PRO A 140 -5.24 -3.68 34.52
C PRO A 140 -4.56 -5.02 34.22
N CYS A 148 5.00 -6.76 29.06
CA CYS A 148 5.97 -5.70 28.80
C CYS A 148 5.28 -4.48 28.16
N ILE A 149 5.74 -3.28 28.52
CA ILE A 149 5.18 -2.04 28.02
C ILE A 149 6.31 -1.15 27.53
N ARG A 150 6.46 -1.03 26.22
CA ARG A 150 7.46 -0.16 25.61
C ARG A 150 6.79 1.12 25.13
N CYS A 151 7.29 2.25 25.60
CA CYS A 151 6.68 3.55 25.34
C CYS A 151 7.63 4.43 24.53
N ALA A 152 7.04 5.37 23.80
CA ALA A 152 7.79 6.36 23.03
C ALA A 152 7.20 7.73 23.27
N VAL A 153 8.00 8.62 23.84
CA VAL A 153 7.61 10.01 24.06
C VAL A 153 8.24 10.86 22.97
N VAL A 154 7.41 11.56 22.21
CA VAL A 154 7.85 12.31 21.05
C VAL A 154 7.75 13.80 21.37
N GLY A 155 8.89 14.43 21.60
CA GLY A 155 8.93 15.88 21.69
C GLY A 155 8.86 16.53 20.32
N ASN A 156 8.47 17.79 20.31
CA ASN A 156 8.27 18.53 19.06
C ASN A 156 9.52 19.30 18.62
N GLY A 157 10.71 18.84 19.00
CA GLY A 157 11.92 19.52 18.62
C GLY A 157 12.23 19.35 17.15
N GLY A 158 13.12 20.22 16.65
CA GLY A 158 13.47 20.20 15.23
C GLY A 158 14.48 19.16 14.83
N ILE A 159 15.02 18.43 15.81
CA ILE A 159 15.96 17.35 15.51
C ILE A 159 15.28 16.22 14.74
N LEU A 160 13.97 16.05 14.89
CA LEU A 160 13.25 15.03 14.13
C LEU A 160 13.05 15.40 12.68
N ASN A 161 13.42 16.62 12.26
CA ASN A 161 13.23 17.03 10.88
C ASN A 161 14.17 16.24 9.98
N GLY A 162 13.59 15.44 9.07
CA GLY A 162 14.40 14.64 8.17
C GLY A 162 15.07 13.44 8.81
N SER A 163 14.94 13.26 10.13
CA SER A 163 15.50 12.11 10.81
C SER A 163 14.88 10.79 10.37
N ARG A 164 13.64 10.82 9.87
CA ARG A 164 12.95 9.63 9.39
C ARG A 164 12.86 8.57 10.48
N GLN A 165 12.58 9.00 11.71
CA GLN A 165 12.42 8.11 12.85
C GLN A 165 11.00 7.56 12.95
N GLY A 166 10.23 7.61 11.88
CA GLY A 166 8.87 7.11 11.86
C GLY A 166 8.77 5.66 12.27
N PRO A 167 9.43 4.76 11.52
CA PRO A 167 9.36 3.33 11.84
C PRO A 167 9.74 2.98 13.27
N ASN A 168 10.68 3.73 13.87
CA ASN A 168 11.07 3.46 15.26
C ASN A 168 10.01 3.94 16.24
N ILE A 169 9.40 5.10 15.97
CA ILE A 169 8.39 5.63 16.88
C ILE A 169 7.15 4.74 16.86
N ASP A 170 6.65 4.41 15.67
CA ASP A 170 5.46 3.56 15.57
C ASP A 170 5.73 2.12 15.93
N ALA A 171 7.01 1.72 16.04
CA ALA A 171 7.32 0.36 16.47
C ALA A 171 6.90 0.13 17.91
N HIS A 172 6.95 1.16 18.75
CA HIS A 172 6.47 1.03 20.13
C HIS A 172 4.96 0.84 20.13
N ASP A 173 4.46 0.23 21.21
CA ASP A 173 3.03 -0.04 21.34
C ASP A 173 2.29 1.07 22.07
N TYR A 174 3.00 2.05 22.63
CA TYR A 174 2.39 3.23 23.21
C TYR A 174 3.25 4.43 22.87
N VAL A 175 2.64 5.45 22.27
CA VAL A 175 3.35 6.65 21.83
C VAL A 175 2.78 7.86 22.57
N PHE A 176 3.66 8.62 23.21
CA PHE A 176 3.30 9.82 23.93
C PHE A 176 3.60 11.05 23.07
N ARG A 177 2.59 11.89 22.88
CA ARG A 177 2.73 13.14 22.15
C ARG A 177 2.19 14.29 23.00
N LEU A 178 2.62 15.51 22.69
CA LEU A 178 2.27 16.66 23.51
C LEU A 178 2.28 17.93 22.67
N ASN A 179 1.47 18.90 23.10
CA ASN A 179 1.43 20.27 22.56
C ASN A 179 1.21 20.21 21.05
N GLY A 180 1.99 20.93 20.24
CA GLY A 180 1.81 20.94 18.81
C GLY A 180 2.21 19.64 18.14
N ALA A 181 1.34 18.64 18.23
CA ALA A 181 1.61 17.32 17.65
C ALA A 181 1.25 17.34 16.16
N VAL A 182 2.09 18.01 15.38
CA VAL A 182 1.89 18.06 13.94
C VAL A 182 2.29 16.73 13.34
N ILE A 183 1.34 16.07 12.67
CA ILE A 183 1.55 14.76 12.08
C ILE A 183 1.51 14.82 10.56
N LYS A 184 0.51 15.50 10.00
CA LYS A 184 0.38 15.56 8.54
C LYS A 184 1.58 16.27 7.93
N GLY A 185 2.12 15.70 6.86
CA GLY A 185 3.29 16.23 6.20
C GLY A 185 4.60 15.89 6.87
N PHE A 186 4.57 15.24 8.05
CA PHE A 186 5.78 14.86 8.74
C PHE A 186 5.71 13.44 9.29
N GLU A 187 4.80 12.61 8.75
CA GLU A 187 4.60 11.27 9.28
C GLU A 187 5.83 10.39 9.11
N ARG A 188 6.58 10.57 8.03
CA ARG A 188 7.78 9.77 7.82
C ARG A 188 8.85 10.04 8.87
N ASP A 189 8.79 11.18 9.56
CA ASP A 189 9.79 11.53 10.57
C ASP A 189 9.33 11.27 11.99
N VAL A 190 8.05 11.53 12.31
CA VAL A 190 7.56 11.44 13.68
C VAL A 190 6.53 10.35 13.85
N GLY A 191 6.18 9.62 12.79
CA GLY A 191 5.21 8.55 12.92
C GLY A 191 3.77 9.04 12.91
N THR A 192 2.85 8.07 13.00
CA THR A 192 1.43 8.35 12.99
C THR A 192 0.67 7.80 14.19
N LYS A 193 1.25 6.89 14.97
CA LYS A 193 0.55 6.31 16.11
C LYS A 193 0.59 7.26 17.30
N THR A 194 -0.53 7.36 17.99
CA THR A 194 -0.65 8.21 19.18
C THR A 194 -1.55 7.51 20.18
N SER A 195 -1.04 7.28 21.39
CA SER A 195 -1.79 6.64 22.45
C SER A 195 -2.14 7.58 23.59
N PHE A 196 -1.31 8.59 23.84
CA PHE A 196 -1.54 9.58 24.87
C PHE A 196 -1.23 10.96 24.29
N TYR A 197 -1.92 11.97 24.82
CA TYR A 197 -1.68 13.36 24.40
C TYR A 197 -1.76 14.24 25.65
N GLY A 198 -0.60 14.61 26.19
CA GLY A 198 -0.55 15.50 27.31
C GLY A 198 -0.46 16.96 26.86
N PHE A 199 -1.08 17.84 27.65
CA PHE A 199 -1.21 19.23 27.23
C PHE A 199 -1.75 20.04 28.40
N THR A 200 -1.61 21.36 28.27
CA THR A 200 -2.40 22.32 29.03
C THR A 200 -3.38 22.97 28.06
N VAL A 201 -4.51 23.41 28.60
CA VAL A 201 -5.50 24.08 27.75
C VAL A 201 -4.92 25.34 27.15
N ASN A 202 -4.02 26.01 27.86
CA ASN A 202 -3.38 27.20 27.32
C ASN A 202 -2.52 26.86 26.12
N THR A 203 -1.59 25.91 26.27
CA THR A 203 -0.66 25.61 25.18
C THR A 203 -1.34 24.88 24.03
N MSE A 204 -2.41 24.14 24.30
CA MSE A 204 -3.13 23.43 23.25
C MSE A 204 -3.77 24.41 22.27
O MSE A 204 -3.63 24.26 21.05
CB MSE A 204 -4.21 22.52 23.85
CG MSE A 204 -5.12 21.87 22.80
SE MSE A 204 -6.66 20.92 23.52
CE MSE A 204 -7.45 22.36 24.57
N LYS A 205 -4.48 25.40 22.82
CA LYS A 205 -5.13 26.39 21.96
C LYS A 205 -4.11 27.30 21.29
N ASN A 206 -3.01 27.62 21.96
CA ASN A 206 -1.98 28.45 21.37
C ASN A 206 -1.33 27.76 20.17
N SER A 207 -1.14 26.45 20.26
CA SER A 207 -0.53 25.72 19.15
C SER A 207 -1.51 25.59 17.99
N LEU A 208 -2.81 25.52 18.28
CA LEU A 208 -3.82 25.46 17.23
C LEU A 208 -3.95 26.79 16.48
N VAL A 209 -3.48 27.89 17.07
CA VAL A 209 -3.53 29.19 16.42
C VAL A 209 -2.28 29.43 15.58
N SER A 210 -1.10 29.19 16.17
CA SER A 210 0.14 29.50 15.48
C SER A 210 0.53 28.44 14.46
N TYR A 211 0.19 27.18 14.71
CA TYR A 211 0.60 26.08 13.85
C TYR A 211 -0.55 25.55 12.99
N TRP A 212 -1.61 26.33 12.82
CA TRP A 212 -2.74 25.89 12.00
C TRP A 212 -2.32 25.76 10.53
N ASN A 213 -1.58 26.75 10.01
CA ASN A 213 -1.14 26.74 8.62
C ASN A 213 0.04 25.81 8.37
N LEU A 214 0.49 25.07 9.40
CA LEU A 214 1.58 24.12 9.24
C LEU A 214 1.12 22.67 9.36
N GLY A 215 -0.17 22.43 9.59
CA GLY A 215 -0.69 21.09 9.62
C GLY A 215 -1.55 20.80 10.85
N PHE A 216 -1.20 21.41 11.98
CA PHE A 216 -1.86 21.12 13.26
C PHE A 216 -3.24 21.78 13.26
N THR A 217 -4.18 21.15 12.56
CA THR A 217 -5.55 21.61 12.53
C THR A 217 -6.41 21.02 13.63
N SER A 218 -5.91 20.01 14.35
CA SER A 218 -6.62 19.39 15.46
C SER A 218 -5.65 18.53 16.23
N VAL A 219 -5.97 18.29 17.49
CA VAL A 219 -5.15 17.44 18.36
C VAL A 219 -5.31 16.00 17.87
N PRO A 220 -4.34 15.12 18.12
CA PRO A 220 -4.46 13.74 17.64
C PRO A 220 -5.60 13.01 18.34
N GLN A 221 -6.49 12.43 17.53
CA GLN A 221 -7.63 11.69 18.05
C GLN A 221 -7.50 10.22 17.66
N GLY A 222 -8.06 9.35 18.50
CA GLY A 222 -8.00 7.92 18.25
C GLY A 222 -9.07 7.18 19.01
N GLN A 223 -9.16 5.88 18.71
CA GLN A 223 -10.16 5.02 19.34
C GLN A 223 -9.89 4.89 20.84
N ASP A 224 -8.81 4.21 21.20
CA ASP A 224 -8.45 3.99 22.59
C ASP A 224 -7.44 5.00 23.11
N LEU A 225 -7.22 6.09 22.38
CA LEU A 225 -6.29 7.13 22.83
C LEU A 225 -6.87 7.89 24.00
N GLN A 226 -6.00 8.25 24.94
CA GLN A 226 -6.39 8.97 26.16
C GLN A 226 -5.64 10.29 26.25
N TYR A 227 -6.32 11.32 26.73
CA TYR A 227 -5.72 12.63 26.91
C TYR A 227 -5.34 12.83 28.37
N ILE A 228 -4.25 13.55 28.59
CA ILE A 228 -3.72 13.81 29.93
C ILE A 228 -3.73 15.32 30.15
N PHE A 229 -4.48 15.76 31.16
CA PHE A 229 -4.56 17.16 31.52
C PHE A 229 -3.49 17.51 32.55
N ILE A 230 -2.89 18.69 32.39
CA ILE A 230 -1.93 19.21 33.35
C ILE A 230 -2.65 20.29 34.18
N PRO A 231 -2.90 20.06 35.46
CA PRO A 231 -3.74 20.98 36.26
C PRO A 231 -3.01 22.27 36.64
N SER A 232 -2.65 23.05 35.63
CA SER A 232 -1.93 24.30 35.84
C SER A 232 -2.85 25.51 36.03
N ASP A 233 -4.14 25.37 35.77
CA ASP A 233 -5.07 26.49 35.84
C ASP A 233 -6.49 25.96 35.92
N ILE A 234 -7.42 26.85 36.30
CA ILE A 234 -8.83 26.47 36.32
C ILE A 234 -9.33 26.18 34.91
N ARG A 235 -8.68 26.74 33.89
CA ARG A 235 -9.04 26.39 32.51
C ARG A 235 -8.85 24.91 32.26
N ASP A 236 -7.89 24.28 32.94
CA ASP A 236 -7.68 22.86 32.79
C ASP A 236 -8.75 22.06 33.49
N TYR A 237 -9.15 22.49 34.69
CA TYR A 237 -10.19 21.77 35.43
C TYR A 237 -11.56 21.95 34.79
N VAL A 238 -11.89 23.17 34.35
CA VAL A 238 -13.18 23.40 33.73
C VAL A 238 -13.28 22.66 32.40
N MSE A 239 -12.18 22.60 31.65
CA MSE A 239 -12.16 21.86 30.39
C MSE A 239 -12.32 20.37 30.64
O MSE A 239 -13.03 19.68 29.90
CB MSE A 239 -10.86 22.12 29.63
CG MSE A 239 -10.86 21.57 28.23
SE MSE A 239 -12.16 22.47 27.11
CE MSE A 239 -12.39 21.13 25.71
N LEU A 240 -11.67 19.88 31.69
CA LEU A 240 -11.79 18.47 32.05
C LEU A 240 -13.22 18.13 32.45
N ARG A 241 -13.89 19.04 33.16
CA ARG A 241 -15.28 18.78 33.56
C ARG A 241 -16.20 18.77 32.35
N SER A 242 -16.03 19.72 31.44
CA SER A 242 -16.90 19.80 30.27
C SER A 242 -16.60 18.69 29.27
N ALA A 243 -15.36 18.17 29.27
CA ALA A 243 -15.01 17.12 28.31
C ALA A 243 -15.73 15.81 28.62
N ILE A 244 -15.92 15.50 29.90
CA ILE A 244 -16.60 14.27 30.26
C ILE A 244 -18.12 14.43 30.13
N LEU A 245 -18.65 15.56 30.59
CA LEU A 245 -20.09 15.77 30.53
C LEU A 245 -20.58 15.91 29.09
N GLY A 246 -19.74 16.44 28.19
CA GLY A 246 -20.15 16.70 26.84
C GLY A 246 -20.72 18.08 26.60
N VAL A 247 -21.24 18.72 27.64
CA VAL A 247 -21.74 20.10 27.51
C VAL A 247 -20.58 21.02 27.17
N PRO A 248 -20.74 21.99 26.27
CA PRO A 248 -19.65 22.95 26.03
C PRO A 248 -19.28 23.70 27.30
N VAL A 249 -18.02 24.10 27.37
CA VAL A 249 -17.46 24.75 28.56
C VAL A 249 -18.25 26.02 28.84
N PRO A 250 -18.96 26.09 29.97
CA PRO A 250 -19.91 27.18 30.21
C PRO A 250 -19.35 28.37 30.98
N GLU A 251 -18.05 28.43 31.24
CA GLU A 251 -17.50 29.51 32.04
C GLU A 251 -16.00 29.58 31.81
N GLY A 252 -15.41 30.68 32.25
CA GLY A 252 -13.97 30.86 32.16
C GLY A 252 -13.53 31.52 30.87
N LEU A 253 -12.22 31.55 30.70
CA LEU A 253 -11.61 32.16 29.52
C LEU A 253 -12.01 31.44 28.24
N ASP A 254 -12.40 30.16 28.34
CA ASP A 254 -12.68 29.33 27.17
C ASP A 254 -14.18 29.12 26.97
N LYS A 255 -15.02 29.99 27.51
CA LYS A 255 -16.46 29.83 27.41
C LYS A 255 -16.90 29.72 25.95
N GLY A 256 -17.55 28.61 25.61
CA GLY A 256 -18.15 28.42 24.30
C GLY A 256 -17.54 27.30 23.48
N ASP A 257 -16.39 26.79 23.88
CA ASP A 257 -15.70 25.76 23.12
C ASP A 257 -16.39 24.41 23.26
N ARG A 258 -16.49 23.69 22.15
CA ARG A 258 -17.08 22.36 22.14
C ARG A 258 -16.00 21.34 22.51
N PRO A 259 -16.16 20.58 23.59
CA PRO A 259 -15.16 19.55 23.90
C PRO A 259 -15.06 18.49 22.82
N HIS A 260 -16.15 18.20 22.12
CA HIS A 260 -16.12 17.22 21.05
C HIS A 260 -15.29 17.70 19.86
N ALA A 261 -15.14 19.02 19.69
CA ALA A 261 -14.34 19.53 18.58
C ALA A 261 -12.87 19.21 18.76
N TYR A 262 -12.40 19.14 20.01
CA TYR A 262 -11.01 18.80 20.28
C TYR A 262 -10.81 17.30 20.38
N PHE A 263 -11.53 16.65 21.28
CA PHE A 263 -11.21 15.29 21.70
C PHE A 263 -12.01 14.21 20.99
N GLY A 264 -13.19 14.53 20.47
CA GLY A 264 -13.97 13.57 19.73
C GLY A 264 -15.36 13.34 20.30
N PRO A 265 -16.05 12.34 19.75
CA PRO A 265 -17.45 12.09 20.12
C PRO A 265 -17.62 11.46 21.50
N GLU A 266 -16.72 10.53 21.84
CA GLU A 266 -16.81 9.83 23.12
C GLU A 266 -16.52 10.78 24.27
N ALA A 267 -17.40 10.76 25.27
CA ALA A 267 -17.28 11.63 26.44
C ALA A 267 -17.45 10.80 27.72
N SER A 268 -16.49 9.91 27.95
CA SER A 268 -16.48 9.07 29.14
C SER A 268 -15.25 9.39 29.98
N ALA A 269 -15.32 9.04 31.26
CA ALA A 269 -14.19 9.29 32.17
C ALA A 269 -12.99 8.42 31.83
N SER A 270 -13.18 7.35 31.05
CA SER A 270 -12.07 6.52 30.60
C SER A 270 -11.27 7.16 29.48
N LYS A 271 -11.69 8.32 28.99
CA LYS A 271 -11.03 9.01 27.90
C LYS A 271 -10.09 10.12 28.36
N PHE A 272 -10.33 10.69 29.54
CA PHE A 272 -9.60 11.85 30.03
C PHE A 272 -8.98 11.54 31.38
N LYS A 273 -7.69 11.84 31.51
CA LYS A 273 -6.95 11.63 32.74
C LYS A 273 -6.35 12.95 33.21
N LEU A 274 -6.07 13.02 34.52
CA LEU A 274 -5.53 14.22 35.14
C LEU A 274 -4.26 13.88 35.89
N LEU A 275 -3.21 14.66 35.66
CA LEU A 275 -1.94 14.45 36.34
C LEU A 275 -2.02 14.97 37.77
N HIS A 276 -1.41 14.24 38.70
CA HIS A 276 -1.54 14.57 40.11
C HIS A 276 -0.65 15.77 40.46
N PRO A 277 -1.21 16.80 41.11
CA PRO A 277 -0.36 17.92 41.54
C PRO A 277 0.78 17.51 42.46
N ASP A 278 0.60 16.48 43.29
CA ASP A 278 1.71 16.03 44.12
C ASP A 278 2.78 15.32 43.30
N PHE A 279 2.41 14.75 42.15
CA PHE A 279 3.39 14.13 41.28
C PHE A 279 4.25 15.19 40.60
N ILE A 280 3.66 16.33 40.24
CA ILE A 280 4.43 17.41 39.63
C ILE A 280 5.35 18.05 40.65
N SER A 281 4.90 18.18 41.90
CA SER A 281 5.77 18.70 42.95
C SER A 281 6.94 17.75 43.20
N TYR A 282 6.67 16.43 43.15
CA TYR A 282 7.73 15.45 43.35
C TYR A 282 8.74 15.49 42.21
N LEU A 283 8.30 15.75 40.98
CA LEU A 283 9.24 15.88 39.87
C LEU A 283 10.07 17.14 40.00
N THR A 284 9.43 18.27 40.35
CA THR A 284 10.17 19.52 40.50
C THR A 284 11.07 19.50 41.74
N GLU A 285 10.88 18.54 42.64
CA GLU A 285 11.70 18.51 43.84
C GLU A 285 12.87 17.55 43.71
N ARG A 286 12.68 16.41 43.06
CA ARG A 286 13.69 15.37 42.98
C ARG A 286 14.51 15.43 41.70
N PHE A 287 13.87 15.73 40.56
CA PHE A 287 14.51 15.60 39.25
C PHE A 287 14.86 16.93 38.60
N LEU A 288 14.02 17.96 38.73
CA LEU A 288 14.22 19.22 38.01
C LEU A 288 13.99 20.43 38.92
N LYS A 289 14.81 20.56 39.97
CA LYS A 289 14.79 21.74 40.82
C LYS A 289 15.91 22.66 40.36
N SER A 290 15.53 23.73 39.65
CA SER A 290 16.50 24.65 39.09
C SER A 290 16.79 25.77 40.08
N LYS A 291 17.62 26.73 39.65
CA LYS A 291 17.87 27.94 40.41
C LYS A 291 16.90 29.06 40.03
N LEU A 292 15.99 28.80 39.10
CA LEU A 292 15.03 29.80 38.62
C LEU A 292 13.78 29.87 39.49
N ILE A 293 13.92 29.83 40.81
CA ILE A 293 12.76 29.84 41.70
C ILE A 293 12.60 31.23 42.33
N ASN A 294 11.78 32.08 41.70
CA ASN A 294 11.53 33.44 42.19
C ASN A 294 10.15 33.47 42.84
N THR A 295 10.07 32.91 44.04
CA THR A 295 8.83 32.88 44.81
C THR A 295 8.74 33.96 45.87
N HIS A 296 9.84 34.67 46.13
CA HIS A 296 9.84 35.70 47.17
C HIS A 296 8.82 36.79 46.85
N PHE A 297 8.71 37.17 45.58
CA PHE A 297 7.76 38.20 45.16
C PHE A 297 7.39 38.03 43.69
N LEU A 300 6.12 32.02 38.82
CA LEU A 300 6.36 30.63 39.19
C LEU A 300 7.21 29.93 38.16
N TYR A 301 7.52 28.65 38.43
CA TYR A 301 8.36 27.85 37.54
C TYR A 301 7.87 26.41 37.56
N MSE A 302 7.67 25.84 36.37
CA MSE A 302 7.25 24.46 36.24
C MSE A 302 7.98 23.80 35.08
O MSE A 302 8.32 24.47 34.10
CB MSE A 302 5.73 24.36 36.05
CG MSE A 302 5.22 24.97 34.76
SE MSE A 302 3.28 24.82 34.57
CE MSE A 302 3.12 25.44 32.72
N PRO A 303 8.25 22.50 35.19
CA PRO A 303 8.90 21.78 34.09
C PRO A 303 8.06 21.82 32.82
N SER A 304 8.74 21.64 31.69
CA SER A 304 8.06 21.66 30.40
C SER A 304 7.08 20.49 30.30
N THR A 305 6.08 20.65 29.42
CA THR A 305 5.09 19.60 29.23
C THR A 305 5.75 18.31 28.73
N GLY A 306 6.69 18.42 27.80
CA GLY A 306 7.41 17.24 27.35
C GLY A 306 8.18 16.56 28.47
N ALA A 307 8.78 17.35 29.35
CA ALA A 307 9.47 16.77 30.51
C ALA A 307 8.48 16.08 31.43
N LEU A 308 7.27 16.64 31.56
CA LEU A 308 6.24 15.99 32.36
C LEU A 308 5.77 14.69 31.73
N MSE A 309 5.78 14.61 30.40
CA MSE A 309 5.35 13.40 29.71
C MSE A 309 6.43 12.33 29.73
O MSE A 309 6.14 11.14 29.88
CB MSE A 309 4.95 13.72 28.27
CG MSE A 309 3.76 14.66 28.18
SE MSE A 309 2.21 13.97 29.14
CE MSE A 309 1.68 12.58 27.89
N LEU A 310 7.68 12.75 29.57
CA LEU A 310 8.79 11.79 29.59
C LEU A 310 8.91 11.15 30.98
N LEU A 311 8.74 11.94 32.04
CA LEU A 311 8.85 11.41 33.39
C LEU A 311 7.61 10.63 33.79
N THR A 312 6.43 11.02 33.29
CA THR A 312 5.23 10.23 33.54
C THR A 312 5.35 8.85 32.90
N ALA A 313 5.84 8.79 31.67
CA ALA A 313 6.11 7.50 31.05
C ALA A 313 7.24 6.77 31.74
N LEU A 314 8.20 7.51 32.31
CA LEU A 314 9.29 6.88 33.04
C LEU A 314 8.80 6.16 34.29
N HIS A 315 7.64 6.52 34.81
CA HIS A 315 7.09 5.88 36.00
C HIS A 315 6.04 4.82 35.70
N THR A 316 5.44 4.85 34.51
CA THR A 316 4.33 3.96 34.19
C THR A 316 4.67 2.92 33.13
N CYS A 317 5.83 3.00 32.49
CA CYS A 317 6.21 2.10 31.41
C CYS A 317 7.34 1.19 31.86
N ASP A 318 7.56 0.13 31.07
CA ASP A 318 8.66 -0.80 31.26
C ASP A 318 9.83 -0.53 30.31
N GLN A 319 9.70 0.48 29.46
CA GLN A 319 10.74 0.91 28.53
C GLN A 319 10.27 2.16 27.81
N VAL A 320 11.10 3.19 27.77
CA VAL A 320 10.72 4.47 27.17
C VAL A 320 11.83 4.95 26.25
N SER A 321 11.44 5.48 25.09
CA SER A 321 12.37 6.07 24.13
C SER A 321 11.93 7.50 23.85
N ALA A 322 12.85 8.45 24.02
CA ALA A 322 12.56 9.86 23.81
C ALA A 322 12.97 10.28 22.40
N TYR A 323 12.06 10.93 21.68
CA TYR A 323 12.34 11.44 20.35
C TYR A 323 12.00 12.91 20.31
N GLY A 324 12.90 13.71 19.73
CA GLY A 324 12.65 15.12 19.57
C GLY A 324 12.73 15.94 20.84
N PHE A 325 13.58 15.51 21.78
CA PHE A 325 13.78 16.24 23.03
C PHE A 325 15.05 17.08 22.96
N ILE A 326 15.17 18.00 23.92
CA ILE A 326 16.27 18.95 23.92
C ILE A 326 17.58 18.21 24.18
N THR A 327 18.55 18.42 23.31
CA THR A 327 19.85 17.77 23.39
C THR A 327 20.95 18.83 23.40
N SER A 328 22.21 18.37 23.41
CA SER A 328 23.32 19.31 23.43
C SER A 328 23.47 20.04 22.09
N ASN A 329 23.29 19.32 20.99
CA ASN A 329 23.40 19.90 19.65
C ASN A 329 22.05 20.38 19.15
N TYR A 330 21.32 21.08 20.03
CA TYR A 330 20.03 21.67 19.65
C TYR A 330 20.21 22.70 18.54
N TRP A 331 21.32 23.45 18.57
CA TRP A 331 21.52 24.56 17.65
C TRP A 331 21.60 24.11 16.20
N LYS A 332 21.91 22.83 15.95
CA LYS A 332 22.03 22.35 14.58
C LYS A 332 20.69 22.29 13.86
N PHE A 333 19.58 22.35 14.58
CA PHE A 333 18.27 22.09 13.99
C PHE A 333 17.31 23.23 14.32
N SER A 334 16.17 23.22 13.64
CA SER A 334 15.15 24.22 13.87
C SER A 334 14.50 24.04 15.24
N ASP A 335 13.64 24.98 15.61
CA ASP A 335 13.01 24.92 16.92
C ASP A 335 11.99 23.78 16.97
N HIS A 336 11.26 23.56 15.89
CA HIS A 336 10.32 22.45 15.79
C HIS A 336 10.55 21.73 14.46
N TYR A 337 10.12 20.48 14.40
CA TYR A 337 10.31 19.73 13.16
C TYR A 337 9.36 20.15 12.06
N PHE A 338 8.46 21.11 12.33
CA PHE A 338 7.54 21.63 11.34
C PHE A 338 7.73 23.12 11.04
N GLU A 339 8.60 23.80 11.78
CA GLU A 339 8.81 25.23 11.59
C GLU A 339 10.27 25.60 11.78
N ALA A 349 5.77 30.35 30.59
CA ALA A 349 6.90 29.90 29.77
C ALA A 349 8.21 30.04 30.51
N ASN A 350 8.23 29.60 31.77
CA ASN A 350 9.42 29.67 32.63
C ASN A 350 9.91 28.25 32.87
N HIS A 351 10.90 27.82 32.08
CA HIS A 351 11.44 26.48 32.16
C HIS A 351 12.95 26.55 32.10
N ASP A 352 13.59 25.44 32.46
CA ASP A 352 15.06 25.31 32.44
C ASP A 352 15.40 24.26 31.38
N LEU A 353 15.62 24.72 30.15
CA LEU A 353 15.91 23.81 29.05
C LEU A 353 17.24 23.08 29.26
N SER A 354 18.24 23.80 29.79
CA SER A 354 19.55 23.16 30.00
C SER A 354 19.49 22.10 31.07
N LEU A 355 18.68 22.30 32.11
CA LEU A 355 18.54 21.28 33.15
C LEU A 355 17.86 20.04 32.60
N GLU A 356 16.74 20.23 31.88
CA GLU A 356 16.06 19.09 31.27
C GLU A 356 16.98 18.38 30.28
N ALA A 357 17.72 19.14 29.47
CA ALA A 357 18.65 18.52 28.53
C ALA A 357 19.70 17.70 29.26
N ALA A 358 20.25 18.23 30.34
CA ALA A 358 21.19 17.47 31.16
C ALA A 358 20.51 16.30 31.85
N LEU A 359 19.23 16.45 32.22
CA LEU A 359 18.50 15.34 32.82
C LEU A 359 18.43 14.17 31.86
N TRP A 360 18.07 14.43 30.59
CA TRP A 360 18.00 13.35 29.62
C TRP A 360 19.37 12.77 29.30
N ARG A 361 20.45 13.54 29.51
CA ARG A 361 21.79 13.01 29.32
C ARG A 361 22.14 12.00 30.42
N ASP A 362 22.05 12.41 31.67
CA ASP A 362 22.39 11.51 32.77
C ASP A 362 21.43 10.33 32.82
N LEU A 363 20.15 10.54 32.47
CA LEU A 363 19.21 9.44 32.41
C LEU A 363 19.52 8.48 31.27
N HIS A 364 20.21 8.97 30.23
CA HIS A 364 20.60 8.11 29.11
C HIS A 364 21.87 7.31 29.41
N LYS A 365 22.78 7.88 30.20
CA LYS A 365 24.01 7.17 30.55
C LYS A 365 23.73 6.00 31.49
N ALA A 366 22.68 6.10 32.32
CA ALA A 366 22.35 5.08 33.29
C ALA A 366 21.57 3.91 32.69
N GLY A 367 21.26 3.94 31.39
CA GLY A 367 20.47 2.91 30.78
C GLY A 367 18.99 2.98 31.10
N ILE A 368 18.53 4.07 31.72
CA ILE A 368 17.12 4.19 32.05
C ILE A 368 16.32 4.78 30.88
N LEU A 369 16.95 5.61 30.06
CA LEU A 369 16.27 6.29 28.97
C LEU A 369 16.99 6.02 27.66
N GLN A 370 16.22 5.75 26.60
CA GLN A 370 16.76 5.60 25.25
C GLN A 370 16.58 6.93 24.51
N LEU A 371 17.47 7.86 24.82
CA LEU A 371 17.40 9.20 24.24
C LEU A 371 17.93 9.18 22.81
N TYR A 372 17.14 9.75 21.89
CA TYR A 372 17.53 9.83 20.49
C TYR A 372 18.36 11.07 20.25
N GLN A 373 19.51 10.90 19.60
CA GLN A 373 20.41 12.01 19.29
C GLN A 373 20.95 11.81 17.88
N ARG A 374 21.62 12.85 17.37
CA ARG A 374 22.34 12.76 16.10
C ARG A 374 23.23 13.98 15.92
N CYS B 66 -35.84 -22.08 -10.22
CA CYS B 66 -36.00 -20.63 -10.15
C CYS B 66 -35.86 -19.99 -11.53
N ARG B 67 -34.93 -20.50 -12.33
CA ARG B 67 -34.57 -19.87 -13.59
C ARG B 67 -35.65 -20.01 -14.67
N HIS B 68 -36.71 -20.78 -14.42
CA HIS B 68 -37.71 -21.01 -15.45
C HIS B 68 -38.58 -19.80 -15.73
N LEU B 69 -38.58 -18.79 -14.85
CA LEU B 69 -39.42 -17.61 -15.09
C LEU B 69 -38.97 -16.85 -16.33
N LEU B 70 -37.67 -16.89 -16.64
CA LEU B 70 -37.19 -16.34 -17.91
C LEU B 70 -37.45 -17.29 -19.06
N HIS B 71 -37.24 -18.59 -18.84
CA HIS B 71 -37.47 -19.57 -19.90
C HIS B 71 -38.96 -19.69 -20.22
N LEU B 72 -39.82 -19.59 -19.20
CA LEU B 72 -41.25 -19.63 -19.45
C LEU B 72 -41.71 -18.40 -20.23
N ALA B 73 -41.10 -17.25 -19.96
CA ALA B 73 -41.41 -16.06 -20.75
C ALA B 73 -41.03 -16.24 -22.21
N ILE B 74 -40.02 -17.07 -22.48
CA ILE B 74 -39.72 -17.44 -23.86
C ILE B 74 -40.76 -18.43 -24.37
N GLN B 75 -41.27 -19.30 -23.50
CA GLN B 75 -42.28 -20.28 -23.91
C GLN B 75 -43.66 -19.66 -24.04
N ARG B 76 -43.96 -18.61 -23.25
CA ARG B 76 -45.27 -17.97 -23.33
C ARG B 76 -45.51 -17.30 -24.67
N HIS B 77 -44.45 -16.92 -25.39
CA HIS B 77 -44.59 -16.27 -26.69
C HIS B 77 -44.09 -17.19 -27.77
N PRO B 78 -44.91 -17.53 -28.78
CA PRO B 78 -44.47 -18.48 -29.80
C PRO B 78 -43.45 -17.93 -30.77
N HIS B 79 -43.27 -16.61 -30.84
CA HIS B 79 -42.30 -16.03 -31.76
C HIS B 79 -40.88 -16.40 -31.37
N PHE B 80 -40.49 -16.08 -30.14
CA PHE B 80 -39.14 -16.40 -29.68
C PHE B 80 -38.99 -17.87 -29.28
N ARG B 81 -40.10 -18.57 -29.03
CA ARG B 81 -40.03 -19.99 -28.73
C ARG B 81 -39.48 -20.78 -29.90
N GLY B 82 -39.76 -20.33 -31.13
CA GLY B 82 -39.19 -20.96 -32.31
C GLY B 82 -37.97 -20.20 -32.80
N LEU B 83 -37.32 -19.49 -31.91
CA LEU B 83 -36.15 -18.69 -32.24
C LEU B 83 -34.96 -18.97 -31.32
N PHE B 84 -35.20 -19.18 -30.02
CA PHE B 84 -34.13 -19.47 -29.08
C PHE B 84 -33.78 -20.96 -29.16
N ASN B 85 -32.54 -21.25 -29.51
CA ASN B 85 -31.98 -22.60 -29.48
C ASN B 85 -30.97 -22.64 -28.34
N LEU B 86 -31.45 -23.00 -27.14
CA LEU B 86 -30.62 -23.03 -25.94
C LEU B 86 -29.72 -24.26 -25.88
N SER B 87 -29.27 -24.74 -27.04
CA SER B 87 -28.36 -25.87 -27.11
C SER B 87 -27.15 -25.64 -27.98
N ILE B 88 -27.18 -24.69 -28.90
CA ILE B 88 -26.01 -24.38 -29.72
C ILE B 88 -24.93 -23.78 -28.82
N PRO B 89 -23.67 -24.20 -28.95
CA PRO B 89 -22.62 -23.67 -28.07
C PRO B 89 -22.45 -22.17 -28.21
N VAL B 90 -22.19 -21.53 -27.07
CA VAL B 90 -21.94 -20.10 -27.02
C VAL B 90 -20.45 -19.79 -27.11
N LEU B 91 -19.61 -20.62 -26.51
CA LEU B 91 -18.17 -20.39 -26.48
C LEU B 91 -17.43 -21.46 -27.27
N LEU B 92 -16.36 -21.06 -27.94
CA LEU B 92 -15.48 -22.00 -28.65
C LEU B 92 -14.28 -22.32 -27.78
N TRP B 93 -13.87 -23.58 -27.79
CA TRP B 93 -12.76 -24.01 -26.95
C TRP B 93 -12.12 -25.24 -27.58
N GLY B 94 -11.36 -25.99 -26.78
CA GLY B 94 -10.52 -27.04 -27.33
C GLY B 94 -11.30 -28.23 -27.86
N ASP B 95 -12.19 -28.78 -27.04
CA ASP B 95 -12.91 -30.00 -27.42
C ASP B 95 -13.92 -29.77 -28.53
N LEU B 96 -13.98 -28.59 -29.15
CA LEU B 96 -14.83 -28.35 -30.30
C LEU B 96 -14.04 -28.19 -31.60
N PHE B 97 -12.72 -28.02 -31.51
CA PHE B 97 -11.87 -27.80 -32.69
C PHE B 97 -11.55 -29.15 -33.31
N THR B 98 -12.36 -29.55 -34.28
CA THR B 98 -12.20 -30.78 -35.03
C THR B 98 -11.90 -30.45 -36.49
N PRO B 99 -11.33 -31.40 -37.24
CA PRO B 99 -11.17 -31.16 -38.68
C PRO B 99 -12.48 -30.79 -39.38
N ALA B 100 -13.61 -31.31 -38.90
CA ALA B 100 -14.90 -30.95 -39.49
C ALA B 100 -15.22 -29.48 -39.26
N LEU B 101 -14.98 -28.98 -38.04
CA LEU B 101 -15.26 -27.57 -37.76
C LEU B 101 -14.31 -26.66 -38.52
N TRP B 102 -13.02 -27.02 -38.55
CA TRP B 102 -12.07 -26.21 -39.30
C TRP B 102 -12.41 -26.17 -40.79
N ASP B 103 -12.98 -27.26 -41.32
CA ASP B 103 -13.31 -27.30 -42.74
C ASP B 103 -14.47 -26.36 -43.06
N ARG B 104 -15.54 -26.39 -42.25
CA ARG B 104 -16.72 -25.59 -42.55
C ARG B 104 -16.45 -24.10 -42.31
N LEU B 105 -15.89 -23.77 -41.14
CA LEU B 105 -15.61 -22.37 -40.83
C LEU B 105 -14.53 -21.77 -41.71
N SER B 106 -13.82 -22.58 -42.49
CA SER B 106 -12.88 -22.06 -43.48
C SER B 106 -13.58 -21.58 -44.74
N GLN B 107 -14.91 -21.72 -44.81
CA GLN B 107 -15.69 -21.22 -45.93
C GLN B 107 -16.31 -19.86 -45.64
N HIS B 108 -16.08 -19.30 -44.46
CA HIS B 108 -16.68 -18.04 -44.05
C HIS B 108 -15.59 -17.13 -43.48
N LYS B 109 -15.60 -15.87 -43.90
CA LYS B 109 -14.75 -14.85 -43.30
C LYS B 109 -15.51 -14.27 -42.10
N ALA B 110 -15.11 -13.08 -41.64
CA ALA B 110 -15.84 -12.35 -40.60
C ALA B 110 -15.84 -13.15 -39.30
N PRO B 111 -16.53 -12.70 -38.23
CA PRO B 111 -16.61 -13.54 -37.03
C PRO B 111 -17.48 -14.78 -37.19
N TYR B 112 -17.94 -15.05 -38.42
CA TYR B 112 -18.74 -16.24 -38.69
C TYR B 112 -17.88 -17.45 -39.05
N GLY B 113 -16.62 -17.24 -39.35
CA GLY B 113 -15.71 -18.33 -39.66
C GLY B 113 -14.29 -17.86 -39.58
N TRP B 114 -13.41 -18.51 -40.34
CA TRP B 114 -12.00 -18.14 -40.37
C TRP B 114 -11.41 -18.48 -41.74
N ARG B 115 -12.11 -18.08 -42.80
CA ARG B 115 -11.59 -18.26 -44.15
C ARG B 115 -10.37 -17.39 -44.36
N GLY B 116 -9.33 -17.97 -44.97
CA GLY B 116 -8.09 -17.25 -45.17
C GLY B 116 -7.23 -17.07 -43.94
N LEU B 117 -7.66 -17.58 -42.80
CA LEU B 117 -6.88 -17.51 -41.58
C LEU B 117 -5.98 -18.74 -41.45
N SER B 118 -4.84 -18.55 -40.80
CA SER B 118 -3.83 -19.59 -40.69
C SER B 118 -4.26 -20.69 -39.71
N HIS B 119 -3.99 -21.94 -40.09
CA HIS B 119 -4.27 -23.05 -39.19
C HIS B 119 -3.31 -23.08 -38.01
N GLN B 120 -2.07 -22.63 -38.22
CA GLN B 120 -1.10 -22.59 -37.12
C GLN B 120 -1.51 -21.58 -36.05
N VAL B 121 -2.12 -20.47 -36.46
CA VAL B 121 -2.48 -19.43 -35.50
C VAL B 121 -3.71 -19.85 -34.71
N ILE B 122 -4.66 -20.52 -35.34
CA ILE B 122 -5.92 -20.88 -34.69
C ILE B 122 -5.79 -22.16 -33.88
N ALA B 123 -5.12 -23.18 -34.42
CA ALA B 123 -4.99 -24.44 -33.68
C ALA B 123 -4.16 -24.26 -32.42
N SER B 124 -3.24 -23.29 -32.42
CA SER B 124 -2.40 -23.05 -31.24
C SER B 124 -3.15 -22.29 -30.16
N THR B 125 -3.94 -21.28 -30.55
CA THR B 125 -4.69 -20.53 -29.56
C THR B 125 -5.88 -21.32 -29.02
N LEU B 126 -6.47 -22.20 -29.85
CA LEU B 126 -7.58 -23.02 -29.38
C LEU B 126 -7.09 -24.17 -28.52
N SER B 127 -5.85 -24.62 -28.72
CA SER B 127 -5.29 -25.66 -27.86
C SER B 127 -5.04 -25.13 -26.45
N LEU B 128 -4.79 -23.83 -26.31
CA LEU B 128 -4.66 -23.24 -24.99
C LEU B 128 -6.00 -23.20 -24.23
N LEU B 129 -7.11 -23.29 -24.96
CA LEU B 129 -8.44 -23.33 -24.37
C LEU B 129 -8.92 -24.76 -24.13
N ASN B 130 -8.01 -25.71 -23.94
CA ASN B 130 -8.39 -27.10 -23.71
C ASN B 130 -8.98 -27.33 -22.33
N GLY B 131 -8.92 -26.34 -21.45
CA GLY B 131 -9.53 -26.50 -20.13
C GLY B 131 -11.04 -26.62 -20.24
N SER B 132 -11.60 -27.51 -19.41
CA SER B 132 -13.04 -27.73 -19.43
C SER B 132 -13.81 -26.49 -18.98
N GLU B 133 -13.17 -25.59 -18.24
CA GLU B 133 -13.84 -24.39 -17.76
C GLU B 133 -14.11 -23.41 -18.90
N SER B 134 -13.30 -23.45 -19.96
CA SER B 134 -13.49 -22.52 -21.08
C SER B 134 -14.73 -22.80 -21.89
N ALA B 135 -15.47 -23.88 -21.59
CA ALA B 135 -16.64 -24.22 -22.38
C ALA B 135 -17.82 -23.31 -22.07
N LYS B 136 -17.97 -22.92 -20.81
CA LYS B 136 -19.11 -22.15 -20.34
C LYS B 136 -18.63 -20.85 -19.69
N LEU B 137 -19.59 -19.96 -19.42
CA LEU B 137 -19.31 -18.67 -18.80
C LEU B 137 -19.45 -18.72 -17.28
N PHE B 138 -20.53 -19.31 -16.78
CA PHE B 138 -20.81 -19.35 -15.35
C PHE B 138 -20.44 -20.68 -14.72
N ALA B 139 -19.25 -21.20 -15.07
CA ALA B 139 -18.66 -22.48 -14.66
C ALA B 139 -19.33 -23.10 -13.45
N PRO B 140 -20.41 -23.89 -13.64
CA PRO B 140 -21.16 -24.49 -12.55
C PRO B 140 -20.40 -25.58 -11.82
N CYS B 148 -30.04 -19.27 -9.27
CA CYS B 148 -30.59 -18.27 -10.17
C CYS B 148 -29.56 -17.18 -10.46
N ILE B 149 -29.51 -16.75 -11.72
CA ILE B 149 -28.47 -15.84 -12.20
C ILE B 149 -29.13 -14.61 -12.80
N ARG B 150 -28.94 -13.45 -12.16
CA ARG B 150 -29.44 -12.18 -12.66
C ARG B 150 -28.28 -11.38 -13.24
N CYS B 151 -28.46 -10.88 -14.47
CA CYS B 151 -27.39 -10.22 -15.19
C CYS B 151 -27.83 -8.83 -15.63
N ALA B 152 -26.84 -7.97 -15.86
CA ALA B 152 -27.07 -6.60 -16.31
C ALA B 152 -26.05 -6.28 -17.41
N VAL B 153 -26.54 -6.11 -18.63
CA VAL B 153 -25.69 -5.72 -19.75
C VAL B 153 -25.74 -4.19 -19.87
N VAL B 154 -24.57 -3.55 -19.75
CA VAL B 154 -24.49 -2.09 -19.71
C VAL B 154 -23.95 -1.63 -21.06
N GLY B 155 -24.84 -1.09 -21.89
CA GLY B 155 -24.40 -0.42 -23.09
C GLY B 155 -23.88 0.98 -22.80
N ASN B 156 -23.14 1.52 -23.76
CA ASN B 156 -22.49 2.82 -23.61
C ASN B 156 -23.28 3.95 -24.25
N GLY B 157 -24.61 3.84 -24.28
CA GLY B 157 -25.42 4.88 -24.88
C GLY B 157 -25.49 6.12 -24.01
N GLY B 158 -25.93 7.22 -24.63
CA GLY B 158 -26.07 8.47 -23.92
C GLY B 158 -27.24 8.54 -22.97
N ILE B 159 -28.17 7.58 -23.04
CA ILE B 159 -29.33 7.58 -22.18
C ILE B 159 -28.94 7.39 -20.71
N LEU B 160 -27.75 6.85 -20.45
CA LEU B 160 -27.31 6.62 -19.08
C LEU B 160 -26.76 7.87 -18.40
N ASN B 161 -26.53 8.95 -19.15
CA ASN B 161 -26.02 10.17 -18.53
C ASN B 161 -27.14 10.85 -17.75
N GLY B 162 -26.96 10.93 -16.43
CA GLY B 162 -27.97 11.48 -15.56
C GLY B 162 -29.05 10.51 -15.14
N SER B 163 -29.08 9.31 -15.72
CA SER B 163 -30.09 8.32 -15.34
C SER B 163 -29.90 7.85 -13.91
N ARG B 164 -28.66 7.89 -13.40
CA ARG B 164 -28.34 7.47 -12.04
C ARG B 164 -28.81 6.05 -11.78
N GLN B 165 -28.64 5.17 -12.77
CA GLN B 165 -28.98 3.76 -12.65
C GLN B 165 -27.86 2.94 -12.04
N GLY B 166 -26.95 3.57 -11.32
CA GLY B 166 -25.86 2.90 -10.66
C GLY B 166 -26.31 1.81 -9.71
N PRO B 167 -27.09 2.16 -8.68
CA PRO B 167 -27.54 1.14 -7.72
C PRO B 167 -28.25 -0.04 -8.36
N ASN B 168 -29.07 0.21 -9.39
CA ASN B 168 -29.76 -0.88 -10.06
C ASN B 168 -28.78 -1.78 -10.80
N ILE B 169 -27.79 -1.19 -11.47
CA ILE B 169 -26.81 -1.97 -12.20
C ILE B 169 -25.96 -2.82 -11.26
N ASP B 170 -25.45 -2.20 -10.19
CA ASP B 170 -24.65 -2.94 -9.23
C ASP B 170 -25.48 -3.88 -8.38
N ALA B 171 -26.81 -3.71 -8.35
CA ALA B 171 -27.65 -4.64 -7.61
C ALA B 171 -27.58 -6.05 -8.20
N HIS B 172 -27.34 -6.15 -9.50
CA HIS B 172 -27.19 -7.45 -10.13
C HIS B 172 -25.91 -8.13 -9.66
N ASP B 173 -25.87 -9.45 -9.75
CA ASP B 173 -24.71 -10.22 -9.35
C ASP B 173 -23.73 -10.48 -10.49
N TYR B 174 -24.11 -10.15 -11.72
CA TYR B 174 -23.22 -10.22 -12.87
C TYR B 174 -23.50 -9.04 -13.78
N VAL B 175 -22.45 -8.30 -14.14
CA VAL B 175 -22.58 -7.09 -14.95
C VAL B 175 -21.70 -7.25 -16.19
N PHE B 176 -22.30 -7.07 -17.36
CA PHE B 176 -21.60 -7.13 -18.64
C PHE B 176 -21.28 -5.72 -19.11
N ARG B 177 -20.04 -5.50 -19.52
CA ARG B 177 -19.62 -4.24 -20.12
C ARG B 177 -18.84 -4.52 -21.40
N LEU B 178 -18.80 -3.54 -22.30
CA LEU B 178 -18.20 -3.74 -23.61
C LEU B 178 -17.63 -2.44 -24.12
N ASN B 179 -16.63 -2.57 -25.00
CA ASN B 179 -16.00 -1.47 -25.75
C ASN B 179 -15.48 -0.43 -24.75
N GLY B 180 -15.68 0.86 -25.00
CA GLY B 180 -15.23 1.90 -24.10
C GLY B 180 -16.04 1.98 -22.83
N ALA B 181 -15.75 1.10 -21.87
CA ALA B 181 -16.46 1.07 -20.59
C ALA B 181 -15.81 2.09 -19.66
N VAL B 182 -16.24 3.34 -19.81
CA VAL B 182 -15.74 4.42 -18.95
C VAL B 182 -16.48 4.35 -17.62
N ILE B 183 -15.72 4.20 -16.54
CA ILE B 183 -16.29 4.06 -15.21
C ILE B 183 -15.98 5.28 -14.33
N LYS B 184 -14.76 5.79 -14.39
CA LYS B 184 -14.39 6.92 -13.55
C LYS B 184 -15.11 8.18 -14.02
N GLY B 185 -15.78 8.85 -13.07
CA GLY B 185 -16.52 10.06 -13.37
C GLY B 185 -17.96 9.84 -13.76
N PHE B 186 -18.40 8.59 -13.92
CA PHE B 186 -19.78 8.28 -14.27
C PHE B 186 -20.32 7.09 -13.49
N GLU B 187 -19.66 6.74 -12.38
CA GLU B 187 -20.04 5.53 -11.65
C GLU B 187 -21.42 5.64 -11.04
N ARG B 188 -21.83 6.85 -10.65
CA ARG B 188 -23.17 7.02 -10.10
C ARG B 188 -24.27 6.73 -11.13
N ASP B 189 -23.93 6.72 -12.42
CA ASP B 189 -24.89 6.44 -13.48
C ASP B 189 -24.77 5.04 -14.04
N VAL B 190 -23.55 4.52 -14.19
CA VAL B 190 -23.33 3.22 -14.82
C VAL B 190 -22.82 2.17 -13.85
N GLY B 191 -22.48 2.54 -12.61
CA GLY B 191 -22.01 1.58 -11.64
C GLY B 191 -20.51 1.34 -11.72
N THR B 192 -20.05 0.46 -10.83
CA THR B 192 -18.64 0.10 -10.76
C THR B 192 -18.38 -1.38 -10.91
N LYS B 193 -19.37 -2.25 -10.65
CA LYS B 193 -19.15 -3.68 -10.75
C LYS B 193 -19.01 -4.11 -12.20
N THR B 194 -18.07 -5.02 -12.45
CA THR B 194 -17.85 -5.57 -13.79
C THR B 194 -17.51 -7.05 -13.65
N SER B 195 -18.32 -7.91 -14.27
CA SER B 195 -18.10 -9.35 -14.26
C SER B 195 -17.60 -9.90 -15.59
N PHE B 196 -18.06 -9.34 -16.71
CA PHE B 196 -17.60 -9.74 -18.02
C PHE B 196 -17.30 -8.49 -18.85
N TYR B 197 -16.34 -8.63 -19.76
CA TYR B 197 -15.95 -7.53 -20.66
C TYR B 197 -15.78 -8.10 -22.06
N GLY B 198 -16.76 -7.86 -22.92
CA GLY B 198 -16.68 -8.28 -24.30
C GLY B 198 -16.12 -7.20 -25.20
N PHE B 199 -15.39 -7.61 -26.22
CA PHE B 199 -14.64 -6.66 -27.03
C PHE B 199 -14.07 -7.37 -28.24
N THR B 200 -13.77 -6.59 -29.27
CA THR B 200 -12.82 -6.98 -30.30
C THR B 200 -11.52 -6.21 -30.06
N VAL B 201 -10.40 -6.78 -30.49
CA VAL B 201 -9.13 -6.11 -30.32
C VAL B 201 -9.11 -4.79 -31.08
N ASN B 202 -9.88 -4.70 -32.17
CA ASN B 202 -9.96 -3.45 -32.91
C ASN B 202 -10.73 -2.39 -32.14
N THR B 203 -11.91 -2.74 -31.63
CA THR B 203 -12.74 -1.75 -30.94
C THR B 203 -12.17 -1.39 -29.57
N MSE B 204 -11.41 -2.28 -28.96
CA MSE B 204 -10.86 -2.00 -27.63
C MSE B 204 -9.75 -0.96 -27.70
O MSE B 204 -9.75 0.00 -26.93
CB MSE B 204 -10.32 -3.29 -26.99
CG MSE B 204 -9.62 -3.05 -25.65
SE MSE B 204 -8.76 -4.63 -24.91
CE MSE B 204 -7.55 -5.04 -26.39
N LYS B 205 -8.82 -1.16 -28.64
CA LYS B 205 -7.70 -0.24 -28.77
C LYS B 205 -8.15 1.13 -29.26
N ASN B 206 -9.18 1.17 -30.12
CA ASN B 206 -9.70 2.46 -30.57
C ASN B 206 -10.35 3.21 -29.43
N SER B 207 -11.00 2.51 -28.51
CA SER B 207 -11.62 3.18 -27.37
C SER B 207 -10.58 3.72 -26.40
N LEU B 208 -9.42 3.06 -26.32
CA LEU B 208 -8.32 3.55 -25.49
C LEU B 208 -7.64 4.78 -26.08
N VAL B 209 -7.80 5.02 -27.37
CA VAL B 209 -7.19 6.18 -28.01
C VAL B 209 -8.11 7.39 -27.94
N SER B 210 -9.36 7.23 -28.35
CA SER B 210 -10.27 8.38 -28.44
C SER B 210 -10.85 8.76 -27.08
N TYR B 211 -11.01 7.80 -26.17
CA TYR B 211 -11.61 8.07 -24.87
C TYR B 211 -10.57 8.08 -23.75
N TRP B 212 -9.30 8.30 -24.08
CA TRP B 212 -8.26 8.33 -23.05
C TRP B 212 -8.43 9.53 -22.13
N ASN B 213 -8.72 10.70 -22.71
CA ASN B 213 -8.91 11.91 -21.92
C ASN B 213 -10.28 11.99 -21.26
N LEU B 214 -11.19 11.08 -21.58
CA LEU B 214 -12.51 11.05 -20.97
C LEU B 214 -12.58 10.12 -19.76
N GLY B 215 -11.47 9.47 -19.41
CA GLY B 215 -11.39 8.59 -18.25
C GLY B 215 -10.98 7.17 -18.59
N PHE B 216 -11.31 6.70 -19.79
CA PHE B 216 -11.05 5.32 -20.19
C PHE B 216 -9.56 5.17 -20.51
N THR B 217 -8.76 5.12 -19.45
CA THR B 217 -7.32 4.92 -19.58
C THR B 217 -6.91 3.46 -19.55
N SER B 218 -7.86 2.55 -19.27
CA SER B 218 -7.60 1.12 -19.24
C SER B 218 -8.94 0.40 -19.27
N VAL B 219 -8.89 -0.88 -19.62
CA VAL B 219 -10.10 -1.71 -19.65
C VAL B 219 -10.41 -2.13 -18.21
N PRO B 220 -11.67 -2.41 -17.87
CA PRO B 220 -11.99 -2.77 -16.48
C PRO B 220 -11.33 -4.10 -16.10
N GLN B 221 -10.69 -4.10 -14.93
CA GLN B 221 -9.98 -5.26 -14.43
C GLN B 221 -10.55 -5.69 -13.09
N GLY B 222 -10.61 -7.01 -12.88
CA GLY B 222 -11.11 -7.56 -11.64
C GLY B 222 -10.42 -8.87 -11.33
N GLN B 223 -10.64 -9.37 -10.12
CA GLN B 223 -10.03 -10.62 -9.70
C GLN B 223 -10.64 -11.81 -10.44
N ASP B 224 -11.93 -12.04 -10.23
CA ASP B 224 -12.65 -13.11 -10.92
C ASP B 224 -13.31 -12.63 -12.21
N LEU B 225 -12.95 -11.45 -12.69
CA LEU B 225 -13.52 -10.91 -13.92
C LEU B 225 -12.99 -11.67 -15.13
N GLN B 226 -13.87 -11.91 -16.11
CA GLN B 226 -13.54 -12.68 -17.30
C GLN B 226 -13.75 -11.82 -18.54
N TYR B 227 -12.81 -11.94 -19.49
CA TYR B 227 -12.86 -11.23 -20.76
C TYR B 227 -13.40 -12.15 -21.84
N ILE B 228 -14.20 -11.59 -22.75
CA ILE B 228 -14.84 -12.35 -23.82
C ILE B 228 -14.36 -11.79 -25.15
N PHE B 229 -13.66 -12.62 -25.92
CA PHE B 229 -13.15 -12.24 -27.22
C PHE B 229 -14.18 -12.50 -28.31
N ILE B 230 -14.24 -11.61 -29.30
CA ILE B 230 -15.10 -11.76 -30.46
C ILE B 230 -14.21 -12.13 -31.64
N PRO B 231 -14.32 -13.35 -32.17
CA PRO B 231 -13.35 -13.81 -33.18
C PRO B 231 -13.54 -13.18 -34.54
N SER B 232 -13.34 -11.87 -34.64
CA SER B 232 -13.58 -11.15 -35.89
C SER B 232 -12.32 -10.97 -36.73
N ASP B 233 -11.14 -11.25 -36.18
CA ASP B 233 -9.90 -11.00 -36.90
C ASP B 233 -8.80 -11.87 -36.29
N ILE B 234 -7.70 -12.01 -37.04
CA ILE B 234 -6.57 -12.74 -36.51
C ILE B 234 -5.98 -12.00 -35.31
N ARG B 235 -6.16 -10.68 -35.25
CA ARG B 235 -5.74 -9.93 -34.08
C ARG B 235 -6.44 -10.43 -32.82
N ASP B 236 -7.69 -10.87 -32.95
CA ASP B 236 -8.40 -11.43 -31.80
C ASP B 236 -7.79 -12.74 -31.36
N TYR B 237 -7.42 -13.60 -32.31
CA TYR B 237 -6.85 -14.90 -31.97
C TYR B 237 -5.43 -14.77 -31.45
N VAL B 238 -4.62 -13.90 -32.06
CA VAL B 238 -3.25 -13.72 -31.61
C VAL B 238 -3.21 -13.06 -30.24
N MSE B 239 -4.17 -12.17 -29.97
CA MSE B 239 -4.25 -11.53 -28.67
C MSE B 239 -4.70 -12.54 -27.61
O MSE B 239 -4.18 -12.57 -26.50
CB MSE B 239 -5.21 -10.34 -28.70
CG MSE B 239 -5.14 -9.47 -27.46
SE MSE B 239 -3.44 -8.54 -27.32
CE MSE B 239 -3.44 -8.15 -25.42
N LEU B 240 -5.68 -13.36 -28.00
CA LEU B 240 -6.17 -14.40 -27.09
C LEU B 240 -5.07 -15.40 -26.77
N ARG B 241 -4.21 -15.70 -27.74
CA ARG B 241 -3.10 -16.63 -27.50
C ARG B 241 -2.07 -16.02 -26.56
N SER B 242 -1.66 -14.77 -26.84
CA SER B 242 -0.65 -14.12 -26.02
C SER B 242 -1.15 -13.83 -24.61
N ALA B 243 -2.47 -13.67 -24.45
CA ALA B 243 -3.02 -13.35 -23.13
C ALA B 243 -2.88 -14.52 -22.17
N ILE B 244 -3.11 -15.74 -22.66
CA ILE B 244 -3.03 -16.90 -21.78
C ILE B 244 -1.58 -17.23 -21.44
N LEU B 245 -0.69 -17.17 -22.44
CA LEU B 245 0.71 -17.50 -22.19
C LEU B 245 1.41 -16.42 -21.37
N GLY B 246 1.00 -15.16 -21.50
CA GLY B 246 1.65 -14.06 -20.84
C GLY B 246 2.73 -13.38 -21.66
N VAL B 247 3.25 -14.04 -22.68
CA VAL B 247 4.26 -13.43 -23.55
C VAL B 247 3.62 -12.31 -24.35
N PRO B 248 4.28 -11.17 -24.53
CA PRO B 248 3.72 -10.12 -25.39
C PRO B 248 3.47 -10.63 -26.79
N VAL B 249 2.49 -10.02 -27.46
CA VAL B 249 2.04 -10.47 -28.77
C VAL B 249 3.20 -10.35 -29.75
N PRO B 250 3.59 -11.44 -30.41
CA PRO B 250 4.81 -11.43 -31.24
C PRO B 250 4.57 -11.28 -32.74
N GLU B 251 3.37 -10.91 -33.19
CA GLU B 251 3.10 -10.82 -34.62
C GLU B 251 1.86 -9.97 -34.83
N GLY B 252 1.59 -9.69 -36.10
CA GLY B 252 0.35 -9.05 -36.49
C GLY B 252 0.36 -7.54 -36.34
N LEU B 253 -0.83 -6.97 -36.48
CA LEU B 253 -1.02 -5.53 -36.38
C LEU B 253 -0.72 -5.01 -34.98
N ASP B 254 -0.83 -5.86 -33.96
CA ASP B 254 -0.67 -5.45 -32.57
C ASP B 254 0.65 -5.91 -31.97
N LYS B 255 1.65 -6.21 -32.80
CA LYS B 255 2.93 -6.70 -32.31
C LYS B 255 3.58 -5.67 -31.38
N GLY B 256 3.97 -6.12 -30.19
CA GLY B 256 4.64 -5.28 -29.21
C GLY B 256 3.83 -5.07 -27.94
N ASP B 257 2.51 -5.15 -28.03
CA ASP B 257 1.67 -4.92 -26.86
C ASP B 257 1.89 -6.01 -25.82
N ARG B 258 1.62 -5.65 -24.57
CA ARG B 258 1.77 -6.58 -23.45
C ARG B 258 0.40 -6.90 -22.89
N PRO B 259 -0.01 -8.17 -22.90
CA PRO B 259 -1.38 -8.50 -22.42
C PRO B 259 -1.61 -8.14 -20.97
N HIS B 260 -0.56 -8.14 -20.15
CA HIS B 260 -0.71 -7.75 -18.75
C HIS B 260 -1.06 -6.27 -18.61
N ALA B 261 -0.71 -5.45 -19.59
CA ALA B 261 -1.06 -4.03 -19.53
C ALA B 261 -2.56 -3.81 -19.70
N TYR B 262 -3.23 -4.69 -20.43
CA TYR B 262 -4.67 -4.59 -20.62
C TYR B 262 -5.43 -5.37 -19.56
N PHE B 263 -5.19 -6.68 -19.49
CA PHE B 263 -6.06 -7.58 -18.73
C PHE B 263 -5.63 -7.77 -17.28
N GLY B 264 -4.33 -7.84 -17.03
CA GLY B 264 -3.85 -7.96 -15.67
C GLY B 264 -2.75 -8.99 -15.51
N PRO B 265 -2.36 -9.24 -14.26
CA PRO B 265 -1.21 -10.13 -14.01
C PRO B 265 -1.51 -11.60 -14.22
N GLU B 266 -2.74 -12.02 -13.91
CA GLU B 266 -3.10 -13.43 -14.05
C GLU B 266 -3.17 -13.81 -15.54
N ALA B 267 -2.56 -14.94 -15.88
CA ALA B 267 -2.51 -15.43 -17.26
C ALA B 267 -2.88 -16.91 -17.28
N SER B 268 -4.14 -17.20 -16.95
CA SER B 268 -4.66 -18.55 -16.98
C SER B 268 -5.82 -18.63 -17.98
N ALA B 269 -6.10 -19.87 -18.43
CA ALA B 269 -7.21 -20.08 -19.35
C ALA B 269 -8.56 -19.76 -18.71
N SER B 270 -8.64 -19.76 -17.38
CA SER B 270 -9.87 -19.40 -16.69
C SER B 270 -10.20 -17.92 -16.81
N LYS B 271 -9.28 -17.11 -17.32
CA LYS B 271 -9.46 -15.67 -17.40
C LYS B 271 -10.05 -15.22 -18.74
N PHE B 272 -9.82 -16.00 -19.79
CA PHE B 272 -10.15 -15.58 -21.16
C PHE B 272 -11.08 -16.60 -21.80
N LYS B 273 -12.15 -16.09 -22.41
CA LYS B 273 -13.12 -16.91 -23.11
C LYS B 273 -13.29 -16.38 -24.53
N LEU B 274 -13.60 -17.28 -25.45
CA LEU B 274 -13.77 -16.96 -26.86
C LEU B 274 -15.21 -17.24 -27.27
N LEU B 275 -15.83 -16.27 -27.95
CA LEU B 275 -17.18 -16.46 -28.45
C LEU B 275 -17.17 -17.38 -29.66
N HIS B 276 -18.16 -18.24 -29.74
CA HIS B 276 -18.18 -19.26 -30.80
C HIS B 276 -18.64 -18.64 -32.10
N PRO B 277 -17.86 -18.79 -33.19
CA PRO B 277 -18.33 -18.27 -34.49
C PRO B 277 -19.65 -18.86 -34.96
N ASP B 278 -19.97 -20.09 -34.57
CA ASP B 278 -21.28 -20.64 -34.90
C ASP B 278 -22.39 -19.97 -34.09
N PHE B 279 -22.05 -19.42 -32.93
CA PHE B 279 -23.05 -18.70 -32.14
C PHE B 279 -23.36 -17.34 -32.76
N ILE B 280 -22.34 -16.68 -33.32
CA ILE B 280 -22.56 -15.40 -33.98
C ILE B 280 -23.39 -15.59 -35.25
N SER B 281 -23.16 -16.70 -35.96
CA SER B 281 -23.96 -16.98 -37.15
C SER B 281 -25.42 -17.22 -36.78
N TYR B 282 -25.67 -17.91 -35.67
CA TYR B 282 -27.03 -18.19 -35.24
C TYR B 282 -27.75 -16.91 -34.81
N LEU B 283 -27.03 -15.95 -34.24
CA LEU B 283 -27.66 -14.69 -33.83
C LEU B 283 -28.02 -13.84 -35.04
N THR B 284 -27.10 -13.74 -36.02
CA THR B 284 -27.36 -12.97 -37.22
C THR B 284 -28.42 -13.61 -38.10
N GLU B 285 -28.62 -14.92 -37.99
CA GLU B 285 -29.59 -15.58 -38.85
C GLU B 285 -31.01 -15.45 -38.31
N ARG B 286 -31.20 -15.71 -37.03
CA ARG B 286 -32.53 -15.80 -36.45
C ARG B 286 -32.97 -14.56 -35.69
N PHE B 287 -32.05 -13.69 -35.29
CA PHE B 287 -32.40 -12.54 -34.47
C PHE B 287 -32.14 -11.19 -35.15
N LEU B 288 -31.00 -11.03 -35.81
CA LEU B 288 -30.61 -9.75 -36.40
C LEU B 288 -30.18 -9.96 -37.85
N LYS B 289 -31.11 -10.35 -38.70
CA LYS B 289 -30.87 -10.54 -40.12
C LYS B 289 -31.33 -9.29 -40.84
N SER B 290 -30.40 -8.36 -41.09
CA SER B 290 -30.74 -7.09 -41.69
C SER B 290 -30.92 -7.22 -43.21
N LYS B 291 -30.84 -6.10 -43.91
CA LYS B 291 -30.97 -6.11 -45.36
C LYS B 291 -29.61 -5.89 -46.03
N LEU B 300 -18.71 -6.52 -45.14
CA LEU B 300 -19.45 -7.51 -44.38
C LEU B 300 -20.29 -6.85 -43.28
N TYR B 301 -21.34 -7.55 -42.86
CA TYR B 301 -22.25 -7.05 -41.84
C TYR B 301 -22.23 -7.98 -40.63
N MSE B 302 -22.21 -7.39 -39.44
CA MSE B 302 -22.27 -8.14 -38.20
C MSE B 302 -22.97 -7.31 -37.12
O MSE B 302 -22.93 -6.09 -37.17
CB MSE B 302 -20.87 -8.55 -37.73
CG MSE B 302 -20.00 -7.40 -37.28
SE MSE B 302 -18.33 -7.99 -36.47
CE MSE B 302 -17.64 -6.26 -35.88
N PRO B 303 -23.62 -7.98 -36.18
CA PRO B 303 -24.27 -7.25 -35.08
C PRO B 303 -23.26 -6.49 -34.25
N SER B 304 -23.76 -5.45 -33.58
CA SER B 304 -22.90 -4.64 -32.73
C SER B 304 -22.39 -5.45 -31.54
N THR B 305 -21.30 -4.97 -30.94
CA THR B 305 -20.72 -5.66 -29.80
C THR B 305 -21.69 -5.72 -28.63
N GLY B 306 -22.44 -4.64 -28.41
CA GLY B 306 -23.44 -4.65 -27.35
C GLY B 306 -24.55 -5.66 -27.61
N ALA B 307 -24.95 -5.80 -28.88
CA ALA B 307 -25.94 -6.81 -29.22
C ALA B 307 -25.41 -8.22 -28.97
N LEU B 308 -24.13 -8.44 -29.26
CA LEU B 308 -23.52 -9.74 -29.01
C LEU B 308 -23.46 -10.06 -27.52
N MSE B 309 -23.29 -9.05 -26.68
CA MSE B 309 -23.21 -9.26 -25.24
C MSE B 309 -24.58 -9.45 -24.63
O MSE B 309 -24.77 -10.26 -23.72
CB MSE B 309 -22.47 -8.10 -24.57
CG MSE B 309 -21.03 -7.96 -25.01
SE MSE B 309 -20.01 -9.60 -24.76
CE MSE B 309 -19.80 -9.51 -22.82
N LEU B 310 -25.57 -8.71 -25.14
CA LEU B 310 -26.93 -8.85 -24.65
C LEU B 310 -27.51 -10.21 -24.99
N LEU B 311 -27.26 -10.69 -26.22
CA LEU B 311 -27.76 -11.99 -26.63
C LEU B 311 -26.99 -13.12 -25.96
N THR B 312 -25.70 -12.92 -25.70
CA THR B 312 -24.94 -13.91 -24.94
C THR B 312 -25.47 -14.03 -23.52
N ALA B 313 -25.70 -12.88 -22.87
CA ALA B 313 -26.32 -12.92 -21.55
C ALA B 313 -27.74 -13.47 -21.61
N LEU B 314 -28.44 -13.25 -22.74
CA LEU B 314 -29.77 -13.81 -22.89
C LEU B 314 -29.75 -15.33 -22.94
N HIS B 315 -28.65 -15.91 -23.38
CA HIS B 315 -28.53 -17.37 -23.51
C HIS B 315 -27.84 -18.03 -22.32
N THR B 316 -27.12 -17.26 -21.50
CA THR B 316 -26.39 -17.83 -20.38
C THR B 316 -26.94 -17.45 -19.01
N CYS B 317 -27.75 -16.41 -18.93
CA CYS B 317 -28.28 -15.92 -17.66
C CYS B 317 -29.72 -16.38 -17.46
N ASP B 318 -30.18 -16.24 -16.22
CA ASP B 318 -31.56 -16.55 -15.85
C ASP B 318 -32.42 -15.29 -15.76
N GLN B 319 -31.81 -14.12 -15.90
CA GLN B 319 -32.51 -12.84 -15.90
C GLN B 319 -31.53 -11.76 -16.38
N VAL B 320 -31.95 -10.93 -17.32
CA VAL B 320 -31.07 -9.93 -17.93
C VAL B 320 -31.77 -8.58 -17.93
N SER B 321 -31.00 -7.53 -17.64
CA SER B 321 -31.49 -6.15 -17.68
C SER B 321 -30.52 -5.34 -18.51
N ALA B 322 -31.02 -4.69 -19.56
CA ALA B 322 -30.19 -3.90 -20.45
C ALA B 322 -30.19 -2.44 -20.02
N TYR B 323 -29.01 -1.84 -19.92
CA TYR B 323 -28.85 -0.44 -19.55
C TYR B 323 -27.97 0.24 -20.58
N GLY B 324 -28.48 1.32 -21.18
CA GLY B 324 -27.69 2.09 -22.11
C GLY B 324 -27.69 1.57 -23.53
N PHE B 325 -28.76 0.89 -23.94
CA PHE B 325 -28.88 0.38 -25.29
C PHE B 325 -29.77 1.30 -26.12
N ILE B 326 -29.71 1.10 -27.43
CA ILE B 326 -30.39 1.99 -28.37
C ILE B 326 -31.89 1.85 -28.20
N THR B 327 -32.57 2.95 -27.90
CA THR B 327 -34.02 3.01 -27.76
C THR B 327 -34.59 3.94 -28.82
N SER B 328 -35.93 4.04 -28.85
CA SER B 328 -36.58 4.90 -29.83
C SER B 328 -36.23 6.36 -29.61
N ASN B 329 -36.17 6.80 -28.37
CA ASN B 329 -35.81 8.19 -28.04
C ASN B 329 -34.32 8.38 -27.85
N TYR B 330 -33.52 7.71 -28.69
CA TYR B 330 -32.07 7.88 -28.63
C TYR B 330 -31.67 9.34 -28.85
N TRP B 331 -32.41 10.05 -29.70
CA TRP B 331 -32.04 11.41 -30.09
C TRP B 331 -32.10 12.39 -28.92
N LYS B 332 -32.89 12.09 -27.89
CA LYS B 332 -32.96 12.96 -26.72
C LYS B 332 -31.65 13.02 -25.95
N PHE B 333 -30.72 12.10 -26.19
CA PHE B 333 -29.49 11.99 -25.41
C PHE B 333 -28.29 12.01 -26.34
N SER B 334 -27.11 12.21 -25.75
CA SER B 334 -25.88 12.26 -26.50
C SER B 334 -25.54 10.87 -27.06
N ASP B 335 -24.44 10.81 -27.82
CA ASP B 335 -24.05 9.55 -28.43
C ASP B 335 -23.55 8.56 -27.38
N HIS B 336 -22.85 9.04 -26.37
CA HIS B 336 -22.39 8.21 -25.27
C HIS B 336 -22.65 8.94 -23.95
N TYR B 337 -22.70 8.16 -22.87
CA TYR B 337 -22.89 8.75 -21.55
C TYR B 337 -21.66 9.48 -21.04
N PHE B 338 -20.57 9.47 -21.81
CA PHE B 338 -19.37 10.22 -21.48
C PHE B 338 -19.00 11.22 -22.56
N GLU B 339 -19.78 11.33 -23.63
CA GLU B 339 -19.45 12.22 -24.73
C GLU B 339 -20.72 12.80 -25.37
N ALA B 349 -17.05 -2.40 -40.29
CA ALA B 349 -18.26 -3.21 -40.21
C ALA B 349 -19.49 -2.32 -40.03
N ASN B 350 -20.54 -2.63 -40.77
CA ASN B 350 -21.80 -1.90 -40.70
C ASN B 350 -22.79 -2.64 -39.82
N HIS B 351 -23.66 -1.88 -39.15
CA HIS B 351 -24.64 -2.43 -38.25
C HIS B 351 -26.01 -1.85 -38.55
N ASP B 352 -27.05 -2.58 -38.15
CA ASP B 352 -28.44 -2.16 -38.31
C ASP B 352 -28.96 -1.81 -36.92
N LEU B 353 -28.69 -0.59 -36.48
CA LEU B 353 -29.09 -0.17 -35.15
C LEU B 353 -30.60 -0.10 -35.00
N SER B 354 -31.31 0.25 -36.07
CA SER B 354 -32.78 0.28 -36.00
C SER B 354 -33.35 -1.12 -35.80
N LEU B 355 -32.71 -2.15 -36.38
CA LEU B 355 -33.16 -3.51 -36.14
C LEU B 355 -32.88 -3.93 -34.70
N GLU B 356 -31.67 -3.63 -34.21
CA GLU B 356 -31.35 -3.96 -32.82
C GLU B 356 -32.26 -3.23 -31.85
N ALA B 357 -32.54 -1.95 -32.12
CA ALA B 357 -33.45 -1.20 -31.27
C ALA B 357 -34.83 -1.84 -31.24
N ALA B 358 -35.34 -2.25 -32.41
CA ALA B 358 -36.61 -2.97 -32.44
C ALA B 358 -36.51 -4.32 -31.76
N LEU B 359 -35.33 -4.95 -31.79
CA LEU B 359 -35.16 -6.24 -31.14
C LEU B 359 -35.31 -6.11 -29.62
N TRP B 360 -34.73 -5.07 -29.02
CA TRP B 360 -34.89 -4.87 -27.60
C TRP B 360 -36.29 -4.41 -27.23
N ARG B 361 -37.03 -3.83 -28.18
CA ARG B 361 -38.42 -3.50 -27.92
C ARG B 361 -39.28 -4.76 -27.87
N ASP B 362 -39.15 -5.63 -28.87
CA ASP B 362 -39.96 -6.84 -28.90
C ASP B 362 -39.57 -7.80 -27.77
N LEU B 363 -38.28 -7.87 -27.44
CA LEU B 363 -37.84 -8.66 -26.29
C LEU B 363 -38.40 -8.09 -24.99
N HIS B 364 -38.62 -6.78 -24.93
CA HIS B 364 -39.17 -6.18 -23.71
C HIS B 364 -40.65 -6.49 -23.56
N LYS B 365 -41.39 -6.55 -24.68
CA LYS B 365 -42.82 -6.83 -24.61
C LYS B 365 -43.08 -8.25 -24.13
N ALA B 366 -42.22 -9.19 -24.49
CA ALA B 366 -42.42 -10.59 -24.16
C ALA B 366 -42.04 -10.94 -22.72
N GLY B 367 -41.62 -9.95 -21.93
CA GLY B 367 -41.18 -10.25 -20.58
C GLY B 367 -39.88 -11.02 -20.51
N ILE B 368 -39.10 -11.02 -21.59
CA ILE B 368 -37.83 -11.74 -21.59
C ILE B 368 -36.68 -10.81 -21.21
N LEU B 369 -36.74 -9.55 -21.61
CA LEU B 369 -35.69 -8.58 -21.36
C LEU B 369 -36.23 -7.40 -20.57
N GLN B 370 -35.49 -6.98 -19.54
CA GLN B 370 -35.82 -5.77 -18.79
C GLN B 370 -35.03 -4.62 -19.37
N LEU B 371 -35.55 -4.05 -20.45
CA LEU B 371 -34.89 -2.96 -21.15
C LEU B 371 -35.14 -1.64 -20.43
N TYR B 372 -34.07 -0.96 -20.04
CA TYR B 372 -34.21 0.34 -19.39
C TYR B 372 -34.51 1.42 -20.41
N GLN B 373 -35.58 2.17 -20.18
CA GLN B 373 -36.00 3.26 -21.05
C GLN B 373 -36.35 4.47 -20.20
N ARG B 374 -36.33 5.64 -20.83
CA ARG B 374 -36.79 6.86 -20.20
C ARG B 374 -37.03 7.95 -21.22
N CYS C 66 -41.67 23.94 14.20
CA CYS C 66 -41.23 22.61 14.62
C CYS C 66 -42.29 21.56 14.30
N ARG C 67 -43.42 21.64 15.01
CA ARG C 67 -44.48 20.63 14.93
C ARG C 67 -45.26 20.67 13.62
N HIS C 68 -44.91 21.55 12.68
CA HIS C 68 -45.63 21.61 11.41
C HIS C 68 -44.77 22.25 10.32
N LEU C 69 -43.46 22.39 10.58
CA LEU C 69 -42.54 22.93 9.58
C LEU C 69 -42.17 21.90 8.52
N LEU C 70 -42.83 20.74 8.52
CA LEU C 70 -42.66 19.71 7.50
C LEU C 70 -43.77 19.72 6.48
N HIS C 71 -45.02 19.76 6.92
CA HIS C 71 -46.15 19.82 6.00
C HIS C 71 -46.15 21.11 5.19
N LEU C 72 -45.53 22.17 5.71
CA LEU C 72 -45.42 23.42 4.98
C LEU C 72 -44.56 23.26 3.74
N ALA C 73 -43.45 22.53 3.85
CA ALA C 73 -42.60 22.27 2.68
C ALA C 73 -43.33 21.43 1.65
N ILE C 74 -44.27 20.58 2.08
CA ILE C 74 -45.08 19.84 1.13
C ILE C 74 -46.01 20.78 0.37
N GLN C 75 -46.46 21.86 1.00
CA GLN C 75 -47.33 22.82 0.34
C GLN C 75 -46.57 23.74 -0.59
N ARG C 76 -45.32 24.08 -0.24
CA ARG C 76 -44.55 25.01 -1.06
C ARG C 76 -44.14 24.42 -2.41
N HIS C 77 -44.08 23.09 -2.52
CA HIS C 77 -43.73 22.45 -3.78
C HIS C 77 -44.95 21.78 -4.37
N PRO C 78 -45.37 22.14 -5.59
CA PRO C 78 -46.59 21.56 -6.16
C PRO C 78 -46.46 20.10 -6.54
N HIS C 79 -45.24 19.57 -6.67
CA HIS C 79 -45.08 18.17 -7.03
C HIS C 79 -45.52 17.25 -5.91
N PHE C 80 -45.04 17.51 -4.69
CA PHE C 80 -45.38 16.68 -3.54
C PHE C 80 -46.67 17.11 -2.85
N ARG C 81 -47.25 18.25 -3.24
CA ARG C 81 -48.52 18.66 -2.64
C ARG C 81 -49.66 17.72 -3.08
N GLY C 82 -49.70 17.38 -4.36
CA GLY C 82 -50.72 16.48 -4.87
C GLY C 82 -50.25 15.04 -4.89
N LEU C 83 -49.41 14.67 -3.94
CA LEU C 83 -48.89 13.31 -3.87
C LEU C 83 -49.03 12.77 -2.45
N PHE C 84 -48.94 13.66 -1.45
CA PHE C 84 -49.09 13.28 -0.05
C PHE C 84 -50.57 13.34 0.32
N ASN C 85 -51.17 12.18 0.62
CA ASN C 85 -52.54 12.13 1.10
C ASN C 85 -52.45 11.82 2.60
N LEU C 86 -52.45 12.86 3.42
CA LEU C 86 -52.18 12.68 4.84
C LEU C 86 -53.43 12.24 5.58
N SER C 87 -54.37 11.66 4.85
CA SER C 87 -55.60 11.16 5.41
C SER C 87 -55.75 9.65 5.25
N ILE C 88 -54.93 9.01 4.42
CA ILE C 88 -55.02 7.56 4.25
C ILE C 88 -54.48 6.88 5.50
N PRO C 89 -55.13 5.83 6.01
CA PRO C 89 -54.64 5.18 7.24
C PRO C 89 -53.28 4.53 7.02
N VAL C 90 -52.42 4.68 8.01
CA VAL C 90 -51.09 4.09 7.94
C VAL C 90 -51.07 2.66 8.50
N LEU C 91 -51.88 2.39 9.52
CA LEU C 91 -51.88 1.11 10.21
C LEU C 91 -53.22 0.41 10.04
N LEU C 92 -53.20 -0.91 9.93
CA LEU C 92 -54.39 -1.73 9.88
C LEU C 92 -54.65 -2.33 11.25
N TRP C 93 -55.92 -2.39 11.64
CA TRP C 93 -56.28 -2.86 12.97
C TRP C 93 -57.71 -3.40 12.94
N GLY C 94 -58.32 -3.52 14.11
CA GLY C 94 -59.59 -4.23 14.21
C GLY C 94 -60.76 -3.48 13.60
N ASP C 95 -60.95 -2.23 14.03
CA ASP C 95 -62.13 -1.47 13.61
C ASP C 95 -62.14 -1.13 12.12
N LEU C 96 -61.12 -1.53 11.36
CA LEU C 96 -61.11 -1.33 9.92
C LEU C 96 -61.37 -2.62 9.14
N PHE C 97 -61.44 -3.76 9.81
CA PHE C 97 -61.67 -5.06 9.15
C PHE C 97 -63.18 -5.22 8.93
N THR C 98 -63.63 -4.78 7.76
CA THR C 98 -65.02 -4.86 7.34
C THR C 98 -65.15 -5.81 6.17
N PRO C 99 -66.36 -6.33 5.91
CA PRO C 99 -66.55 -7.18 4.72
C PRO C 99 -66.15 -6.49 3.43
N ALA C 100 -66.32 -5.16 3.33
CA ALA C 100 -65.95 -4.45 2.11
C ALA C 100 -64.44 -4.44 1.91
N LEU C 101 -63.67 -4.35 2.99
CA LEU C 101 -62.22 -4.42 2.88
C LEU C 101 -61.75 -5.83 2.55
N TRP C 102 -62.48 -6.85 2.99
CA TRP C 102 -62.10 -8.22 2.66
C TRP C 102 -62.27 -8.50 1.19
N ASP C 103 -63.34 -7.99 0.56
CA ASP C 103 -63.60 -8.28 -0.83
C ASP C 103 -62.57 -7.62 -1.75
N ARG C 104 -62.20 -6.38 -1.46
CA ARG C 104 -61.23 -5.68 -2.30
C ARG C 104 -59.85 -6.33 -2.21
N LEU C 105 -59.32 -6.45 -0.99
CA LEU C 105 -57.98 -6.99 -0.81
C LEU C 105 -57.89 -8.48 -1.11
N SER C 106 -58.99 -9.13 -1.45
CA SER C 106 -58.96 -10.55 -1.83
C SER C 106 -58.72 -10.75 -3.32
N GLN C 107 -58.54 -9.67 -4.08
CA GLN C 107 -58.13 -9.75 -5.48
C GLN C 107 -56.72 -9.20 -5.68
N HIS C 108 -55.97 -9.04 -4.58
CA HIS C 108 -54.59 -8.55 -4.62
C HIS C 108 -53.69 -9.53 -3.88
N LYS C 109 -52.71 -10.07 -4.58
CA LYS C 109 -51.65 -10.83 -3.93
C LYS C 109 -50.69 -9.83 -3.26
N ALA C 110 -49.49 -10.29 -2.90
CA ALA C 110 -48.41 -9.43 -2.46
C ALA C 110 -48.81 -8.68 -1.18
N PRO C 111 -48.01 -7.72 -0.67
CA PRO C 111 -48.47 -6.91 0.48
C PRO C 111 -49.51 -5.87 0.12
N TYR C 112 -50.11 -5.96 -1.06
CA TYR C 112 -51.13 -5.02 -1.49
C TYR C 112 -52.53 -5.51 -1.18
N GLY C 113 -52.67 -6.71 -0.61
CA GLY C 113 -53.97 -7.25 -0.25
C GLY C 113 -53.82 -8.60 0.42
N TRP C 114 -54.69 -9.54 0.07
CA TRP C 114 -54.54 -10.92 0.53
C TRP C 114 -55.33 -11.90 -0.33
N ARG C 115 -54.96 -12.00 -1.61
CA ARG C 115 -55.57 -12.98 -2.50
C ARG C 115 -55.02 -14.37 -2.18
N GLY C 116 -55.91 -15.34 -2.03
CA GLY C 116 -55.52 -16.69 -1.68
C GLY C 116 -55.26 -16.92 -0.21
N LEU C 117 -55.17 -15.87 0.60
CA LEU C 117 -54.94 -16.02 2.03
C LEU C 117 -56.23 -16.40 2.74
N SER C 118 -56.08 -17.12 3.85
CA SER C 118 -57.23 -17.65 4.58
C SER C 118 -57.92 -16.55 5.39
N HIS C 119 -59.24 -16.52 5.31
CA HIS C 119 -60.02 -15.55 6.09
C HIS C 119 -59.90 -15.81 7.58
N GLN C 120 -59.86 -17.09 7.98
CA GLN C 120 -59.75 -17.38 9.41
C GLN C 120 -58.38 -17.00 9.96
N VAL C 121 -57.33 -17.11 9.13
CA VAL C 121 -56.00 -16.71 9.58
C VAL C 121 -55.92 -15.20 9.77
N ILE C 122 -56.56 -14.45 8.89
CA ILE C 122 -56.45 -12.99 8.92
C ILE C 122 -57.48 -12.38 9.87
N ALA C 123 -58.72 -12.87 9.87
CA ALA C 123 -59.72 -12.30 10.77
C ALA C 123 -59.38 -12.58 12.23
N SER C 124 -58.62 -13.63 12.51
CA SER C 124 -58.22 -13.94 13.87
C SER C 124 -57.09 -13.04 14.35
N THR C 125 -56.08 -12.82 13.51
CA THR C 125 -54.96 -11.96 13.90
C THR C 125 -55.36 -10.50 13.92
N LEU C 126 -56.31 -10.09 13.07
CA LEU C 126 -56.78 -8.72 13.08
C LEU C 126 -57.76 -8.45 14.22
N SER C 127 -58.42 -9.49 14.73
CA SER C 127 -59.30 -9.30 15.89
C SER C 127 -58.49 -8.98 17.14
N LEU C 128 -57.23 -9.42 17.18
CA LEU C 128 -56.34 -9.10 18.30
C LEU C 128 -55.95 -7.63 18.29
N LEU C 129 -55.93 -6.99 17.12
CA LEU C 129 -55.66 -5.57 16.99
C LEU C 129 -56.92 -4.72 17.19
N ASN C 130 -57.87 -5.19 18.01
CA ASN C 130 -59.09 -4.45 18.25
C ASN C 130 -58.89 -3.27 19.19
N GLY C 131 -57.74 -3.16 19.85
CA GLY C 131 -57.49 -2.01 20.70
C GLY C 131 -57.34 -0.74 19.89
N SER C 132 -57.84 0.35 20.44
CA SER C 132 -57.78 1.65 19.78
C SER C 132 -56.37 2.20 19.66
N GLU C 133 -55.42 1.63 20.41
CA GLU C 133 -54.04 2.12 20.35
C GLU C 133 -53.30 1.61 19.12
N SER C 134 -53.70 0.46 18.58
CA SER C 134 -53.03 -0.09 17.40
C SER C 134 -53.35 0.70 16.14
N ALA C 135 -54.24 1.70 16.21
CA ALA C 135 -54.56 2.49 15.03
C ALA C 135 -53.42 3.44 14.67
N LYS C 136 -52.84 4.11 15.66
CA LYS C 136 -51.80 5.10 15.45
C LYS C 136 -50.45 4.56 15.92
N LEU C 137 -49.38 5.18 15.41
CA LEU C 137 -48.03 4.80 15.79
C LEU C 137 -47.54 5.53 17.03
N PHE C 138 -48.00 6.74 17.28
CA PHE C 138 -47.53 7.57 18.37
C PHE C 138 -48.63 7.77 19.41
N ALA C 139 -48.22 8.34 20.54
CA ALA C 139 -49.13 8.54 21.65
C ALA C 139 -50.20 9.59 21.30
N PRO C 140 -51.39 9.50 21.91
CA PRO C 140 -52.45 10.47 21.67
C PRO C 140 -52.11 11.87 22.16
N CYS C 148 -44.08 18.58 18.83
CA CYS C 148 -43.09 18.40 17.77
C CYS C 148 -42.46 17.00 17.85
N ILE C 149 -42.37 16.33 16.70
CA ILE C 149 -41.87 14.97 16.62
C ILE C 149 -40.75 14.93 15.59
N ARG C 150 -39.55 14.54 16.02
CA ARG C 150 -38.41 14.37 15.12
C ARG C 150 -38.04 12.90 15.09
N CYS C 151 -37.88 12.36 13.88
CA CYS C 151 -37.63 10.94 13.67
C CYS C 151 -36.36 10.77 12.84
N ALA C 152 -35.79 9.57 12.93
CA ALA C 152 -34.54 9.26 12.23
C ALA C 152 -34.58 7.80 11.79
N VAL C 153 -34.81 7.58 10.50
CA VAL C 153 -34.77 6.23 9.95
C VAL C 153 -33.33 5.89 9.61
N VAL C 154 -32.88 4.70 10.04
CA VAL C 154 -31.49 4.28 9.89
C VAL C 154 -31.46 3.08 8.97
N GLY C 155 -30.99 3.27 7.73
CA GLY C 155 -30.78 2.17 6.83
C GLY C 155 -29.50 1.42 7.13
N ASN C 156 -29.37 0.24 6.50
CA ASN C 156 -28.21 -0.62 6.71
C ASN C 156 -27.15 -0.46 5.62
N GLY C 157 -27.12 0.68 4.94
CA GLY C 157 -26.13 0.90 3.90
C GLY C 157 -24.74 1.07 4.45
N GLY C 158 -23.75 0.88 3.57
CA GLY C 158 -22.36 1.01 3.95
C GLY C 158 -21.86 2.43 4.11
N ILE C 159 -22.67 3.42 3.74
CA ILE C 159 -22.26 4.82 3.87
C ILE C 159 -22.08 5.22 5.33
N LEU C 160 -22.68 4.48 6.26
CA LEU C 160 -22.57 4.80 7.67
C LEU C 160 -21.30 4.27 8.33
N ASN C 161 -20.56 3.38 7.66
CA ASN C 161 -19.32 2.86 8.22
C ASN C 161 -18.28 3.97 8.24
N GLY C 162 -17.80 4.32 9.44
CA GLY C 162 -16.88 5.42 9.60
C GLY C 162 -17.52 6.79 9.56
N SER C 163 -18.84 6.88 9.35
CA SER C 163 -19.49 8.18 9.28
C SER C 163 -19.57 8.84 10.65
N ARG C 164 -19.64 8.05 11.72
CA ARG C 164 -19.73 8.56 13.09
C ARG C 164 -20.94 9.48 13.25
N GLN C 165 -22.11 8.96 12.88
CA GLN C 165 -23.37 9.70 12.97
C GLN C 165 -24.19 9.31 14.19
N GLY C 166 -23.65 8.47 15.07
CA GLY C 166 -24.30 8.08 16.29
C GLY C 166 -24.88 9.24 17.08
N PRO C 167 -24.06 10.26 17.36
CA PRO C 167 -24.60 11.46 18.04
C PRO C 167 -25.80 12.07 17.33
N ASN C 168 -25.71 12.30 16.02
CA ASN C 168 -26.84 12.89 15.29
C ASN C 168 -28.03 11.96 15.27
N ILE C 169 -27.80 10.65 15.15
CA ILE C 169 -28.90 9.69 15.13
C ILE C 169 -29.56 9.62 16.50
N ASP C 170 -28.75 9.47 17.55
CA ASP C 170 -29.31 9.41 18.91
C ASP C 170 -29.86 10.77 19.36
N ALA C 171 -29.46 11.86 18.71
CA ALA C 171 -30.01 13.16 19.06
C ALA C 171 -31.51 13.23 18.77
N HIS C 172 -31.97 12.48 17.78
CA HIS C 172 -33.41 12.40 17.51
C HIS C 172 -34.11 11.65 18.64
N ASP C 173 -35.41 11.91 18.77
CA ASP C 173 -36.21 11.30 19.82
C ASP C 173 -36.82 9.97 19.42
N TYR C 174 -36.98 9.72 18.12
CA TYR C 174 -37.48 8.45 17.61
C TYR C 174 -36.51 7.91 16.55
N VAL C 175 -36.14 6.65 16.69
CA VAL C 175 -35.17 6.00 15.80
C VAL C 175 -35.81 4.77 15.19
N PHE C 176 -35.97 4.77 13.87
CA PHE C 176 -36.48 3.64 13.13
C PHE C 176 -35.33 2.78 12.62
N ARG C 177 -35.44 1.46 12.81
CA ARG C 177 -34.45 0.52 12.29
C ARG C 177 -35.18 -0.63 11.60
N LEU C 178 -34.44 -1.33 10.73
CA LEU C 178 -35.06 -2.38 9.94
C LEU C 178 -34.01 -3.41 9.54
N ASN C 179 -34.50 -4.63 9.29
CA ASN C 179 -33.68 -5.72 8.78
C ASN C 179 -32.42 -5.91 9.62
N GLY C 180 -31.29 -6.09 8.94
CA GLY C 180 -30.04 -6.32 9.64
C GLY C 180 -29.57 -5.12 10.44
N ALA C 181 -30.23 -4.83 11.56
CA ALA C 181 -29.88 -3.66 12.37
C ALA C 181 -28.81 -4.06 13.39
N VAL C 182 -27.60 -4.27 12.88
CA VAL C 182 -26.47 -4.63 13.74
C VAL C 182 -26.02 -3.41 14.51
N ILE C 183 -26.06 -3.49 15.84
CA ILE C 183 -25.64 -2.40 16.70
C ILE C 183 -24.34 -2.71 17.44
N LYS C 184 -24.12 -3.95 17.84
CA LYS C 184 -22.91 -4.31 18.57
C LYS C 184 -21.68 -4.07 17.71
N GLY C 185 -20.76 -3.25 18.20
CA GLY C 185 -19.55 -2.94 17.48
C GLY C 185 -19.65 -1.79 16.52
N PHE C 186 -20.79 -1.09 16.47
CA PHE C 186 -20.97 0.04 15.55
C PHE C 186 -21.77 1.16 16.20
N GLU C 187 -21.73 1.26 17.53
CA GLU C 187 -22.56 2.24 18.23
C GLU C 187 -22.18 3.67 17.85
N ARG C 188 -20.88 3.92 17.65
CA ARG C 188 -20.43 5.27 17.35
C ARG C 188 -20.95 5.75 15.99
N ASP C 189 -21.22 4.81 15.07
CA ASP C 189 -21.63 5.18 13.72
C ASP C 189 -23.15 5.24 13.57
N VAL C 190 -23.86 4.22 14.07
CA VAL C 190 -25.30 4.12 13.87
C VAL C 190 -26.10 4.46 15.11
N GLY C 191 -25.50 4.43 16.29
CA GLY C 191 -26.21 4.75 17.52
C GLY C 191 -26.65 3.50 18.27
N THR C 192 -27.39 3.75 19.36
CA THR C 192 -27.90 2.68 20.20
C THR C 192 -29.38 2.82 20.57
N LYS C 193 -29.98 3.99 20.41
CA LYS C 193 -31.40 4.15 20.70
C LYS C 193 -32.24 3.52 19.60
N THR C 194 -33.31 2.84 20.00
CA THR C 194 -34.23 2.20 19.07
C THR C 194 -35.66 2.37 19.57
N SER C 195 -36.54 2.85 18.71
CA SER C 195 -37.95 3.04 19.05
C SER C 195 -38.89 2.19 18.21
N PHE C 196 -38.58 2.01 16.92
CA PHE C 196 -39.38 1.17 16.04
C PHE C 196 -38.46 0.20 15.31
N TYR C 197 -39.02 -0.95 14.93
CA TYR C 197 -38.29 -1.95 14.17
C TYR C 197 -39.24 -2.56 13.14
N GLY C 198 -39.10 -2.13 11.89
CA GLY C 198 -39.90 -2.68 10.82
C GLY C 198 -39.17 -3.81 10.12
N PHE C 199 -39.94 -4.79 9.63
CA PHE C 199 -39.35 -6.00 9.08
C PHE C 199 -40.44 -6.83 8.44
N THR C 200 -40.02 -7.74 7.56
CA THR C 200 -40.81 -8.89 7.18
C THR C 200 -40.23 -10.11 7.90
N VAL C 201 -41.09 -11.09 8.18
CA VAL C 201 -40.64 -12.28 8.88
C VAL C 201 -39.57 -13.00 8.05
N ASN C 202 -39.65 -12.90 6.72
CA ASN C 202 -38.64 -13.52 5.87
C ASN C 202 -37.28 -12.81 6.03
N THR C 203 -37.27 -11.48 5.90
CA THR C 203 -36.00 -10.76 5.96
C THR C 203 -35.40 -10.77 7.36
N MSE C 204 -36.22 -10.77 8.40
CA MSE C 204 -35.73 -10.79 9.78
C MSE C 204 -34.97 -12.09 10.06
O MSE C 204 -33.86 -12.04 10.61
CB MSE C 204 -36.89 -10.65 10.77
CG MSE C 204 -36.47 -10.78 12.23
SE MSE C 204 -37.97 -10.81 13.48
CE MSE C 204 -38.90 -12.39 12.81
N LYS C 205 -35.55 -13.22 9.67
CA LYS C 205 -34.88 -14.49 9.89
C LYS C 205 -33.66 -14.66 8.98
N ASN C 206 -33.69 -14.04 7.80
CA ASN C 206 -32.53 -14.10 6.92
C ASN C 206 -31.37 -13.29 7.49
N SER C 207 -31.65 -12.12 8.05
CA SER C 207 -30.60 -11.31 8.65
C SER C 207 -30.05 -11.94 9.92
N LEU C 208 -30.85 -12.75 10.61
CA LEU C 208 -30.38 -13.45 11.80
C LEU C 208 -29.53 -14.67 11.47
N VAL C 209 -29.57 -15.13 10.23
CA VAL C 209 -28.79 -16.29 9.80
C VAL C 209 -27.49 -15.88 9.12
N SER C 210 -27.57 -14.91 8.20
CA SER C 210 -26.40 -14.49 7.43
C SER C 210 -25.58 -13.40 8.12
N TYR C 211 -26.14 -12.74 9.14
CA TYR C 211 -25.42 -11.70 9.87
C TYR C 211 -25.26 -12.04 11.35
N TRP C 212 -25.30 -13.33 11.70
CA TRP C 212 -25.15 -13.71 13.10
C TRP C 212 -23.73 -13.46 13.60
N ASN C 213 -22.73 -13.88 12.83
CA ASN C 213 -21.33 -13.71 13.20
C ASN C 213 -20.81 -12.29 12.97
N LEU C 214 -21.70 -11.32 12.75
CA LEU C 214 -21.32 -9.93 12.59
C LEU C 214 -21.88 -9.04 13.69
N GLY C 215 -22.59 -9.59 14.67
CA GLY C 215 -23.15 -8.85 15.78
C GLY C 215 -24.65 -8.98 15.92
N PHE C 216 -25.34 -9.27 14.81
CA PHE C 216 -26.80 -9.36 14.80
C PHE C 216 -27.20 -10.72 15.36
N THR C 217 -27.18 -10.82 16.69
CA THR C 217 -27.59 -12.02 17.40
C THR C 217 -29.05 -11.99 17.84
N SER C 218 -29.70 -10.82 17.74
CA SER C 218 -31.11 -10.69 18.10
C SER C 218 -31.60 -9.34 17.58
N VAL C 219 -32.89 -9.26 17.30
CA VAL C 219 -33.51 -8.03 16.83
C VAL C 219 -33.46 -7.01 17.97
N PRO C 220 -33.48 -5.71 17.69
CA PRO C 220 -33.39 -4.72 18.78
C PRO C 220 -34.62 -4.77 19.68
N GLN C 221 -34.38 -4.97 20.97
CA GLN C 221 -35.44 -4.99 21.97
C GLN C 221 -35.37 -3.74 22.83
N GLY C 222 -36.53 -3.26 23.26
CA GLY C 222 -36.59 -2.07 24.09
C GLY C 222 -37.82 -2.07 24.96
N GLN C 223 -37.83 -1.14 25.93
CA GLN C 223 -38.96 -1.01 26.85
C GLN C 223 -40.22 -0.61 26.10
N ASP C 224 -40.30 0.64 25.67
CA ASP C 224 -41.42 1.14 24.89
C ASP C 224 -41.22 0.98 23.39
N LEU C 225 -40.32 0.09 22.97
CA LEU C 225 -40.06 -0.14 21.57
C LEU C 225 -41.18 -0.95 20.93
N GLN C 226 -41.60 -0.53 19.74
CA GLN C 226 -42.69 -1.17 19.02
C GLN C 226 -42.17 -1.80 17.73
N TYR C 227 -42.73 -2.95 17.39
CA TYR C 227 -42.38 -3.65 16.16
C TYR C 227 -43.45 -3.40 15.10
N ILE C 228 -42.99 -3.22 13.86
CA ILE C 228 -43.88 -2.95 12.74
C ILE C 228 -43.77 -4.11 11.75
N PHE C 229 -44.88 -4.82 11.55
CA PHE C 229 -44.93 -5.92 10.61
C PHE C 229 -45.32 -5.41 9.23
N ILE C 230 -44.87 -6.12 8.21
CA ILE C 230 -45.22 -5.85 6.81
C ILE C 230 -46.09 -7.00 6.32
N PRO C 231 -47.33 -6.76 5.93
CA PRO C 231 -48.24 -7.86 5.54
C PRO C 231 -47.96 -8.39 4.15
N SER C 232 -46.75 -8.91 3.95
CA SER C 232 -46.32 -9.40 2.65
C SER C 232 -46.56 -10.89 2.44
N ASP C 233 -46.89 -11.64 3.49
CA ASP C 233 -47.10 -13.08 3.36
C ASP C 233 -47.91 -13.55 4.56
N ILE C 234 -48.36 -14.80 4.49
CA ILE C 234 -49.10 -15.39 5.61
C ILE C 234 -48.20 -15.54 6.82
N ARG C 235 -46.89 -15.73 6.60
CA ARG C 235 -45.95 -15.84 7.72
C ARG C 235 -45.98 -14.59 8.59
N ASP C 236 -46.17 -13.42 7.96
CA ASP C 236 -46.23 -12.17 8.73
C ASP C 236 -47.48 -12.12 9.59
N TYR C 237 -48.61 -12.58 9.05
CA TYR C 237 -49.86 -12.59 9.83
C TYR C 237 -49.81 -13.64 10.93
N VAL C 238 -49.33 -14.84 10.61
CA VAL C 238 -49.25 -15.90 11.62
C VAL C 238 -48.30 -15.52 12.74
N MSE C 239 -47.15 -14.94 12.39
CA MSE C 239 -46.19 -14.49 13.38
C MSE C 239 -46.76 -13.39 14.25
O MSE C 239 -46.46 -13.30 15.44
CB MSE C 239 -44.89 -14.01 12.72
CG MSE C 239 -43.78 -13.69 13.70
SE MSE C 239 -43.04 -15.31 14.47
CE MSE C 239 -42.57 -14.64 16.23
N LEU C 240 -47.58 -12.53 13.63
CA LEU C 240 -48.20 -11.43 14.37
C LEU C 240 -49.23 -11.96 15.36
N ARG C 241 -50.00 -12.97 14.96
CA ARG C 241 -51.01 -13.53 15.86
C ARG C 241 -50.35 -14.18 17.07
N SER C 242 -49.34 -15.03 16.83
CA SER C 242 -48.65 -15.69 17.93
C SER C 242 -47.89 -14.71 18.80
N ALA C 243 -47.48 -13.57 18.25
CA ALA C 243 -46.72 -12.60 19.04
C ALA C 243 -47.58 -12.00 20.15
N ILE C 244 -48.85 -11.70 19.85
CA ILE C 244 -49.71 -11.12 20.86
C ILE C 244 -50.19 -12.19 21.85
N LEU C 245 -50.44 -13.40 21.36
CA LEU C 245 -50.96 -14.45 22.21
C LEU C 245 -49.90 -15.09 23.10
N GLY C 246 -48.63 -15.00 22.74
CA GLY C 246 -47.55 -15.60 23.49
C GLY C 246 -47.29 -17.06 23.17
N VAL C 247 -48.31 -17.78 22.73
CA VAL C 247 -48.13 -19.18 22.32
C VAL C 247 -47.23 -19.22 21.08
N PRO C 248 -46.29 -20.14 20.98
CA PRO C 248 -45.44 -20.20 19.78
C PRO C 248 -46.26 -20.43 18.53
N VAL C 249 -45.68 -20.04 17.39
CA VAL C 249 -46.34 -20.11 16.09
C VAL C 249 -46.71 -21.57 15.81
N PRO C 250 -47.99 -21.89 15.61
CA PRO C 250 -48.41 -23.28 15.54
C PRO C 250 -48.44 -23.89 14.15
N GLU C 251 -48.19 -23.13 13.09
CA GLU C 251 -48.30 -23.66 11.73
C GLU C 251 -47.44 -22.79 10.81
N GLY C 252 -47.52 -23.07 9.51
CA GLY C 252 -46.77 -22.31 8.54
C GLY C 252 -45.33 -22.76 8.42
N LEU C 253 -44.55 -21.95 7.69
CA LEU C 253 -43.14 -22.26 7.47
C LEU C 253 -42.26 -21.95 8.67
N ASP C 254 -42.83 -21.36 9.72
CA ASP C 254 -42.06 -20.97 10.89
C ASP C 254 -42.52 -21.72 12.14
N LYS C 255 -43.23 -22.83 11.98
CA LYS C 255 -43.79 -23.57 13.10
C LYS C 255 -42.70 -23.96 14.09
N GLY C 256 -42.80 -23.45 15.31
CA GLY C 256 -41.86 -23.79 16.36
C GLY C 256 -41.21 -22.60 17.04
N ASP C 257 -41.13 -21.48 16.33
CA ASP C 257 -40.46 -20.31 16.87
C ASP C 257 -41.27 -19.70 18.02
N ARG C 258 -40.55 -19.14 18.99
CA ARG C 258 -41.21 -18.47 20.11
C ARG C 258 -41.17 -16.97 19.92
N PRO C 259 -42.32 -16.29 19.97
CA PRO C 259 -42.30 -14.83 19.83
C PRO C 259 -41.48 -14.12 20.90
N HIS C 260 -41.39 -14.70 22.10
CA HIS C 260 -40.59 -14.09 23.15
C HIS C 260 -39.09 -14.18 22.88
N ALA C 261 -38.67 -15.10 22.01
CA ALA C 261 -37.26 -15.19 21.66
C ALA C 261 -36.84 -13.99 20.81
N TYR C 262 -37.70 -13.56 19.89
CA TYR C 262 -37.38 -12.41 19.05
C TYR C 262 -37.73 -11.10 19.77
N PHE C 263 -38.96 -10.96 20.23
CA PHE C 263 -39.50 -9.68 20.64
C PHE C 263 -39.53 -9.46 22.14
N GLY C 264 -38.98 -10.38 22.93
CA GLY C 264 -38.83 -10.17 24.34
C GLY C 264 -40.04 -10.57 25.16
N PRO C 265 -40.12 -10.07 26.40
CA PRO C 265 -41.13 -10.56 27.34
C PRO C 265 -42.56 -10.14 27.00
N GLU C 266 -42.81 -8.85 26.86
CA GLU C 266 -44.17 -8.35 26.72
C GLU C 266 -44.81 -8.87 25.43
N ALA C 267 -46.10 -9.18 25.51
CA ALA C 267 -46.88 -9.72 24.39
C ALA C 267 -48.27 -9.10 24.43
N SER C 268 -48.35 -7.79 24.20
CA SER C 268 -49.60 -7.07 24.17
C SER C 268 -49.82 -6.46 22.80
N ALA C 269 -51.08 -6.06 22.54
CA ALA C 269 -51.42 -5.45 21.26
C ALA C 269 -50.76 -4.08 21.09
N SER C 270 -50.32 -3.45 22.18
CA SER C 270 -49.62 -2.18 22.09
C SER C 270 -48.16 -2.34 21.70
N LYS C 271 -47.64 -3.57 21.66
CA LYS C 271 -46.25 -3.82 21.35
C LYS C 271 -46.02 -4.05 19.86
N PHE C 272 -47.01 -4.59 19.15
CA PHE C 272 -46.88 -4.95 17.74
C PHE C 272 -47.89 -4.16 16.92
N LYS C 273 -47.41 -3.56 15.84
CA LYS C 273 -48.25 -2.82 14.90
C LYS C 273 -48.16 -3.45 13.51
N LEU C 274 -49.20 -3.25 12.72
CA LEU C 274 -49.29 -3.79 11.38
C LEU C 274 -49.44 -2.66 10.37
N LEU C 275 -48.69 -2.75 9.27
CA LEU C 275 -48.76 -1.74 8.23
C LEU C 275 -49.98 -1.98 7.34
N HIS C 276 -50.67 -0.91 6.99
CA HIS C 276 -51.93 -1.04 6.26
C HIS C 276 -51.65 -1.37 4.81
N PRO C 277 -52.23 -2.45 4.27
CA PRO C 277 -51.97 -2.79 2.86
C PRO C 277 -52.37 -1.70 1.89
N ASP C 278 -53.40 -0.91 2.20
CA ASP C 278 -53.74 0.23 1.35
C ASP C 278 -52.71 1.35 1.46
N PHE C 279 -51.96 1.41 2.57
CA PHE C 279 -50.89 2.39 2.69
C PHE C 279 -49.70 2.01 1.82
N ILE C 280 -49.43 0.72 1.66
CA ILE C 280 -48.31 0.28 0.83
C ILE C 280 -48.65 0.45 -0.65
N SER C 281 -49.90 0.14 -1.02
CA SER C 281 -50.32 0.33 -2.41
C SER C 281 -50.26 1.80 -2.81
N TYR C 282 -50.60 2.69 -1.87
CA TYR C 282 -50.57 4.12 -2.16
C TYR C 282 -49.15 4.64 -2.28
N LEU C 283 -48.21 4.05 -1.54
CA LEU C 283 -46.80 4.43 -1.72
C LEU C 283 -46.25 3.90 -3.03
N THR C 284 -46.58 2.66 -3.37
CA THR C 284 -46.13 2.09 -4.64
C THR C 284 -46.80 2.76 -5.83
N GLU C 285 -47.96 3.39 -5.64
CA GLU C 285 -48.68 4.03 -6.74
C GLU C 285 -48.30 5.49 -6.93
N ARG C 286 -48.05 6.21 -5.84
CA ARG C 286 -47.78 7.64 -5.91
C ARG C 286 -46.30 8.00 -5.86
N PHE C 287 -45.48 7.16 -5.23
CA PHE C 287 -44.08 7.51 -4.98
C PHE C 287 -43.07 6.62 -5.68
N LEU C 288 -43.32 5.31 -5.73
CA LEU C 288 -42.32 4.37 -6.21
C LEU C 288 -42.93 3.34 -7.17
N LYS C 289 -43.55 3.84 -8.25
CA LYS C 289 -44.06 2.97 -9.31
C LYS C 289 -43.00 2.84 -10.38
N SER C 290 -42.35 1.68 -10.44
CA SER C 290 -41.24 1.46 -11.35
C SER C 290 -41.74 0.87 -12.67
N LYS C 291 -40.82 0.70 -13.61
CA LYS C 291 -41.08 0.00 -14.85
C LYS C 291 -40.81 -1.49 -14.73
N LEU C 292 -40.59 -1.99 -13.52
CA LEU C 292 -40.30 -3.40 -13.26
C LEU C 292 -41.55 -4.18 -12.85
N ILE C 293 -42.71 -3.81 -13.41
CA ILE C 293 -43.98 -4.43 -13.04
C ILE C 293 -44.41 -5.31 -14.20
N ASN C 294 -44.36 -6.63 -14.00
CA ASN C 294 -44.76 -7.58 -15.02
C ASN C 294 -46.20 -8.04 -14.80
N LEU C 300 -43.54 -10.39 -8.81
CA LEU C 300 -44.17 -9.21 -8.21
C LEU C 300 -43.11 -8.22 -7.75
N TYR C 301 -43.50 -6.94 -7.65
CA TYR C 301 -42.62 -5.87 -7.23
C TYR C 301 -43.19 -5.18 -6.00
N MSE C 302 -42.30 -4.78 -5.09
CA MSE C 302 -42.69 -4.00 -3.92
C MSE C 302 -41.53 -3.15 -3.44
O MSE C 302 -40.37 -3.50 -3.67
CB MSE C 302 -43.18 -4.93 -2.80
CG MSE C 302 -42.09 -5.75 -2.15
SE MSE C 302 -42.69 -6.61 -0.51
CE MSE C 302 -41.02 -7.50 -0.01
N PRO C 303 -41.83 -2.02 -2.79
CA PRO C 303 -40.76 -1.17 -2.28
C PRO C 303 -39.92 -1.87 -1.22
N SER C 304 -38.68 -1.42 -1.08
CA SER C 304 -37.79 -2.00 -0.10
C SER C 304 -38.29 -1.71 1.31
N THR C 305 -37.82 -2.54 2.26
CA THR C 305 -38.24 -2.37 3.64
C THR C 305 -37.78 -1.02 4.20
N GLY C 306 -36.61 -0.55 3.78
CA GLY C 306 -36.16 0.76 4.22
C GLY C 306 -37.01 1.88 3.66
N ALA C 307 -37.40 1.78 2.39
CA ALA C 307 -38.26 2.79 1.78
C ALA C 307 -39.65 2.78 2.41
N LEU C 308 -40.12 1.61 2.85
CA LEU C 308 -41.41 1.53 3.51
C LEU C 308 -41.37 2.19 4.89
N MSE C 309 -40.21 2.17 5.54
CA MSE C 309 -40.07 2.78 6.86
C MSE C 309 -39.89 4.29 6.77
O MSE C 309 -40.43 5.04 7.57
CB MSE C 309 -38.91 2.16 7.61
CG MSE C 309 -39.12 0.70 7.96
SE MSE C 309 -40.63 0.44 9.17
CE MSE C 309 -39.74 0.96 10.82
N LEU C 310 -39.11 4.72 5.77
CA LEU C 310 -38.89 6.15 5.57
C LEU C 310 -40.19 6.85 5.21
N LEU C 311 -40.96 6.29 4.28
CA LEU C 311 -42.22 6.91 3.90
C LEU C 311 -43.26 6.81 5.00
N THR C 312 -43.20 5.75 5.82
CA THR C 312 -44.12 5.66 6.95
C THR C 312 -43.83 6.76 7.97
N ALA C 313 -42.57 6.94 8.34
CA ALA C 313 -42.18 8.06 9.19
C ALA C 313 -42.41 9.40 8.51
N LEU C 314 -42.41 9.43 7.17
CA LEU C 314 -42.73 10.67 6.46
C LEU C 314 -44.19 11.06 6.65
N HIS C 315 -45.07 10.10 6.90
CA HIS C 315 -46.49 10.36 7.07
C HIS C 315 -46.92 10.45 8.54
N THR C 316 -46.05 10.07 9.48
CA THR C 316 -46.43 10.03 10.88
C THR C 316 -45.64 10.98 11.77
N CYS C 317 -44.45 11.40 11.36
CA CYS C 317 -43.65 12.31 12.16
C CYS C 317 -43.80 13.74 11.65
N ASP C 318 -43.16 14.67 12.35
CA ASP C 318 -43.10 16.07 11.94
C ASP C 318 -41.74 16.47 11.40
N GLN C 319 -40.79 15.53 11.34
CA GLN C 319 -39.45 15.74 10.81
C GLN C 319 -38.74 14.39 10.79
N VAL C 320 -38.05 14.10 9.69
CA VAL C 320 -37.39 12.83 9.51
C VAL C 320 -36.03 13.06 8.87
N SER C 321 -35.03 12.31 9.32
CA SER C 321 -33.67 12.37 8.78
C SER C 321 -33.23 10.96 8.40
N ALA C 322 -32.82 10.78 7.15
CA ALA C 322 -32.43 9.47 6.65
C ALA C 322 -30.93 9.24 6.84
N TYR C 323 -30.59 8.03 7.28
CA TYR C 323 -29.20 7.63 7.47
C TYR C 323 -29.00 6.23 6.91
N GLY C 324 -27.89 6.04 6.19
CA GLY C 324 -27.60 4.73 5.63
C GLY C 324 -28.45 4.34 4.44
N PHE C 325 -29.10 5.30 3.81
CA PHE C 325 -29.93 5.00 2.64
C PHE C 325 -29.12 5.12 1.36
N ILE C 326 -29.66 4.52 0.30
CA ILE C 326 -28.95 4.45 -0.97
C ILE C 326 -28.86 5.85 -1.58
N THR C 327 -27.64 6.29 -1.86
CA THR C 327 -27.38 7.61 -2.41
C THR C 327 -26.67 7.47 -3.76
N SER C 328 -26.40 8.61 -4.38
CA SER C 328 -25.74 8.59 -5.69
C SER C 328 -24.32 8.04 -5.59
N ASN C 329 -23.63 8.33 -4.48
CA ASN C 329 -22.27 7.82 -4.26
C ASN C 329 -22.27 6.53 -3.45
N TYR C 330 -23.25 5.66 -3.70
CA TYR C 330 -23.29 4.35 -3.04
C TYR C 330 -22.01 3.56 -3.26
N TRP C 331 -21.40 3.71 -4.43
CA TRP C 331 -20.28 2.88 -4.86
C TRP C 331 -19.03 3.11 -4.03
N LYS C 332 -18.91 4.26 -3.38
CA LYS C 332 -17.72 4.56 -2.58
C LYS C 332 -17.63 3.71 -1.32
N PHE C 333 -18.70 3.02 -0.93
CA PHE C 333 -18.75 2.30 0.33
C PHE C 333 -19.21 0.88 0.09
N SER C 334 -19.09 0.06 1.14
CA SER C 334 -19.52 -1.33 1.06
C SER C 334 -21.04 -1.41 0.98
N ASP C 335 -21.53 -2.63 0.78
CA ASP C 335 -22.97 -2.83 0.66
C ASP C 335 -23.68 -2.53 1.99
N HIS C 336 -23.13 -3.04 3.09
CA HIS C 336 -23.66 -2.78 4.42
C HIS C 336 -22.55 -2.29 5.33
N TYR C 337 -22.92 -1.55 6.37
CA TYR C 337 -21.93 -0.97 7.27
C TYR C 337 -21.29 -2.00 8.19
N PHE C 338 -21.64 -3.28 8.07
CA PHE C 338 -21.01 -4.35 8.84
C PHE C 338 -20.35 -5.39 7.93
N GLU C 339 -19.97 -4.99 6.72
CA GLU C 339 -19.31 -5.88 5.77
C GLU C 339 -17.90 -6.23 6.21
N TYR C 348 -31.99 -8.91 -3.05
CA TYR C 348 -32.44 -10.20 -3.56
C TYR C 348 -33.83 -10.10 -4.18
N ALA C 349 -34.71 -9.36 -3.52
CA ALA C 349 -36.09 -9.20 -3.98
C ALA C 349 -36.16 -8.19 -5.12
N ASN C 350 -37.36 -7.97 -5.62
CA ASN C 350 -37.59 -7.09 -6.77
C ASN C 350 -37.78 -5.66 -6.27
N HIS C 351 -36.70 -4.89 -6.27
CA HIS C 351 -36.73 -3.49 -5.85
C HIS C 351 -36.07 -2.62 -6.91
N ASP C 352 -36.45 -1.34 -6.91
CA ASP C 352 -35.87 -0.34 -7.80
C ASP C 352 -35.02 0.59 -6.95
N LEU C 353 -33.75 0.19 -6.74
CA LEU C 353 -32.86 0.97 -5.89
C LEU C 353 -32.64 2.38 -6.45
N SER C 354 -32.59 2.51 -7.78
CA SER C 354 -32.35 3.82 -8.36
C SER C 354 -33.56 4.74 -8.19
N LEU C 355 -34.77 4.19 -8.31
CA LEU C 355 -35.95 5.01 -8.08
C LEU C 355 -36.04 5.45 -6.63
N GLU C 356 -35.73 4.56 -5.70
CA GLU C 356 -35.75 4.92 -4.29
C GLU C 356 -34.66 5.93 -3.97
N ALA C 357 -33.46 5.74 -4.52
CA ALA C 357 -32.39 6.72 -4.31
C ALA C 357 -32.78 8.08 -4.87
N ALA C 358 -33.43 8.10 -6.04
CA ALA C 358 -33.90 9.36 -6.60
C ALA C 358 -35.06 9.93 -5.82
N LEU C 359 -35.84 9.07 -5.15
CA LEU C 359 -36.94 9.56 -4.32
C LEU C 359 -36.40 10.33 -3.12
N TRP C 360 -35.31 9.87 -2.52
CA TRP C 360 -34.69 10.61 -1.43
C TRP C 360 -33.94 11.84 -1.92
N ARG C 361 -33.58 11.89 -3.20
CA ARG C 361 -32.98 13.10 -3.76
C ARG C 361 -34.02 14.18 -3.96
N ASP C 362 -35.16 13.83 -4.57
CA ASP C 362 -36.21 14.83 -4.79
C ASP C 362 -36.86 15.26 -3.48
N LEU C 363 -36.96 14.35 -2.52
CA LEU C 363 -37.49 14.73 -1.21
C LEU C 363 -36.53 15.67 -0.48
N HIS C 364 -35.23 15.53 -0.71
CA HIS C 364 -34.26 16.41 -0.07
C HIS C 364 -34.25 17.80 -0.70
N LYS C 365 -34.56 17.89 -2.00
CA LYS C 365 -34.58 19.19 -2.67
C LYS C 365 -35.77 20.03 -2.21
N ALA C 366 -36.92 19.39 -1.98
CA ALA C 366 -38.12 20.10 -1.57
C ALA C 366 -38.12 20.48 -0.09
N GLY C 367 -37.05 20.18 0.64
CA GLY C 367 -37.01 20.48 2.06
C GLY C 367 -37.96 19.64 2.88
N ILE C 368 -38.27 18.43 2.44
CA ILE C 368 -39.21 17.55 3.13
C ILE C 368 -38.43 16.48 3.88
N LEU C 369 -37.26 16.13 3.38
CA LEU C 369 -36.44 15.06 3.95
C LEU C 369 -35.02 15.53 4.14
N GLN C 370 -34.45 15.21 5.31
CA GLN C 370 -33.06 15.52 5.63
C GLN C 370 -32.21 14.29 5.31
N LEU C 371 -31.80 14.18 4.04
CA LEU C 371 -31.02 13.05 3.58
C LEU C 371 -29.55 13.26 3.90
N TYR C 372 -28.95 12.30 4.60
CA TYR C 372 -27.54 12.38 4.93
C TYR C 372 -26.70 11.83 3.78
N GLN C 373 -25.71 12.62 3.35
CA GLN C 373 -24.81 12.23 2.28
C GLN C 373 -23.38 12.59 2.68
N ARG C 374 -22.42 12.05 1.92
CA ARG C 374 -21.01 12.41 2.09
C ARG C 374 -20.20 11.94 0.90
N CYS D 66 24.23 -9.08 -16.43
CA CYS D 66 23.37 -9.96 -15.65
C CYS D 66 24.16 -10.55 -14.47
N ARG D 67 25.03 -11.51 -14.77
CA ARG D 67 25.83 -12.22 -13.77
C ARG D 67 26.81 -11.33 -13.02
N HIS D 68 26.98 -10.05 -13.41
CA HIS D 68 27.86 -9.18 -12.61
C HIS D 68 27.47 -7.71 -12.69
N LEU D 69 26.26 -7.37 -13.11
CA LEU D 69 25.79 -5.99 -13.17
C LEU D 69 25.33 -5.47 -11.81
N LEU D 70 25.76 -6.12 -10.73
CA LEU D 70 25.46 -5.70 -9.36
C LEU D 70 26.69 -5.21 -8.63
N HIS D 71 27.77 -6.00 -8.63
CA HIS D 71 29.02 -5.57 -8.00
C HIS D 71 29.62 -4.35 -8.68
N LEU D 72 29.24 -4.09 -9.93
CA LEU D 72 29.72 -2.89 -10.62
C LEU D 72 29.16 -1.64 -9.98
N ALA D 73 27.88 -1.66 -9.59
CA ALA D 73 27.30 -0.52 -8.90
C ALA D 73 27.93 -0.30 -7.53
N ILE D 74 28.45 -1.37 -6.92
CA ILE D 74 29.16 -1.22 -5.66
C ILE D 74 30.50 -0.53 -5.88
N GLN D 75 31.10 -0.69 -7.06
CA GLN D 75 32.37 -0.05 -7.36
C GLN D 75 32.19 1.41 -7.75
N ARG D 76 31.08 1.73 -8.45
CA ARG D 76 30.86 3.09 -8.91
C ARG D 76 30.56 4.05 -7.77
N HIS D 77 30.15 3.55 -6.61
CA HIS D 77 29.89 4.39 -5.46
C HIS D 77 30.95 4.15 -4.40
N PRO D 78 31.65 5.19 -3.93
CA PRO D 78 32.75 4.97 -2.98
C PRO D 78 32.28 4.59 -1.58
N HIS D 79 31.04 4.86 -1.21
CA HIS D 79 30.56 4.53 0.12
C HIS D 79 30.47 3.02 0.31
N PHE D 80 29.70 2.34 -0.53
CA PHE D 80 29.53 0.90 -0.42
C PHE D 80 30.73 0.12 -0.95
N ARG D 81 31.69 0.77 -1.60
CA ARG D 81 32.88 0.06 -2.05
C ARG D 81 33.74 -0.35 -0.87
N GLY D 82 33.92 0.53 0.11
CA GLY D 82 34.69 0.21 1.30
C GLY D 82 33.81 -0.23 2.45
N LEU D 83 32.71 -0.91 2.13
CA LEU D 83 31.78 -1.37 3.14
C LEU D 83 31.43 -2.84 2.92
N PHE D 84 31.46 -3.26 1.66
CA PHE D 84 31.20 -4.65 1.28
C PHE D 84 32.52 -5.43 1.28
N ASN D 85 32.59 -6.48 2.08
CA ASN D 85 33.73 -7.40 2.10
C ASN D 85 33.20 -8.74 1.60
N LEU D 86 33.28 -8.96 0.29
CA LEU D 86 32.75 -10.16 -0.34
C LEU D 86 33.65 -11.39 -0.15
N SER D 87 34.54 -11.38 0.84
CA SER D 87 35.39 -12.53 1.13
C SER D 87 35.16 -13.12 2.51
N ILE D 88 34.46 -12.43 3.40
CA ILE D 88 34.15 -12.99 4.72
C ILE D 88 33.16 -14.13 4.57
N PRO D 89 33.35 -15.26 5.25
CA PRO D 89 32.41 -16.38 5.08
C PRO D 89 31.01 -16.01 5.55
N VAL D 90 30.03 -16.38 4.73
CA VAL D 90 28.63 -16.14 5.06
C VAL D 90 28.04 -17.25 5.90
N LEU D 91 28.46 -18.50 5.69
CA LEU D 91 27.90 -19.66 6.36
C LEU D 91 28.96 -20.32 7.24
N LEU D 92 28.53 -20.83 8.39
CA LEU D 92 29.39 -21.56 9.30
C LEU D 92 29.17 -23.05 9.11
N TRP D 93 30.26 -23.82 9.16
CA TRP D 93 30.18 -25.25 8.92
C TRP D 93 31.36 -25.93 9.63
N GLY D 94 31.64 -27.17 9.25
CA GLY D 94 32.64 -27.99 9.93
C GLY D 94 34.09 -27.54 9.81
N ASP D 95 34.60 -27.33 8.59
CA ASP D 95 36.01 -26.98 8.37
C ASP D 95 36.39 -25.60 8.91
N LEU D 96 35.47 -24.89 9.55
CA LEU D 96 35.76 -23.60 10.17
C LEU D 96 35.77 -23.66 11.69
N PHE D 97 35.27 -24.74 12.28
CA PHE D 97 35.19 -24.86 13.74
C PHE D 97 36.56 -25.32 14.26
N THR D 98 37.42 -24.34 14.54
CA THR D 98 38.75 -24.56 15.07
C THR D 98 38.82 -24.17 16.53
N PRO D 99 39.84 -24.63 17.27
CA PRO D 99 40.00 -24.15 18.65
C PRO D 99 40.13 -22.64 18.75
N ALA D 100 40.71 -21.99 17.74
CA ALA D 100 40.81 -20.54 17.77
C ALA D 100 39.42 -19.89 17.66
N LEU D 101 38.57 -20.40 16.76
CA LEU D 101 37.23 -19.85 16.62
C LEU D 101 36.40 -20.08 17.89
N TRP D 102 36.68 -21.15 18.62
CA TRP D 102 35.93 -21.39 19.85
C TRP D 102 36.29 -20.38 20.93
N ASP D 103 37.57 -20.05 21.07
CA ASP D 103 37.98 -19.10 22.09
C ASP D 103 37.44 -17.70 21.79
N ARG D 104 37.48 -17.28 20.53
CA ARG D 104 37.01 -15.94 20.17
C ARG D 104 35.50 -15.81 20.40
N LEU D 105 34.71 -16.68 19.77
CA LEU D 105 33.27 -16.56 19.85
C LEU D 105 32.71 -16.90 21.22
N SER D 106 33.51 -17.47 22.11
CA SER D 106 33.08 -17.70 23.49
C SER D 106 33.17 -16.44 24.34
N GLN D 107 33.64 -15.33 23.79
CA GLN D 107 33.65 -14.05 24.47
C GLN D 107 32.55 -13.13 23.98
N HIS D 108 31.58 -13.67 23.23
CA HIS D 108 30.48 -12.88 22.69
C HIS D 108 29.18 -13.64 22.89
N LYS D 109 28.23 -13.01 23.58
CA LYS D 109 26.88 -13.53 23.69
C LYS D 109 26.16 -13.28 22.36
N ALA D 110 24.82 -13.41 22.36
CA ALA D 110 24.00 -12.99 21.23
C ALA D 110 24.34 -13.81 19.98
N PRO D 111 23.77 -13.51 18.80
CA PRO D 111 24.21 -14.24 17.58
C PRO D 111 25.58 -13.83 17.08
N TYR D 112 26.35 -13.11 17.89
CA TYR D 112 27.69 -12.68 17.51
C TYR D 112 28.76 -13.66 17.98
N GLY D 113 28.39 -14.69 18.73
CA GLY D 113 29.31 -15.68 19.23
C GLY D 113 28.56 -16.79 19.94
N TRP D 114 29.10 -17.26 21.07
CA TRP D 114 28.41 -18.23 21.90
C TRP D 114 28.96 -18.27 23.32
N ARG D 115 29.00 -17.11 23.98
CA ARG D 115 29.42 -17.07 25.37
C ARG D 115 28.37 -17.72 26.25
N GLY D 116 28.83 -18.53 27.20
CA GLY D 116 27.93 -19.24 28.08
C GLY D 116 27.25 -20.45 27.47
N LEU D 117 27.55 -20.77 26.21
CA LEU D 117 26.98 -21.94 25.55
C LEU D 117 27.91 -23.13 25.69
N SER D 118 27.32 -24.33 25.72
CA SER D 118 28.06 -25.55 25.97
C SER D 118 28.83 -25.97 24.72
N HIS D 119 30.11 -26.32 24.91
CA HIS D 119 30.91 -26.83 23.80
C HIS D 119 30.32 -28.12 23.25
N GLN D 120 29.79 -28.98 24.14
CA GLN D 120 29.17 -30.21 23.68
C GLN D 120 27.97 -29.94 22.78
N VAL D 121 27.21 -28.89 23.08
CA VAL D 121 26.01 -28.59 22.30
C VAL D 121 26.39 -28.07 20.92
N ILE D 122 27.47 -27.30 20.82
CA ILE D 122 27.84 -26.66 19.57
C ILE D 122 28.77 -27.54 18.74
N ALA D 123 29.74 -28.18 19.38
CA ALA D 123 30.66 -29.06 18.64
C ALA D 123 29.93 -30.29 18.08
N SER D 124 28.78 -30.64 18.65
CA SER D 124 28.01 -31.76 18.11
C SER D 124 27.20 -31.35 16.89
N THR D 125 26.53 -30.20 16.95
CA THR D 125 25.72 -29.79 15.81
C THR D 125 26.57 -29.29 14.66
N LEU D 126 27.72 -28.68 14.95
CA LEU D 126 28.61 -28.21 13.89
C LEU D 126 29.35 -29.35 13.19
N SER D 127 29.52 -30.48 13.87
CA SER D 127 30.16 -31.63 13.21
C SER D 127 29.26 -32.25 12.16
N LEU D 128 27.94 -32.09 12.32
CA LEU D 128 26.99 -32.56 11.32
C LEU D 128 27.08 -31.78 10.01
N LEU D 129 27.56 -30.53 10.07
CA LEU D 129 27.75 -29.71 8.87
C LEU D 129 29.13 -29.90 8.25
N ASN D 130 29.69 -31.11 8.31
CA ASN D 130 31.01 -31.37 7.76
C ASN D 130 31.00 -31.50 6.24
N GLY D 131 29.84 -31.45 5.60
CA GLY D 131 29.78 -31.55 4.16
C GLY D 131 30.26 -30.27 3.49
N SER D 132 30.92 -30.44 2.34
CA SER D 132 31.42 -29.28 1.60
C SER D 132 30.30 -28.45 1.00
N GLU D 133 29.10 -29.03 0.86
CA GLU D 133 27.99 -28.29 0.28
C GLU D 133 27.43 -27.24 1.25
N SER D 134 27.56 -27.48 2.55
CA SER D 134 27.05 -26.55 3.56
C SER D 134 27.88 -25.28 3.68
N ALA D 135 28.99 -25.17 2.93
CA ALA D 135 29.84 -23.99 3.02
C ALA D 135 29.26 -22.81 2.23
N LYS D 136 28.50 -23.09 1.18
CA LYS D 136 27.93 -22.06 0.32
C LYS D 136 26.40 -22.20 0.29
N LEU D 137 25.75 -21.18 -0.26
CA LEU D 137 24.30 -21.17 -0.34
C LEU D 137 23.78 -21.76 -1.66
N PHE D 138 24.47 -21.49 -2.76
CA PHE D 138 24.02 -21.90 -4.08
C PHE D 138 24.84 -23.07 -4.59
N ALA D 139 24.41 -23.60 -5.74
CA ALA D 139 25.03 -24.77 -6.32
C ALA D 139 26.45 -24.44 -6.79
N PRO D 140 27.35 -25.44 -6.83
CA PRO D 140 28.73 -25.22 -7.30
C PRO D 140 28.79 -24.86 -8.78
N CYS D 148 24.09 -16.22 -14.17
CA CYS D 148 23.34 -15.11 -13.62
C CYS D 148 22.33 -15.61 -12.59
N ILE D 149 22.25 -14.92 -11.45
CA ILE D 149 21.35 -15.30 -10.36
C ILE D 149 20.54 -14.07 -9.97
N ARG D 150 19.21 -14.18 -10.09
CA ARG D 150 18.30 -13.14 -9.67
C ARG D 150 17.52 -13.61 -8.45
N CYS D 151 17.52 -12.80 -7.39
CA CYS D 151 16.91 -13.16 -6.12
C CYS D 151 15.83 -12.16 -5.75
N ALA D 152 14.98 -12.56 -4.80
CA ALA D 152 13.88 -11.71 -4.35
C ALA D 152 13.61 -12.02 -2.88
N VAL D 153 13.91 -11.05 -2.01
CA VAL D 153 13.64 -11.18 -0.58
C VAL D 153 12.27 -10.57 -0.32
N VAL D 154 11.36 -11.37 0.21
CA VAL D 154 9.99 -10.97 0.46
C VAL D 154 9.80 -10.80 1.96
N GLY D 155 9.66 -9.56 2.42
CA GLY D 155 9.36 -9.29 3.81
C GLY D 155 7.87 -9.39 4.09
N ASN D 156 7.53 -9.34 5.37
CA ASN D 156 6.15 -9.45 5.84
C ASN D 156 5.53 -8.09 6.13
N GLY D 157 5.87 -7.07 5.34
CA GLY D 157 5.31 -5.76 5.55
C GLY D 157 3.93 -5.61 4.92
N GLY D 158 3.16 -4.68 5.48
CA GLY D 158 1.81 -4.43 4.98
C GLY D 158 1.74 -3.72 3.65
N ILE D 159 2.88 -3.29 3.10
CA ILE D 159 2.88 -2.60 1.81
C ILE D 159 2.46 -3.55 0.70
N LEU D 160 2.67 -4.85 0.88
CA LEU D 160 2.33 -5.83 -0.14
C LEU D 160 0.84 -6.15 -0.20
N ASN D 161 0.05 -5.68 0.77
CA ASN D 161 -1.38 -5.94 0.77
C ASN D 161 -2.03 -5.22 -0.40
N GLY D 162 -2.50 -6.00 -1.39
CA GLY D 162 -3.04 -5.43 -2.61
C GLY D 162 -2.01 -4.98 -3.61
N SER D 163 -0.72 -5.20 -3.35
CA SER D 163 0.32 -4.75 -4.27
C SER D 163 0.31 -5.55 -5.58
N ARG D 164 -0.18 -6.79 -5.53
CA ARG D 164 -0.27 -7.66 -6.71
C ARG D 164 1.10 -7.86 -7.35
N GLN D 165 2.10 -8.12 -6.51
CA GLN D 165 3.47 -8.34 -6.97
C GLN D 165 3.82 -9.83 -7.08
N GLY D 166 2.84 -10.71 -6.93
CA GLY D 166 3.04 -12.14 -7.04
C GLY D 166 3.78 -12.57 -8.29
N PRO D 167 3.31 -12.14 -9.46
CA PRO D 167 4.06 -12.46 -10.70
C PRO D 167 5.50 -12.01 -10.68
N ASN D 168 5.76 -10.76 -10.29
CA ASN D 168 7.14 -10.28 -10.25
C ASN D 168 7.97 -11.04 -9.22
N ILE D 169 7.35 -11.42 -8.10
CA ILE D 169 8.06 -12.19 -7.08
C ILE D 169 8.40 -13.59 -7.60
N ASP D 170 7.42 -14.25 -8.22
CA ASP D 170 7.65 -15.58 -8.77
C ASP D 170 8.39 -15.54 -10.10
N ALA D 171 8.50 -14.37 -10.74
CA ALA D 171 9.31 -14.27 -11.95
C ALA D 171 10.79 -14.50 -11.68
N HIS D 172 11.26 -14.10 -10.50
CA HIS D 172 12.62 -14.41 -10.10
C HIS D 172 12.80 -15.93 -9.92
N ASP D 173 14.06 -16.37 -10.04
CA ASP D 173 14.40 -17.78 -9.91
C ASP D 173 14.60 -18.23 -8.46
N TYR D 174 14.94 -17.32 -7.56
CA TYR D 174 15.08 -17.63 -6.14
C TYR D 174 14.26 -16.64 -5.33
N VAL D 175 13.50 -17.15 -4.36
CA VAL D 175 12.64 -16.33 -3.52
C VAL D 175 13.02 -16.56 -2.07
N PHE D 176 13.38 -15.49 -1.37
CA PHE D 176 13.68 -15.54 0.06
C PHE D 176 12.46 -15.13 0.86
N ARG D 177 12.14 -15.90 1.90
CA ARG D 177 11.05 -15.58 2.81
C ARG D 177 11.53 -15.79 4.24
N LEU D 178 10.81 -15.18 5.18
CA LEU D 178 11.21 -15.23 6.57
C LEU D 178 9.99 -15.06 7.48
N ASN D 179 10.15 -15.50 8.72
CA ASN D 179 9.15 -15.32 9.77
C ASN D 179 7.76 -15.76 9.31
N GLY D 180 6.74 -14.96 9.63
CA GLY D 180 5.39 -15.28 9.23
C GLY D 180 5.17 -15.12 7.74
N ALA D 181 5.77 -16.01 6.95
CA ALA D 181 5.64 -15.96 5.50
C ALA D 181 4.31 -16.62 5.09
N VAL D 182 3.23 -15.90 5.37
CA VAL D 182 1.90 -16.39 5.01
C VAL D 182 1.75 -16.36 3.51
N ILE D 183 1.39 -17.51 2.92
CA ILE D 183 1.26 -17.65 1.49
C ILE D 183 -0.19 -17.95 1.08
N LYS D 184 -0.86 -18.84 1.81
CA LYS D 184 -2.22 -19.24 1.45
C LYS D 184 -3.17 -18.07 1.68
N GLY D 185 -3.86 -17.65 0.62
CA GLY D 185 -4.77 -16.52 0.67
C GLY D 185 -4.20 -15.23 0.13
N PHE D 186 -2.91 -15.19 -0.19
CA PHE D 186 -2.26 -13.98 -0.67
C PHE D 186 -1.31 -14.28 -1.83
N GLU D 187 -1.62 -15.31 -2.62
CA GLU D 187 -0.69 -15.72 -3.68
C GLU D 187 -0.54 -14.63 -4.74
N ARG D 188 -1.60 -13.89 -5.02
CA ARG D 188 -1.53 -12.84 -6.03
C ARG D 188 -0.61 -11.70 -5.61
N ASP D 189 -0.42 -11.51 -4.31
CA ASP D 189 0.39 -10.40 -3.81
C ASP D 189 1.83 -10.80 -3.50
N VAL D 190 2.02 -11.87 -2.73
CA VAL D 190 3.35 -12.27 -2.28
C VAL D 190 3.92 -13.42 -3.10
N GLY D 191 3.13 -14.08 -3.93
CA GLY D 191 3.61 -15.17 -4.75
C GLY D 191 3.52 -16.51 -4.06
N THR D 192 3.97 -17.54 -4.78
CA THR D 192 3.97 -18.91 -4.26
C THR D 192 5.33 -19.59 -4.28
N LYS D 193 6.27 -19.15 -5.11
CA LYS D 193 7.59 -19.76 -5.15
C LYS D 193 8.36 -19.40 -3.88
N THR D 194 9.09 -20.39 -3.35
CA THR D 194 9.92 -20.18 -2.17
C THR D 194 11.18 -21.02 -2.32
N SER D 195 12.34 -20.39 -2.18
CA SER D 195 13.63 -21.06 -2.27
C SER D 195 14.34 -21.17 -0.93
N PHE D 196 14.34 -20.10 -0.13
CA PHE D 196 14.98 -20.09 1.17
C PHE D 196 14.01 -19.58 2.22
N TYR D 197 14.22 -19.98 3.47
CA TYR D 197 13.38 -19.55 4.58
C TYR D 197 14.28 -19.29 5.78
N GLY D 198 14.66 -18.03 5.98
CA GLY D 198 15.42 -17.65 7.15
C GLY D 198 14.52 -17.42 8.34
N PHE D 199 15.04 -17.75 9.53
CA PHE D 199 14.22 -17.72 10.73
C PHE D 199 15.11 -17.95 11.94
N THR D 200 14.59 -17.54 13.09
CA THR D 200 15.04 -18.05 14.37
C THR D 200 13.98 -19.00 14.90
N VAL D 201 14.38 -19.97 15.72
CA VAL D 201 13.42 -20.90 16.29
C VAL D 201 12.39 -20.16 17.12
N ASN D 202 12.78 -19.04 17.74
CA ASN D 202 11.84 -18.27 18.56
C ASN D 202 10.79 -17.60 17.70
N THR D 203 11.20 -16.90 16.63
CA THR D 203 10.25 -16.18 15.80
C THR D 203 9.44 -17.11 14.90
N MSE D 204 9.98 -18.28 14.57
CA MSE D 204 9.25 -19.23 13.72
C MSE D 204 8.04 -19.78 14.44
O MSE D 204 6.95 -19.85 13.88
CB MSE D 204 10.17 -20.38 13.28
CG MSE D 204 9.48 -21.43 12.43
SE MSE D 204 10.59 -22.99 12.00
CE MSE D 204 10.96 -23.60 13.81
N LYS D 205 8.23 -20.17 15.71
CA LYS D 205 7.12 -20.69 16.50
C LYS D 205 6.15 -19.60 16.92
N ASN D 206 6.66 -18.39 17.16
CA ASN D 206 5.77 -17.28 17.50
C ASN D 206 4.88 -16.91 16.32
N SER D 207 5.38 -17.03 15.10
CA SER D 207 4.55 -16.76 13.93
C SER D 207 3.49 -17.84 13.75
N LEU D 208 3.82 -19.09 14.06
CA LEU D 208 2.85 -20.16 13.96
C LEU D 208 1.78 -20.09 15.04
N VAL D 209 2.01 -19.32 16.10
CA VAL D 209 1.04 -19.18 17.18
C VAL D 209 0.15 -17.96 16.96
N SER D 210 0.75 -16.82 16.62
CA SER D 210 -0.03 -15.59 16.48
C SER D 210 -0.67 -15.48 15.10
N TYR D 211 -0.12 -16.14 14.10
CA TYR D 211 -0.64 -16.06 12.73
C TYR D 211 -1.24 -17.38 12.27
N TRP D 212 -1.60 -18.27 13.20
CA TRP D 212 -2.23 -19.52 12.81
C TRP D 212 -3.60 -19.28 12.22
N ASN D 213 -4.37 -18.34 12.78
CA ASN D 213 -5.70 -18.01 12.30
C ASN D 213 -5.68 -17.02 11.14
N LEU D 214 -4.51 -16.80 10.53
CA LEU D 214 -4.39 -15.90 9.39
C LEU D 214 -3.81 -16.59 8.16
N GLY D 215 -3.60 -17.90 8.21
CA GLY D 215 -3.10 -18.69 7.09
C GLY D 215 -1.80 -19.40 7.38
N PHE D 216 -0.98 -18.85 8.27
CA PHE D 216 0.33 -19.41 8.56
C PHE D 216 0.15 -20.65 9.44
N THR D 217 -0.08 -21.79 8.79
CA THR D 217 -0.23 -23.07 9.47
C THR D 217 1.04 -23.92 9.43
N SER D 218 1.98 -23.58 8.56
CA SER D 218 3.25 -24.29 8.47
C SER D 218 4.24 -23.44 7.70
N VAL D 219 5.52 -23.63 8.00
CA VAL D 219 6.58 -22.89 7.31
C VAL D 219 6.60 -23.33 5.85
N PRO D 220 7.05 -22.48 4.93
CA PRO D 220 7.05 -22.87 3.51
C PRO D 220 7.98 -24.04 3.25
N GLN D 221 7.41 -25.13 2.75
CA GLN D 221 8.17 -26.34 2.43
C GLN D 221 8.26 -26.50 0.92
N GLY D 222 9.43 -26.94 0.45
CA GLY D 222 9.64 -27.16 -0.96
C GLY D 222 10.55 -28.35 -1.20
N GLN D 223 10.63 -28.75 -2.46
CA GLN D 223 11.49 -29.87 -2.84
C GLN D 223 12.96 -29.54 -2.61
N ASP D 224 13.47 -28.56 -3.36
CA ASP D 224 14.85 -28.11 -3.22
C ASP D 224 14.95 -26.89 -2.31
N LEU D 225 13.90 -26.58 -1.56
CA LEU D 225 13.93 -25.44 -0.66
C LEU D 225 14.80 -25.74 0.56
N GLN D 226 15.59 -24.74 0.96
CA GLN D 226 16.52 -24.88 2.08
C GLN D 226 16.15 -23.89 3.17
N TYR D 227 16.46 -24.28 4.41
CA TYR D 227 16.21 -23.44 5.58
C TYR D 227 17.52 -22.86 6.09
N ILE D 228 17.46 -21.62 6.59
CA ILE D 228 18.64 -20.92 7.09
C ILE D 228 18.38 -20.56 8.54
N PHE D 229 19.22 -21.08 9.44
CA PHE D 229 19.11 -20.79 10.86
C PHE D 229 19.92 -19.54 11.20
N ILE D 230 19.52 -18.89 12.28
CA ILE D 230 20.22 -17.74 12.83
C ILE D 230 20.73 -18.13 14.21
N PRO D 231 22.04 -18.16 14.44
CA PRO D 231 22.59 -18.68 15.70
C PRO D 231 22.46 -17.71 16.87
N SER D 232 21.22 -17.38 17.21
CA SER D 232 20.93 -16.41 18.27
C SER D 232 20.68 -17.04 19.63
N ASP D 233 20.57 -18.37 19.72
CA ASP D 233 20.28 -19.02 20.99
C ASP D 233 20.66 -20.49 20.87
N ILE D 234 20.72 -21.17 22.03
CA ILE D 234 20.96 -22.61 22.01
C ILE D 234 19.80 -23.34 21.35
N ARG D 235 18.59 -22.76 21.40
CA ARG D 235 17.45 -23.35 20.72
C ARG D 235 17.72 -23.49 19.22
N ASP D 236 18.43 -22.51 18.64
CA ASP D 236 18.73 -22.56 17.22
C ASP D 236 19.74 -23.66 16.91
N TYR D 237 20.73 -23.85 17.79
CA TYR D 237 21.72 -24.90 17.57
C TYR D 237 21.13 -26.28 17.82
N VAL D 238 20.35 -26.43 18.89
CA VAL D 238 19.76 -27.73 19.23
C VAL D 238 18.76 -28.15 18.16
N MSE D 239 17.96 -27.21 17.67
CA MSE D 239 16.99 -27.49 16.61
C MSE D 239 17.70 -27.89 15.33
O MSE D 239 17.25 -28.78 14.61
CB MSE D 239 16.09 -26.28 16.35
CG MSE D 239 14.98 -26.55 15.36
SE MSE D 239 13.61 -27.72 16.10
CE MSE D 239 12.72 -28.25 14.45
N LEU D 240 18.82 -27.22 15.05
CA LEU D 240 19.58 -27.53 13.84
C LEU D 240 20.17 -28.94 13.92
N ARG D 241 20.61 -29.36 15.10
CA ARG D 241 21.14 -30.71 15.25
C ARG D 241 20.04 -31.75 15.06
N SER D 242 18.91 -31.56 15.72
CA SER D 242 17.79 -32.50 15.61
C SER D 242 17.20 -32.51 14.21
N ALA D 243 17.31 -31.40 13.48
CA ALA D 243 16.76 -31.36 12.13
C ALA D 243 17.52 -32.29 11.20
N ILE D 244 18.85 -32.39 11.36
CA ILE D 244 19.63 -33.24 10.49
C ILE D 244 19.56 -34.69 10.94
N LEU D 245 19.52 -34.93 12.25
CA LEU D 245 19.46 -36.29 12.78
C LEU D 245 18.09 -36.93 12.61
N GLY D 246 17.03 -36.12 12.54
CA GLY D 246 15.68 -36.62 12.50
C GLY D 246 15.06 -36.94 13.84
N VAL D 247 15.89 -37.19 14.85
CA VAL D 247 15.39 -37.41 16.22
C VAL D 247 14.72 -36.13 16.71
N PRO D 248 13.60 -36.22 17.44
CA PRO D 248 13.03 -35.00 18.03
C PRO D 248 14.02 -34.33 18.98
N VAL D 249 13.88 -33.01 19.10
CA VAL D 249 14.75 -32.21 19.96
C VAL D 249 14.67 -32.74 21.38
N PRO D 250 15.79 -33.23 21.94
CA PRO D 250 15.74 -33.95 23.21
C PRO D 250 15.91 -33.11 24.46
N GLU D 251 16.16 -31.81 24.34
CA GLU D 251 16.42 -30.98 25.51
C GLU D 251 16.17 -29.53 25.15
N GLY D 252 16.16 -28.69 26.18
CA GLY D 252 15.98 -27.27 26.00
C GLY D 252 14.52 -26.83 26.11
N LEU D 253 14.30 -25.59 25.67
CA LEU D 253 12.97 -25.00 25.70
C LEU D 253 12.02 -25.64 24.71
N ASP D 254 12.51 -26.48 23.79
CA ASP D 254 11.69 -27.04 22.73
C ASP D 254 11.61 -28.57 22.81
N LYS D 255 11.86 -29.15 23.98
CA LYS D 255 11.82 -30.60 24.13
C LYS D 255 10.48 -31.18 23.71
N GLY D 256 10.48 -31.96 22.63
CA GLY D 256 9.27 -32.62 22.19
C GLY D 256 8.89 -32.40 20.74
N ASP D 257 9.31 -31.27 20.17
CA ASP D 257 8.92 -30.93 18.82
C ASP D 257 9.56 -31.87 17.80
N ARG D 258 8.85 -32.07 16.68
CA ARG D 258 9.34 -32.95 15.63
C ARG D 258 10.04 -32.12 14.57
N PRO D 259 11.31 -32.40 14.26
CA PRO D 259 11.98 -31.65 13.17
C PRO D 259 11.32 -31.85 11.83
N HIS D 260 10.69 -33.00 11.59
CA HIS D 260 9.98 -33.23 10.34
C HIS D 260 8.65 -32.51 10.28
N ALA D 261 8.12 -32.07 11.42
CA ALA D 261 6.84 -31.35 11.43
C ALA D 261 6.99 -29.98 10.80
N TYR D 262 8.13 -29.31 11.02
CA TYR D 262 8.41 -28.01 10.44
C TYR D 262 8.99 -28.13 9.04
N PHE D 263 10.13 -28.80 8.91
CA PHE D 263 10.93 -28.73 7.69
C PHE D 263 10.61 -29.81 6.67
N GLY D 264 9.91 -30.87 7.07
CA GLY D 264 9.52 -31.90 6.13
C GLY D 264 10.27 -33.19 6.34
N PRO D 265 10.15 -34.11 5.36
CA PRO D 265 10.71 -35.45 5.56
C PRO D 265 12.23 -35.49 5.49
N GLU D 266 12.85 -34.78 4.54
CA GLU D 266 14.28 -34.89 4.33
C GLU D 266 15.04 -34.36 5.53
N ALA D 267 16.04 -35.12 5.97
CA ALA D 267 16.87 -34.75 7.12
C ALA D 267 18.35 -34.95 6.77
N SER D 268 18.79 -34.21 5.74
CA SER D 268 20.17 -34.23 5.30
C SER D 268 20.82 -32.87 5.54
N ALA D 269 22.14 -32.86 5.59
CA ALA D 269 22.89 -31.63 5.81
C ALA D 269 22.72 -30.64 4.66
N SER D 270 22.28 -31.10 3.49
CA SER D 270 22.02 -30.22 2.36
C SER D 270 20.70 -29.47 2.48
N LYS D 271 19.88 -29.80 3.49
CA LYS D 271 18.59 -29.17 3.67
C LYS D 271 18.64 -27.96 4.59
N PHE D 272 19.65 -27.88 5.46
CA PHE D 272 19.73 -26.82 6.46
C PHE D 272 21.09 -26.14 6.40
N LYS D 273 21.09 -24.82 6.50
CA LYS D 273 22.29 -24.02 6.51
C LYS D 273 22.31 -23.12 7.75
N LEU D 274 23.51 -22.85 8.26
CA LEU D 274 23.68 -22.05 9.46
C LEU D 274 24.42 -20.76 9.11
N LEU D 275 23.88 -19.63 9.57
CA LEU D 275 24.50 -18.34 9.33
C LEU D 275 25.70 -18.16 10.24
N HIS D 276 26.74 -17.55 9.70
CA HIS D 276 28.00 -17.42 10.45
C HIS D 276 27.90 -16.28 11.46
N PRO D 277 28.23 -16.52 12.72
CA PRO D 277 28.20 -15.41 13.70
C PRO D 277 29.13 -14.27 13.35
N ASP D 278 30.26 -14.54 12.70
CA ASP D 278 31.14 -13.45 12.28
C ASP D 278 30.54 -12.66 11.12
N PHE D 279 29.69 -13.31 10.32
CA PHE D 279 28.98 -12.59 9.26
C PHE D 279 27.93 -11.66 9.83
N ILE D 280 27.30 -12.05 10.94
CA ILE D 280 26.32 -11.16 11.57
C ILE D 280 27.02 -10.01 12.26
N SER D 281 28.17 -10.26 12.89
CA SER D 281 28.92 -9.20 13.52
C SER D 281 29.43 -8.19 12.49
N TYR D 282 29.80 -8.67 11.30
CA TYR D 282 30.29 -7.78 10.26
C TYR D 282 29.15 -6.94 9.66
N LEU D 283 27.93 -7.49 9.62
CA LEU D 283 26.80 -6.70 9.15
C LEU D 283 26.39 -5.66 10.17
N THR D 284 26.38 -6.01 11.45
CA THR D 284 26.07 -5.06 12.50
C THR D 284 27.14 -3.97 12.60
N GLU D 285 28.39 -4.29 12.26
CA GLU D 285 29.45 -3.33 12.45
C GLU D 285 29.56 -2.36 11.26
N ARG D 286 29.38 -2.86 10.05
CA ARG D 286 29.59 -2.06 8.85
C ARG D 286 28.32 -1.39 8.36
N PHE D 287 27.18 -2.08 8.41
CA PHE D 287 25.95 -1.62 7.78
C PHE D 287 24.89 -1.12 8.75
N LEU D 288 24.75 -1.75 9.92
CA LEU D 288 23.66 -1.45 10.84
C LEU D 288 24.17 -1.38 12.28
N LYS D 289 25.02 -0.38 12.57
CA LYS D 289 25.46 -0.10 13.93
C LYS D 289 24.64 1.07 14.45
N SER D 290 23.58 0.75 15.18
CA SER D 290 22.70 1.78 15.70
C SER D 290 23.27 2.36 17.00
N LYS D 291 22.63 3.43 17.48
CA LYS D 291 22.95 4.00 18.78
C LYS D 291 22.34 3.22 19.93
N LEU D 292 21.56 2.18 19.64
CA LEU D 292 20.84 1.40 20.65
C LEU D 292 21.66 0.24 21.19
N ILE D 293 22.96 0.43 21.41
CA ILE D 293 23.83 -0.63 21.91
C ILE D 293 24.23 -0.27 23.32
N ASN D 294 23.76 -1.04 24.30
CA ASN D 294 24.08 -0.80 25.70
C ASN D 294 25.08 -1.84 26.21
N LEU D 300 20.42 -6.87 24.47
CA LEU D 300 21.30 -6.95 23.31
C LEU D 300 20.56 -6.51 22.05
N TYR D 301 21.29 -5.90 21.11
CA TYR D 301 20.74 -5.44 19.84
C TYR D 301 21.24 -6.32 18.70
N MSE D 302 20.35 -6.59 17.75
CA MSE D 302 20.73 -7.29 16.53
C MSE D 302 19.80 -6.89 15.39
O MSE D 302 18.64 -6.54 15.63
CB MSE D 302 20.69 -8.81 16.73
CG MSE D 302 19.29 -9.39 16.88
SE MSE D 302 19.28 -11.33 16.70
CE MSE D 302 17.35 -11.63 16.88
N PRO D 303 20.30 -6.92 14.15
CA PRO D 303 19.45 -6.57 13.00
C PRO D 303 18.26 -7.51 12.89
N SER D 304 17.24 -7.03 12.21
CA SER D 304 16.02 -7.82 12.03
C SER D 304 16.30 -9.01 11.12
N THR D 305 15.42 -10.01 11.21
CA THR D 305 15.58 -11.21 10.38
C THR D 305 15.51 -10.86 8.90
N GLY D 306 14.57 -10.00 8.52
CA GLY D 306 14.49 -9.56 7.13
C GLY D 306 15.72 -8.81 6.68
N ALA D 307 16.29 -7.99 7.57
CA ALA D 307 17.56 -7.33 7.26
C ALA D 307 18.68 -8.34 7.12
N LEU D 308 18.69 -9.37 7.98
CA LEU D 308 19.69 -10.41 7.87
C LEU D 308 19.52 -11.23 6.60
N MSE D 309 18.29 -11.33 6.10
CA MSE D 309 18.02 -12.10 4.88
C MSE D 309 18.30 -11.27 3.63
O MSE D 309 18.76 -11.80 2.62
CB MSE D 309 16.59 -12.60 4.88
CG MSE D 309 16.32 -13.68 5.91
SE MSE D 309 17.60 -15.15 5.75
CE MSE D 309 16.84 -16.01 4.18
N LEU D 310 18.01 -9.97 3.70
CA LEU D 310 18.32 -9.09 2.57
C LEU D 310 19.83 -8.92 2.42
N LEU D 311 20.53 -8.68 3.52
CA LEU D 311 21.98 -8.52 3.45
C LEU D 311 22.68 -9.83 3.09
N THR D 312 22.09 -10.97 3.47
CA THR D 312 22.66 -12.25 3.06
C THR D 312 22.58 -12.43 1.55
N ALA D 313 21.40 -12.22 0.97
CA ALA D 313 21.27 -12.30 -0.47
C ALA D 313 22.09 -11.24 -1.17
N LEU D 314 22.28 -10.08 -0.54
CA LEU D 314 23.14 -9.04 -1.11
C LEU D 314 24.59 -9.49 -1.22
N HIS D 315 25.00 -10.53 -0.48
CA HIS D 315 26.36 -11.03 -0.55
C HIS D 315 26.49 -12.31 -1.37
N THR D 316 25.38 -12.97 -1.70
CA THR D 316 25.44 -14.25 -2.39
C THR D 316 24.71 -14.26 -3.73
N CYS D 317 23.95 -13.22 -4.06
CA CYS D 317 23.20 -13.16 -5.31
C CYS D 317 23.87 -12.19 -6.28
N ASP D 318 23.42 -12.26 -7.53
CA ASP D 318 23.84 -11.32 -8.56
C ASP D 318 22.81 -10.22 -8.81
N GLN D 319 21.64 -10.32 -8.19
CA GLN D 319 20.56 -9.35 -8.32
C GLN D 319 19.50 -9.68 -7.28
N VAL D 320 18.98 -8.66 -6.60
CA VAL D 320 18.03 -8.86 -5.51
C VAL D 320 16.97 -7.77 -5.59
N SER D 321 15.72 -8.17 -5.35
CA SER D 321 14.57 -7.25 -5.35
C SER D 321 13.83 -7.42 -4.03
N ALA D 322 13.75 -6.36 -3.24
CA ALA D 322 13.12 -6.41 -1.94
C ALA D 322 11.62 -6.11 -2.06
N TYR D 323 10.80 -6.93 -1.41
CA TYR D 323 9.36 -6.75 -1.40
C TYR D 323 8.88 -6.84 0.06
N GLY D 324 8.01 -5.90 0.44
CA GLY D 324 7.47 -5.92 1.78
C GLY D 324 8.42 -5.47 2.86
N PHE D 325 9.44 -4.70 2.52
CA PHE D 325 10.40 -4.19 3.49
C PHE D 325 10.01 -2.78 3.95
N ILE D 326 10.61 -2.37 5.07
CA ILE D 326 10.25 -1.11 5.71
C ILE D 326 10.68 0.05 4.81
N THR D 327 9.72 0.88 4.44
CA THR D 327 9.95 2.04 3.60
C THR D 327 9.57 3.31 4.35
N SER D 328 9.76 4.46 3.69
CA SER D 328 9.43 5.73 4.32
C SER D 328 7.93 5.88 4.54
N ASN D 329 7.12 5.44 3.57
CA ASN D 329 5.67 5.49 3.68
C ASN D 329 5.08 4.23 4.31
N TYR D 330 5.75 3.69 5.33
CA TYR D 330 5.23 2.53 6.04
C TYR D 330 3.85 2.79 6.62
N TRP D 331 3.58 4.03 7.03
CA TRP D 331 2.35 4.38 7.73
C TRP D 331 1.11 4.26 6.85
N LYS D 332 1.28 4.27 5.53
CA LYS D 332 0.16 4.13 4.61
C LYS D 332 -0.48 2.74 4.65
N PHE D 333 0.17 1.76 5.26
CA PHE D 333 -0.28 0.38 5.20
C PHE D 333 -0.29 -0.23 6.59
N SER D 334 -0.82 -1.45 6.68
CA SER D 334 -0.88 -2.15 7.94
C SER D 334 0.50 -2.68 8.32
N ASP D 335 0.60 -3.27 9.51
CA ASP D 335 1.87 -3.79 9.98
C ASP D 335 2.34 -4.95 9.12
N HIS D 336 1.43 -5.89 8.82
CA HIS D 336 1.73 -7.02 7.95
C HIS D 336 0.66 -7.08 6.86
N TYR D 337 1.01 -7.73 5.74
CA TYR D 337 0.08 -7.84 4.63
C TYR D 337 -1.07 -8.79 4.92
N PHE D 338 -1.10 -9.43 6.10
CA PHE D 338 -2.17 -10.33 6.48
C PHE D 338 -2.87 -9.91 7.76
N GLU D 339 -2.52 -8.77 8.33
CA GLU D 339 -3.10 -8.33 9.60
C GLU D 339 -3.25 -6.80 9.65
N ALA D 349 13.45 -8.27 20.63
CA ALA D 349 12.93 -7.43 19.55
C ALA D 349 13.59 -6.06 19.56
N ASN D 350 14.92 -6.04 19.74
CA ASN D 350 15.68 -4.80 19.79
C ASN D 350 16.29 -4.56 18.41
N HIS D 351 15.57 -3.81 17.57
CA HIS D 351 16.00 -3.50 16.22
C HIS D 351 15.85 -2.01 15.97
N ASP D 352 16.52 -1.55 14.92
CA ASP D 352 16.45 -0.16 14.46
C ASP D 352 15.79 -0.17 13.09
N LEU D 353 14.46 -0.08 13.08
CA LEU D 353 13.71 -0.11 11.83
C LEU D 353 14.04 1.08 10.94
N SER D 354 14.34 2.24 11.54
CA SER D 354 14.67 3.41 10.75
C SER D 354 16.02 3.27 10.07
N LEU D 355 17.01 2.71 10.78
CA LEU D 355 18.30 2.45 10.16
C LEU D 355 18.17 1.48 9.00
N GLU D 356 17.40 0.40 9.19
CA GLU D 356 17.23 -0.57 8.12
C GLU D 356 16.50 0.03 6.93
N ALA D 357 15.43 0.78 7.18
CA ALA D 357 14.73 1.47 6.11
C ALA D 357 15.65 2.44 5.39
N ALA D 358 16.52 3.12 6.15
CA ALA D 358 17.52 3.99 5.54
C ALA D 358 18.52 3.21 4.71
N LEU D 359 18.88 2.01 5.15
CA LEU D 359 19.82 1.19 4.39
C LEU D 359 19.24 0.83 3.02
N TRP D 360 17.99 0.38 2.99
CA TRP D 360 17.37 0.01 1.72
C TRP D 360 17.17 1.23 0.81
N ARG D 361 17.17 2.43 1.38
CA ARG D 361 17.12 3.63 0.55
C ARG D 361 18.47 3.91 -0.09
N ASP D 362 19.53 3.97 0.71
CA ASP D 362 20.86 4.19 0.15
C ASP D 362 21.28 3.05 -0.77
N LEU D 363 20.86 1.82 -0.47
CA LEU D 363 21.12 0.71 -1.38
C LEU D 363 20.31 0.79 -2.66
N HIS D 364 19.19 1.52 -2.64
CA HIS D 364 18.38 1.75 -3.83
C HIS D 364 18.87 2.94 -4.64
N LYS D 365 19.49 3.93 -3.99
CA LYS D 365 20.02 5.06 -4.73
C LYS D 365 21.25 4.67 -5.54
N ALA D 366 22.12 3.85 -4.98
CA ALA D 366 23.35 3.43 -5.65
C ALA D 366 23.11 2.34 -6.68
N GLY D 367 21.87 2.01 -7.01
CA GLY D 367 21.59 0.96 -7.96
C GLY D 367 21.94 -0.43 -7.50
N ILE D 368 22.19 -0.62 -6.20
CA ILE D 368 22.57 -1.92 -5.69
C ILE D 368 21.35 -2.75 -5.29
N LEU D 369 20.24 -2.11 -4.92
CA LEU D 369 19.05 -2.82 -4.46
C LEU D 369 17.83 -2.32 -5.23
N GLN D 370 16.96 -3.26 -5.61
CA GLN D 370 15.71 -2.93 -6.31
C GLN D 370 14.59 -2.91 -5.27
N LEU D 371 14.55 -1.82 -4.50
CA LEU D 371 13.57 -1.66 -3.43
C LEU D 371 12.20 -1.33 -4.03
N TYR D 372 11.23 -2.19 -3.79
CA TYR D 372 9.86 -1.96 -4.25
C TYR D 372 9.17 -0.92 -3.37
N GLN D 373 8.65 0.12 -4.00
CA GLN D 373 7.97 1.19 -3.29
C GLN D 373 6.69 1.54 -4.03
N ARG D 374 5.78 2.19 -3.31
CA ARG D 374 4.53 2.67 -3.88
C ARG D 374 3.87 3.69 -2.98
N CYS E 66 28.58 -56.23 -39.93
CA CYS E 66 27.58 -55.20 -39.60
C CYS E 66 27.74 -54.00 -40.54
N ARG E 67 28.91 -53.36 -40.47
CA ARG E 67 29.17 -52.11 -41.17
C ARG E 67 29.28 -52.27 -42.69
N HIS E 68 29.12 -53.49 -43.21
CA HIS E 68 29.19 -53.69 -44.66
C HIS E 68 28.45 -54.95 -45.08
N LEU E 69 27.69 -55.54 -44.17
CA LEU E 69 26.91 -56.73 -44.49
C LEU E 69 25.68 -56.41 -45.34
N LEU E 70 25.39 -55.14 -45.60
CA LEU E 70 24.29 -54.73 -46.47
C LEU E 70 24.72 -54.65 -47.92
N HIS E 71 25.81 -53.90 -48.20
CA HIS E 71 26.29 -53.78 -49.56
C HIS E 71 26.75 -55.12 -50.12
N LEU E 72 27.15 -56.05 -49.24
CA LEU E 72 27.48 -57.40 -49.68
C LEU E 72 26.27 -58.10 -50.28
N ALA E 73 25.10 -57.91 -49.68
CA ALA E 73 23.87 -58.49 -50.23
C ALA E 73 23.50 -57.86 -51.56
N ILE E 74 23.90 -56.60 -51.78
CA ILE E 74 23.65 -55.95 -53.06
C ILE E 74 24.55 -56.55 -54.13
N GLN E 75 25.78 -56.91 -53.77
CA GLN E 75 26.71 -57.51 -54.72
C GLN E 75 26.28 -58.94 -55.09
N ARG E 76 25.72 -59.68 -54.14
CA ARG E 76 25.34 -61.06 -54.39
C ARG E 76 24.15 -61.20 -55.34
N HIS E 77 23.45 -60.11 -55.62
CA HIS E 77 22.32 -60.14 -56.55
C HIS E 77 22.62 -59.25 -57.74
N PRO E 78 22.62 -59.77 -58.97
CA PRO E 78 23.01 -58.95 -60.11
C PRO E 78 21.98 -57.91 -60.52
N HIS E 79 20.73 -58.07 -60.09
CA HIS E 79 19.70 -57.10 -60.47
C HIS E 79 19.99 -55.73 -59.87
N PHE E 80 20.20 -55.68 -58.56
CA PHE E 80 20.44 -54.42 -57.87
C PHE E 80 21.91 -54.00 -57.88
N ARG E 81 22.82 -54.86 -58.37
CA ARG E 81 24.21 -54.45 -58.50
C ARG E 81 24.38 -53.38 -59.57
N GLY E 82 23.67 -53.53 -60.68
CA GLY E 82 23.69 -52.53 -61.73
C GLY E 82 22.56 -51.53 -61.59
N LEU E 83 22.09 -51.35 -60.36
CA LEU E 83 21.00 -50.43 -60.07
C LEU E 83 21.36 -49.42 -58.99
N PHE E 84 22.12 -49.81 -57.98
CA PHE E 84 22.53 -48.91 -56.91
C PHE E 84 23.77 -48.14 -57.36
N ASN E 85 23.62 -46.84 -57.56
CA ASN E 85 24.75 -45.95 -57.86
C ASN E 85 25.10 -45.23 -56.57
N LEU E 86 25.96 -45.87 -55.77
CA LEU E 86 26.32 -45.34 -54.47
C LEU E 86 27.35 -44.21 -54.58
N SER E 87 27.30 -43.46 -55.68
CA SER E 87 28.17 -42.30 -55.86
C SER E 87 27.43 -41.01 -56.19
N ILE E 88 26.16 -41.07 -56.56
CA ILE E 88 25.41 -39.85 -56.85
C ILE E 88 25.13 -39.11 -55.55
N PRO E 89 25.29 -37.79 -55.50
CA PRO E 89 25.03 -37.07 -54.24
C PRO E 89 23.58 -37.18 -53.82
N VAL E 90 23.38 -37.47 -52.53
CA VAL E 90 22.03 -37.59 -51.97
C VAL E 90 21.48 -36.24 -51.56
N LEU E 91 22.33 -35.33 -51.09
CA LEU E 91 21.92 -34.04 -50.58
C LEU E 91 22.45 -32.91 -51.46
N LEU E 92 21.69 -31.83 -51.55
CA LEU E 92 22.08 -30.63 -52.27
C LEU E 92 22.45 -29.54 -51.29
N TRP E 93 23.50 -28.80 -51.59
CA TRP E 93 24.00 -27.77 -50.68
C TRP E 93 24.72 -26.70 -51.49
N GLY E 94 25.53 -25.89 -50.82
CA GLY E 94 26.11 -24.72 -51.46
C GLY E 94 27.18 -25.06 -52.47
N ASP E 95 28.13 -25.91 -52.07
CA ASP E 95 29.24 -26.26 -52.95
C ASP E 95 28.83 -27.09 -54.16
N LEU E 96 27.54 -27.34 -54.38
CA LEU E 96 27.07 -28.01 -55.59
C LEU E 96 26.24 -27.10 -56.47
N PHE E 97 25.85 -25.91 -55.99
CA PHE E 97 25.04 -24.98 -56.76
C PHE E 97 25.96 -24.20 -57.69
N THR E 98 26.04 -24.65 -58.94
CA THR E 98 26.82 -24.01 -59.99
C THR E 98 25.90 -23.56 -61.12
N PRO E 99 26.34 -22.60 -61.94
CA PRO E 99 25.52 -22.24 -63.12
C PRO E 99 25.23 -23.43 -64.02
N ALA E 100 26.14 -24.40 -64.10
CA ALA E 100 25.88 -25.60 -64.89
C ALA E 100 24.70 -26.39 -64.32
N LEU E 101 24.69 -26.59 -63.00
CA LEU E 101 23.55 -27.23 -62.36
C LEU E 101 22.29 -26.37 -62.49
N TRP E 102 22.46 -25.04 -62.57
CA TRP E 102 21.31 -24.17 -62.73
C TRP E 102 20.71 -24.27 -64.14
N ASP E 103 21.53 -24.63 -65.13
CA ASP E 103 21.02 -24.76 -66.49
C ASP E 103 20.27 -26.08 -66.68
N ARG E 104 20.82 -27.18 -66.15
CA ARG E 104 20.19 -28.49 -66.33
C ARG E 104 18.85 -28.54 -65.60
N LEU E 105 18.84 -28.25 -64.31
CA LEU E 105 17.64 -28.39 -63.50
C LEU E 105 16.61 -27.31 -63.79
N SER E 106 16.94 -26.29 -64.58
CA SER E 106 15.94 -25.32 -65.02
C SER E 106 15.13 -25.82 -66.21
N GLN E 107 15.44 -27.00 -66.73
CA GLN E 107 14.66 -27.63 -67.80
C GLN E 107 13.73 -28.71 -67.28
N HIS E 108 13.58 -28.82 -65.96
CA HIS E 108 12.76 -29.87 -65.35
C HIS E 108 11.92 -29.26 -64.24
N LYS E 109 10.61 -29.44 -64.33
CA LYS E 109 9.70 -29.05 -63.25
C LYS E 109 9.77 -30.11 -62.15
N ALA E 110 8.84 -30.06 -61.19
CA ALA E 110 8.68 -31.09 -60.17
C ALA E 110 9.94 -31.15 -59.28
N PRO E 111 10.03 -32.07 -58.30
CA PRO E 111 11.28 -32.17 -57.52
C PRO E 111 12.49 -32.62 -58.32
N TYR E 112 12.31 -32.90 -59.60
CA TYR E 112 13.43 -33.28 -60.46
C TYR E 112 14.30 -32.10 -60.88
N GLY E 113 13.84 -30.87 -60.67
CA GLY E 113 14.67 -29.72 -60.95
C GLY E 113 14.08 -28.43 -60.40
N TRP E 114 14.16 -27.35 -61.16
CA TRP E 114 13.54 -26.10 -60.75
C TRP E 114 13.18 -25.20 -61.93
N ARG E 115 12.34 -25.69 -62.83
CA ARG E 115 11.89 -24.90 -63.97
C ARG E 115 10.74 -24.00 -63.55
N GLY E 116 10.79 -22.74 -63.94
CA GLY E 116 9.82 -21.76 -63.48
C GLY E 116 10.03 -21.26 -62.08
N LEU E 117 11.11 -21.65 -61.42
CA LEU E 117 11.43 -21.21 -60.08
C LEU E 117 12.48 -20.10 -60.14
N SER E 118 12.34 -19.12 -59.24
CA SER E 118 13.20 -17.94 -59.28
C SER E 118 14.64 -18.29 -58.88
N HIS E 119 15.60 -17.68 -59.57
CA HIS E 119 16.99 -17.83 -59.18
C HIS E 119 17.28 -17.12 -57.87
N GLN E 120 16.62 -15.98 -57.64
CA GLN E 120 16.83 -15.23 -56.40
C GLN E 120 16.36 -16.02 -55.18
N VAL E 121 15.30 -16.82 -55.33
CA VAL E 121 14.79 -17.59 -54.21
C VAL E 121 15.70 -18.77 -53.91
N ILE E 122 16.22 -19.41 -54.95
CA ILE E 122 17.02 -20.62 -54.79
C ILE E 122 18.48 -20.31 -54.47
N ALA E 123 19.06 -19.31 -55.12
CA ALA E 123 20.44 -18.95 -54.80
C ALA E 123 20.57 -18.38 -53.39
N SER E 124 19.47 -17.87 -52.83
CA SER E 124 19.51 -17.34 -51.46
C SER E 124 19.36 -18.45 -50.43
N THR E 125 18.59 -19.49 -50.73
CA THR E 125 18.40 -20.59 -49.80
C THR E 125 19.48 -21.66 -49.91
N LEU E 126 20.15 -21.76 -51.05
CA LEU E 126 21.24 -22.71 -51.21
C LEU E 126 22.58 -22.15 -50.74
N SER E 127 22.72 -20.82 -50.70
CA SER E 127 23.92 -20.22 -50.13
C SER E 127 23.97 -20.39 -48.61
N LEU E 128 22.82 -20.60 -47.97
CA LEU E 128 22.78 -20.85 -46.54
C LEU E 128 23.27 -22.24 -46.19
N LEU E 129 23.21 -23.17 -47.13
CA LEU E 129 23.70 -24.53 -46.94
C LEU E 129 25.18 -24.68 -47.31
N ASN E 130 25.94 -23.59 -47.24
CA ASN E 130 27.35 -23.63 -47.61
C ASN E 130 28.21 -24.40 -46.61
N GLY E 131 27.65 -24.76 -45.45
CA GLY E 131 28.43 -25.50 -44.48
C GLY E 131 28.80 -26.88 -45.00
N SER E 132 30.02 -27.30 -44.69
CA SER E 132 30.51 -28.60 -45.12
C SER E 132 29.72 -29.75 -44.49
N GLU E 133 28.98 -29.49 -43.42
CA GLU E 133 28.19 -30.52 -42.77
C GLU E 133 26.85 -30.77 -43.43
N SER E 134 26.38 -29.83 -44.27
CA SER E 134 25.09 -29.95 -44.93
C SER E 134 25.11 -30.89 -46.13
N ALA E 135 26.26 -31.51 -46.42
CA ALA E 135 26.36 -32.41 -47.57
C ALA E 135 25.97 -33.83 -47.25
N LYS E 136 26.23 -34.30 -46.02
CA LYS E 136 25.95 -35.66 -45.61
C LYS E 136 24.87 -35.67 -44.53
N LEU E 137 24.31 -36.86 -44.30
CA LEU E 137 23.29 -37.04 -43.27
C LEU E 137 23.88 -37.47 -41.93
N PHE E 138 24.91 -38.30 -41.94
CA PHE E 138 25.50 -38.84 -40.74
C PHE E 138 26.79 -38.11 -40.37
N ALA E 139 27.26 -38.37 -39.15
CA ALA E 139 28.45 -37.72 -38.64
C ALA E 139 29.69 -38.16 -39.43
N PRO E 140 30.70 -37.29 -39.55
CA PRO E 140 31.94 -37.64 -40.26
C PRO E 140 32.74 -38.73 -39.57
N CYS E 148 29.12 -49.19 -37.49
CA CYS E 148 27.90 -49.74 -38.07
C CYS E 148 26.72 -48.80 -37.87
N ILE E 149 25.83 -48.72 -38.86
CA ILE E 149 24.67 -47.83 -38.83
C ILE E 149 23.44 -48.67 -39.16
N ARG E 150 22.62 -48.95 -38.15
CA ARG E 150 21.36 -49.65 -38.33
C ARG E 150 20.21 -48.66 -38.30
N CYS E 151 19.38 -48.67 -39.33
CA CYS E 151 18.34 -47.67 -39.52
C CYS E 151 16.97 -48.33 -39.59
N ALA E 152 15.97 -47.62 -39.07
CA ALA E 152 14.58 -48.06 -39.13
C ALA E 152 13.75 -46.98 -39.80
N VAL E 153 13.13 -47.32 -40.92
CA VAL E 153 12.24 -46.40 -41.64
C VAL E 153 10.80 -46.79 -41.30
N VAL E 154 10.06 -45.85 -40.73
CA VAL E 154 8.72 -46.10 -40.23
C VAL E 154 7.73 -45.37 -41.12
N GLY E 155 6.98 -46.12 -41.92
CA GLY E 155 5.87 -45.56 -42.65
C GLY E 155 4.64 -45.45 -41.78
N ASN E 156 3.63 -44.77 -42.30
CA ASN E 156 2.39 -44.51 -41.57
C ASN E 156 1.27 -45.46 -41.95
N GLY E 157 1.61 -46.71 -42.30
CA GLY E 157 0.59 -47.67 -42.67
C GLY E 157 -0.18 -48.19 -41.48
N GLY E 158 -1.39 -48.68 -41.75
CA GLY E 158 -2.24 -49.21 -40.70
C GLY E 158 -1.78 -50.55 -40.14
N ILE E 159 -0.77 -51.17 -40.75
CA ILE E 159 -0.27 -52.45 -40.26
C ILE E 159 0.37 -52.32 -38.88
N LEU E 160 0.79 -51.10 -38.51
CA LEU E 160 1.48 -50.91 -37.24
C LEU E 160 0.53 -50.83 -36.04
N ASN E 161 -0.74 -50.51 -36.25
CA ASN E 161 -1.69 -50.48 -35.14
C ASN E 161 -1.83 -51.87 -34.53
N GLY E 162 -1.42 -52.00 -33.28
CA GLY E 162 -1.43 -53.28 -32.60
C GLY E 162 -0.23 -54.16 -32.88
N SER E 163 0.69 -53.72 -33.74
CA SER E 163 1.86 -54.54 -34.05
C SER E 163 2.82 -54.61 -32.87
N ARG E 164 2.81 -53.59 -32.01
CA ARG E 164 3.69 -53.52 -30.84
C ARG E 164 5.17 -53.62 -31.24
N GLN E 165 5.51 -53.12 -32.44
CA GLN E 165 6.87 -53.13 -32.96
C GLN E 165 7.72 -52.00 -32.39
N GLY E 166 7.28 -51.37 -31.31
CA GLY E 166 8.01 -50.30 -30.68
C GLY E 166 9.44 -50.68 -30.30
N PRO E 167 9.60 -51.72 -29.48
CA PRO E 167 10.96 -52.12 -29.07
C PRO E 167 11.90 -52.36 -30.23
N ASN E 168 11.41 -52.95 -31.33
CA ASN E 168 12.28 -53.20 -32.48
C ASN E 168 12.62 -51.91 -33.20
N ILE E 169 11.68 -50.98 -33.28
CA ILE E 169 11.94 -49.71 -33.97
C ILE E 169 12.94 -48.88 -33.17
N ASP E 170 12.70 -48.71 -31.88
CA ASP E 170 13.63 -47.94 -31.05
C ASP E 170 14.97 -48.64 -30.86
N ALA E 171 15.04 -49.95 -31.13
CA ALA E 171 16.30 -50.65 -31.01
C ALA E 171 17.34 -50.12 -32.00
N HIS E 172 16.91 -49.67 -33.17
CA HIS E 172 17.82 -49.05 -34.11
C HIS E 172 18.33 -47.74 -33.56
N ASP E 173 19.60 -47.43 -33.85
CA ASP E 173 20.19 -46.18 -33.40
C ASP E 173 19.76 -44.99 -34.24
N TYR E 174 19.13 -45.22 -35.39
CA TYR E 174 18.55 -44.16 -36.21
C TYR E 174 17.17 -44.60 -36.66
N VAL E 175 16.19 -43.70 -36.52
CA VAL E 175 14.81 -43.98 -36.89
C VAL E 175 14.37 -42.91 -37.89
N PHE E 176 13.79 -43.35 -39.01
CA PHE E 176 13.26 -42.47 -40.03
C PHE E 176 11.74 -42.42 -39.94
N ARG E 177 11.18 -41.22 -39.97
CA ARG E 177 9.73 -41.03 -39.95
C ARG E 177 9.37 -39.95 -40.97
N LEU E 178 8.11 -39.95 -41.40
CA LEU E 178 7.70 -39.05 -42.46
C LEU E 178 6.21 -38.73 -42.35
N ASN E 179 5.84 -37.57 -42.88
CA ASN E 179 4.46 -37.10 -43.03
C ASN E 179 3.75 -37.15 -41.67
N GLY E 180 2.58 -37.76 -41.58
CA GLY E 180 1.83 -37.78 -40.33
C GLY E 180 2.39 -38.77 -39.33
N ALA E 181 3.51 -38.41 -38.70
CA ALA E 181 4.19 -39.30 -37.76
C ALA E 181 3.59 -39.09 -36.37
N VAL E 182 2.45 -39.74 -36.15
CA VAL E 182 1.79 -39.70 -34.85
C VAL E 182 2.50 -40.66 -33.90
N ILE E 183 2.96 -40.13 -32.76
CA ILE E 183 3.74 -40.89 -31.79
C ILE E 183 2.98 -41.05 -30.48
N LYS E 184 2.39 -39.97 -29.97
CA LYS E 184 1.66 -40.03 -28.72
C LYS E 184 0.42 -40.91 -28.87
N GLY E 185 0.24 -41.83 -27.92
CA GLY E 185 -0.85 -42.79 -27.98
C GLY E 185 -0.54 -44.04 -28.77
N PHE E 186 0.56 -44.07 -29.52
CA PHE E 186 0.95 -45.22 -30.31
C PHE E 186 2.43 -45.54 -30.13
N GLU E 187 2.98 -45.15 -28.98
CA GLU E 187 4.41 -45.35 -28.73
C GLU E 187 4.77 -46.84 -28.65
N ARG E 188 3.88 -47.65 -28.06
CA ARG E 188 4.16 -49.07 -27.92
C ARG E 188 4.21 -49.78 -29.27
N ASP E 189 3.61 -49.20 -30.31
CA ASP E 189 3.56 -49.83 -31.63
C ASP E 189 4.61 -49.29 -32.60
N VAL E 190 4.93 -48.00 -32.53
CA VAL E 190 5.83 -47.38 -33.49
C VAL E 190 7.08 -46.79 -32.84
N GLY E 191 7.21 -46.89 -31.51
CA GLY E 191 8.38 -46.36 -30.84
C GLY E 191 8.36 -44.85 -30.71
N THR E 192 9.34 -44.33 -29.99
CA THR E 192 9.44 -42.91 -29.70
C THR E 192 10.69 -42.24 -30.25
N LYS E 193 11.70 -43.00 -30.67
CA LYS E 193 12.93 -42.42 -31.19
C LYS E 193 12.71 -41.90 -32.60
N THR E 194 13.29 -40.74 -32.90
CA THR E 194 13.20 -40.16 -34.24
C THR E 194 14.51 -39.44 -34.54
N SER E 195 15.18 -39.85 -35.60
CA SER E 195 16.46 -39.28 -36.00
C SER E 195 16.38 -38.43 -37.26
N PHE E 196 15.46 -38.74 -38.16
CA PHE E 196 15.27 -37.97 -39.38
C PHE E 196 13.79 -37.92 -39.70
N TYR E 197 13.32 -36.76 -40.13
CA TYR E 197 11.92 -36.54 -40.48
C TYR E 197 11.85 -35.91 -41.87
N GLY E 198 11.55 -36.73 -42.87
CA GLY E 198 11.38 -36.24 -44.23
C GLY E 198 9.93 -35.88 -44.51
N PHE E 199 9.75 -34.82 -45.28
CA PHE E 199 8.43 -34.24 -45.48
C PHE E 199 8.47 -33.25 -46.63
N THR E 200 7.29 -32.98 -47.17
CA THR E 200 7.07 -31.84 -48.03
C THR E 200 6.20 -30.83 -47.28
N VAL E 201 6.45 -29.54 -47.51
CA VAL E 201 5.70 -28.51 -46.81
C VAL E 201 4.20 -28.66 -47.04
N ASN E 202 3.81 -29.11 -48.23
CA ASN E 202 2.40 -29.32 -48.53
C ASN E 202 1.83 -30.45 -47.68
N THR E 203 2.40 -31.65 -47.77
CA THR E 203 1.87 -32.80 -47.06
C THR E 203 2.03 -32.68 -45.54
N MSE E 204 2.94 -31.83 -45.07
CA MSE E 204 3.12 -31.63 -43.64
C MSE E 204 1.95 -30.86 -43.05
O MSE E 204 1.34 -31.28 -42.06
CB MSE E 204 4.42 -30.89 -43.35
CG MSE E 204 4.64 -30.58 -41.88
SE MSE E 204 6.20 -29.46 -41.56
CE MSE E 204 5.67 -27.91 -42.62
N LYS E 205 1.63 -29.72 -43.67
CA LYS E 205 0.52 -28.90 -43.19
C LYS E 205 -0.81 -29.61 -43.35
N ASN E 206 -0.96 -30.44 -44.39
CA ASN E 206 -2.19 -31.20 -44.54
C ASN E 206 -2.34 -32.24 -43.44
N SER E 207 -1.22 -32.85 -43.03
CA SER E 207 -1.28 -33.84 -41.95
C SER E 207 -1.58 -33.18 -40.61
N LEU E 208 -1.09 -31.96 -40.39
CA LEU E 208 -1.41 -31.23 -39.17
C LEU E 208 -2.87 -30.82 -39.11
N VAL E 209 -3.56 -30.74 -40.24
CA VAL E 209 -4.95 -30.33 -40.27
C VAL E 209 -5.89 -31.53 -40.15
N SER E 210 -5.68 -32.55 -40.97
CA SER E 210 -6.59 -33.69 -40.99
C SER E 210 -6.38 -34.62 -39.80
N TYR E 211 -5.17 -34.65 -39.24
CA TYR E 211 -4.83 -35.58 -38.16
C TYR E 211 -4.54 -34.85 -36.86
N TRP E 212 -5.13 -33.67 -36.67
CA TRP E 212 -4.90 -32.93 -35.43
C TRP E 212 -5.59 -33.60 -34.25
N ASN E 213 -6.83 -34.05 -34.44
CA ASN E 213 -7.59 -34.69 -33.37
C ASN E 213 -7.22 -36.17 -33.20
N LEU E 214 -6.23 -36.67 -33.93
CA LEU E 214 -5.76 -38.04 -33.78
C LEU E 214 -4.41 -38.14 -33.09
N GLY E 215 -3.74 -37.01 -32.86
CA GLY E 215 -2.47 -37.03 -32.16
C GLY E 215 -1.44 -36.10 -32.78
N PHE E 216 -1.48 -35.95 -34.10
CA PHE E 216 -0.47 -35.18 -34.83
C PHE E 216 -0.73 -33.70 -34.63
N THR E 217 -0.28 -33.19 -33.48
CA THR E 217 -0.37 -31.78 -33.16
C THR E 217 0.91 -31.02 -33.46
N SER E 218 2.02 -31.73 -33.67
CA SER E 218 3.30 -31.11 -34.01
C SER E 218 4.21 -32.18 -34.58
N VAL E 219 5.11 -31.77 -35.47
CA VAL E 219 6.06 -32.69 -36.09
C VAL E 219 7.04 -33.14 -35.02
N PRO E 220 7.62 -34.35 -35.14
CA PRO E 220 8.54 -34.82 -34.09
C PRO E 220 9.79 -33.94 -34.01
N GLN E 221 10.10 -33.51 -32.79
CA GLN E 221 11.26 -32.68 -32.53
C GLN E 221 12.24 -33.44 -31.63
N GLY E 222 13.52 -33.11 -31.78
CA GLY E 222 14.56 -33.78 -31.01
C GLY E 222 15.78 -32.90 -30.88
N GLN E 223 16.71 -33.36 -30.04
CA GLN E 223 17.96 -32.64 -29.81
C GLN E 223 18.82 -32.66 -31.06
N ASP E 224 19.29 -33.85 -31.44
CA ASP E 224 20.14 -34.02 -32.61
C ASP E 224 19.36 -34.49 -33.84
N LEU E 225 18.03 -34.42 -33.79
CA LEU E 225 17.21 -34.84 -34.92
C LEU E 225 17.30 -33.82 -36.05
N GLN E 226 17.30 -34.32 -37.29
CA GLN E 226 17.44 -33.49 -38.48
C GLN E 226 16.20 -33.60 -39.34
N TYR E 227 15.89 -32.51 -40.05
CA TYR E 227 14.75 -32.44 -40.95
C TYR E 227 15.23 -32.50 -42.40
N ILE E 228 14.54 -33.29 -43.20
CA ILE E 228 14.89 -33.51 -44.60
C ILE E 228 13.79 -32.92 -45.46
N PHE E 229 14.09 -31.83 -46.16
CA PHE E 229 13.14 -31.22 -47.08
C PHE E 229 13.17 -31.92 -48.43
N ILE E 230 12.03 -31.91 -49.11
CA ILE E 230 11.89 -32.46 -50.46
C ILE E 230 11.66 -31.29 -51.41
N PRO E 231 12.56 -31.06 -52.38
CA PRO E 231 12.49 -29.85 -53.20
C PRO E 231 11.42 -29.94 -54.31
N SER E 232 10.17 -30.17 -53.90
CA SER E 232 9.09 -30.34 -54.84
C SER E 232 8.38 -29.03 -55.19
N ASP E 233 8.68 -27.94 -54.51
CA ASP E 233 8.00 -26.68 -54.75
C ASP E 233 8.82 -25.55 -54.12
N ILE E 234 8.46 -24.31 -54.48
CA ILE E 234 9.13 -23.16 -53.89
C ILE E 234 8.82 -23.08 -52.39
N ARG E 235 7.63 -23.53 -51.98
CA ARG E 235 7.28 -23.53 -50.56
C ARG E 235 8.29 -24.34 -49.75
N ASP E 236 8.84 -25.41 -50.35
CA ASP E 236 9.88 -26.18 -49.68
C ASP E 236 11.18 -25.38 -49.62
N TYR E 237 11.50 -24.65 -50.69
CA TYR E 237 12.71 -23.82 -50.68
C TYR E 237 12.54 -22.60 -49.79
N VAL E 238 11.37 -21.95 -49.85
CA VAL E 238 11.14 -20.76 -49.04
C VAL E 238 11.13 -21.11 -47.56
N MSE E 239 10.52 -22.25 -47.22
CA MSE E 239 10.48 -22.70 -45.84
C MSE E 239 11.88 -23.05 -45.36
O MSE E 239 12.24 -22.79 -44.21
CB MSE E 239 9.55 -23.91 -45.67
CG MSE E 239 9.19 -24.22 -44.23
SE MSE E 239 7.88 -22.97 -43.52
CE MSE E 239 8.19 -23.26 -41.62
N LEU E 240 12.67 -23.65 -46.26
CA LEU E 240 14.03 -24.02 -45.91
C LEU E 240 14.91 -22.80 -45.64
N ARG E 241 14.68 -21.71 -46.39
CA ARG E 241 15.46 -20.49 -46.16
C ARG E 241 15.04 -19.83 -44.86
N SER E 242 13.73 -19.72 -44.63
CA SER E 242 13.23 -19.08 -43.41
C SER E 242 13.50 -19.91 -42.16
N ALA E 243 13.67 -21.23 -42.30
CA ALA E 243 13.94 -22.06 -41.14
C ALA E 243 15.36 -21.85 -40.62
N ILE E 244 16.32 -21.64 -41.52
CA ILE E 244 17.69 -21.41 -41.10
C ILE E 244 17.87 -19.99 -40.57
N LEU E 245 17.28 -19.01 -41.25
CA LEU E 245 17.41 -17.62 -40.81
C LEU E 245 16.63 -17.33 -39.54
N GLY E 246 15.59 -18.11 -39.24
CA GLY E 246 14.76 -17.89 -38.09
C GLY E 246 13.63 -16.90 -38.32
N VAL E 247 13.80 -15.98 -39.27
CA VAL E 247 12.73 -15.02 -39.59
C VAL E 247 11.52 -15.78 -40.12
N PRO E 248 10.30 -15.40 -39.75
CA PRO E 248 9.12 -16.07 -40.32
C PRO E 248 9.08 -15.94 -41.84
N VAL E 249 8.48 -16.93 -42.47
CA VAL E 249 8.39 -17.01 -43.93
C VAL E 249 7.72 -15.75 -44.46
N PRO E 250 8.41 -14.94 -45.25
CA PRO E 250 7.91 -13.61 -45.63
C PRO E 250 7.13 -13.55 -46.95
N GLU E 251 6.87 -14.68 -47.59
CA GLU E 251 6.19 -14.66 -48.89
C GLU E 251 5.65 -16.05 -49.18
N GLY E 252 4.95 -16.17 -50.31
CA GLY E 252 4.48 -17.46 -50.76
C GLY E 252 3.14 -17.86 -50.17
N LEU E 253 2.78 -19.12 -50.43
CA LEU E 253 1.51 -19.67 -49.95
C LEU E 253 1.47 -19.81 -48.44
N ASP E 254 2.64 -19.79 -47.78
CA ASP E 254 2.73 -20.02 -46.34
C ASP E 254 3.11 -18.75 -45.58
N LYS E 255 2.89 -17.58 -46.17
CA LYS E 255 3.28 -16.32 -45.53
C LYS E 255 2.64 -16.18 -44.15
N GLY E 256 3.48 -15.99 -43.13
CA GLY E 256 3.04 -15.76 -41.77
C GLY E 256 3.42 -16.84 -40.78
N ASP E 257 3.77 -18.04 -41.26
CA ASP E 257 4.06 -19.13 -40.34
C ASP E 257 5.40 -18.91 -39.63
N ARG E 258 5.52 -19.52 -38.46
CA ARG E 258 6.74 -19.43 -37.66
C ARG E 258 7.56 -20.69 -37.87
N PRO E 259 8.79 -20.59 -38.39
CA PRO E 259 9.62 -21.81 -38.53
C PRO E 259 9.93 -22.46 -37.20
N HIS E 260 9.94 -21.70 -36.10
CA HIS E 260 10.18 -22.28 -34.78
C HIS E 260 8.95 -22.98 -34.23
N ALA E 261 7.76 -22.71 -34.77
CA ALA E 261 6.56 -23.41 -34.32
C ALA E 261 6.56 -24.86 -34.75
N TYR E 262 7.15 -25.17 -35.91
CA TYR E 262 7.23 -26.55 -36.38
C TYR E 262 8.48 -27.25 -35.83
N PHE E 263 9.65 -26.69 -36.10
CA PHE E 263 10.89 -27.43 -35.94
C PHE E 263 11.57 -27.18 -34.59
N GLY E 264 11.31 -26.05 -33.94
CA GLY E 264 11.89 -25.77 -32.65
C GLY E 264 12.75 -24.52 -32.64
N PRO E 265 13.50 -24.34 -31.55
CA PRO E 265 14.28 -23.12 -31.35
C PRO E 265 15.53 -23.02 -32.22
N GLU E 266 16.26 -24.13 -32.36
CA GLU E 266 17.51 -24.12 -33.11
C GLU E 266 17.24 -23.87 -34.58
N ALA E 267 18.09 -23.02 -35.19
CA ALA E 267 17.96 -22.63 -36.59
C ALA E 267 19.36 -22.56 -37.22
N SER E 268 19.99 -23.72 -37.37
CA SER E 268 21.30 -23.82 -38.00
C SER E 268 21.22 -24.70 -39.24
N ALA E 269 22.25 -24.58 -40.09
CA ALA E 269 22.29 -25.39 -41.31
C ALA E 269 22.48 -26.87 -41.02
N SER E 270 23.01 -27.21 -39.83
CA SER E 270 23.14 -28.61 -39.43
C SER E 270 21.82 -29.25 -39.04
N LYS E 271 20.76 -28.46 -38.91
CA LYS E 271 19.47 -28.98 -38.49
C LYS E 271 18.56 -29.32 -39.67
N PHE E 272 18.78 -28.71 -40.83
CA PHE E 272 17.92 -28.88 -41.99
C PHE E 272 18.76 -29.33 -43.18
N LYS E 273 18.31 -30.38 -43.86
CA LYS E 273 18.95 -30.91 -45.05
C LYS E 273 17.97 -30.90 -46.21
N LEU E 274 18.51 -30.85 -47.42
CA LEU E 274 17.71 -30.81 -48.64
C LEU E 274 18.07 -32.01 -49.51
N LEU E 275 17.04 -32.76 -49.90
CA LEU E 275 17.25 -33.90 -50.79
C LEU E 275 17.62 -33.40 -52.19
N HIS E 276 18.62 -34.03 -52.78
CA HIS E 276 19.12 -33.56 -54.07
C HIS E 276 18.11 -33.84 -55.16
N PRO E 277 17.71 -32.83 -55.94
CA PRO E 277 16.83 -33.11 -57.09
C PRO E 277 17.38 -34.13 -58.07
N ASP E 278 18.71 -34.20 -58.22
CA ASP E 278 19.28 -35.25 -59.05
C ASP E 278 19.16 -36.62 -58.39
N PHE E 279 19.13 -36.65 -57.06
CA PHE E 279 18.94 -37.92 -56.36
C PHE E 279 17.51 -38.42 -56.50
N ILE E 280 16.54 -37.51 -56.64
CA ILE E 280 15.15 -37.93 -56.85
C ILE E 280 14.95 -38.44 -58.27
N SER E 281 15.62 -37.81 -59.24
CA SER E 281 15.53 -38.26 -60.62
C SER E 281 16.16 -39.65 -60.79
N TYR E 282 17.23 -39.92 -60.05
CA TYR E 282 17.88 -41.22 -60.13
C TYR E 282 17.03 -42.31 -59.49
N LEU E 283 16.22 -41.96 -58.48
CA LEU E 283 15.35 -42.96 -57.86
C LEU E 283 14.16 -43.27 -58.75
N THR E 284 13.64 -42.26 -59.46
CA THR E 284 12.52 -42.48 -60.38
C THR E 284 12.95 -43.21 -61.65
N GLU E 285 14.25 -43.20 -61.96
CA GLU E 285 14.74 -43.79 -63.20
C GLU E 285 15.15 -45.26 -63.02
N ARG E 286 15.89 -45.56 -61.95
CA ARG E 286 16.46 -46.88 -61.77
C ARG E 286 15.54 -47.82 -60.99
N PHE E 287 14.81 -47.30 -60.01
CA PHE E 287 14.02 -48.14 -59.10
C PHE E 287 12.51 -48.00 -59.31
N LEU E 288 12.00 -46.80 -59.51
CA LEU E 288 10.57 -46.60 -59.69
C LEU E 288 10.27 -45.75 -60.91
N TYR E 301 4.16 -36.94 -61.50
CA TYR E 301 4.43 -38.21 -60.85
C TYR E 301 5.77 -38.20 -60.10
N MSE E 302 5.71 -38.52 -58.83
CA MSE E 302 6.90 -38.67 -58.01
C MSE E 302 6.70 -39.78 -56.98
O MSE E 302 5.57 -40.03 -56.56
CB MSE E 302 7.25 -37.36 -57.30
CG MSE E 302 6.22 -36.91 -56.28
SE MSE E 302 6.82 -35.39 -55.22
CE MSE E 302 5.27 -35.22 -54.04
N PRO E 303 7.78 -40.46 -56.59
CA PRO E 303 7.65 -41.50 -55.57
C PRO E 303 7.16 -40.91 -54.26
N SER E 304 6.46 -41.74 -53.48
CA SER E 304 5.91 -41.29 -52.22
C SER E 304 7.01 -40.85 -51.26
N THR E 305 6.63 -40.00 -50.30
CA THR E 305 7.60 -39.50 -49.35
C THR E 305 8.20 -40.63 -48.52
N GLY E 306 7.39 -41.66 -48.21
CA GLY E 306 7.93 -42.82 -47.54
C GLY E 306 8.92 -43.58 -48.40
N ALA E 307 8.66 -43.68 -49.70
CA ALA E 307 9.61 -44.32 -50.60
C ALA E 307 10.87 -43.48 -50.75
N LEU E 308 10.76 -42.16 -50.65
CA LEU E 308 11.94 -41.30 -50.72
C LEU E 308 12.81 -41.40 -49.49
N MSE E 309 12.23 -41.79 -48.35
CA MSE E 309 13.00 -41.91 -47.11
C MSE E 309 13.59 -43.29 -46.93
O MSE E 309 14.64 -43.46 -46.31
CB MSE E 309 12.11 -41.55 -45.91
CG MSE E 309 11.64 -40.12 -45.92
SE MSE E 309 13.13 -38.86 -45.93
CE MSE E 309 13.68 -39.07 -44.08
N LEU E 310 12.90 -44.30 -47.48
CA LEU E 310 13.42 -45.67 -47.43
C LEU E 310 14.64 -45.82 -48.34
N LEU E 311 14.54 -45.31 -49.57
CA LEU E 311 15.66 -45.41 -50.50
C LEU E 311 16.82 -44.52 -50.07
N THR E 312 16.53 -43.38 -49.45
CA THR E 312 17.60 -42.55 -48.90
C THR E 312 18.37 -43.30 -47.81
N ALA E 313 17.64 -43.99 -46.93
CA ALA E 313 18.29 -44.80 -45.92
C ALA E 313 19.00 -46.00 -46.55
N LEU E 314 18.49 -46.51 -47.67
CA LEU E 314 19.15 -47.59 -48.38
C LEU E 314 20.51 -47.17 -48.92
N HIS E 315 20.72 -45.88 -49.15
CA HIS E 315 21.98 -45.38 -49.69
C HIS E 315 22.92 -44.83 -48.64
N THR E 316 22.42 -44.48 -47.45
CA THR E 316 23.23 -43.85 -46.42
C THR E 316 23.44 -44.73 -45.19
N CYS E 317 22.68 -45.80 -45.04
CA CYS E 317 22.79 -46.68 -43.88
C CYS E 317 23.52 -47.97 -44.24
N ASP E 318 24.01 -48.65 -43.21
CA ASP E 318 24.61 -49.97 -43.35
C ASP E 318 23.62 -51.10 -43.07
N GLN E 319 22.36 -50.77 -42.77
CA GLN E 319 21.29 -51.74 -42.56
C GLN E 319 19.98 -50.97 -42.41
N VAL E 320 18.89 -51.46 -42.99
CA VAL E 320 17.62 -50.76 -42.96
C VAL E 320 16.48 -51.75 -42.75
N SER E 321 15.54 -51.38 -41.88
CA SER E 321 14.34 -52.15 -41.63
C SER E 321 13.13 -51.27 -41.87
N ALA E 322 12.21 -51.75 -42.70
CA ALA E 322 11.04 -50.98 -43.10
C ALA E 322 9.84 -51.41 -42.27
N TYR E 323 9.24 -50.46 -41.56
CA TYR E 323 8.06 -50.71 -40.74
C TYR E 323 6.91 -49.86 -41.23
N GLY E 324 5.74 -50.47 -41.38
CA GLY E 324 4.54 -49.72 -41.72
C GLY E 324 4.48 -49.23 -43.16
N PHE E 325 4.98 -50.02 -44.11
CA PHE E 325 4.93 -49.66 -45.52
C PHE E 325 3.88 -50.48 -46.24
N ILE E 326 3.60 -50.08 -47.47
CA ILE E 326 2.55 -50.71 -48.27
C ILE E 326 3.00 -52.12 -48.63
N THR E 327 2.29 -53.12 -48.10
CA THR E 327 2.55 -54.52 -48.38
C THR E 327 1.45 -55.07 -49.30
N SER E 328 1.50 -56.38 -49.55
CA SER E 328 0.49 -57.00 -50.40
C SER E 328 -0.85 -57.11 -49.70
N ASN E 329 -0.85 -57.32 -48.39
CA ASN E 329 -2.09 -57.44 -47.60
C ASN E 329 -2.45 -56.12 -46.94
N TYR E 330 -2.52 -55.05 -47.73
CA TYR E 330 -2.85 -53.74 -47.18
C TYR E 330 -4.33 -53.64 -46.81
N TRP E 331 -5.20 -54.34 -47.55
CA TRP E 331 -6.63 -54.23 -47.32
C TRP E 331 -7.05 -54.80 -45.97
N LYS E 332 -6.20 -55.61 -45.33
CA LYS E 332 -6.54 -56.16 -44.02
C LYS E 332 -6.62 -55.06 -42.97
N PHE E 333 -5.73 -54.07 -43.05
CA PHE E 333 -5.62 -53.02 -42.05
C PHE E 333 -6.22 -51.72 -42.57
N SER E 334 -6.26 -50.73 -41.68
CA SER E 334 -6.77 -49.42 -42.04
C SER E 334 -5.73 -48.66 -42.87
N ASP E 335 -6.11 -47.47 -43.33
CA ASP E 335 -5.19 -46.66 -44.14
C ASP E 335 -3.98 -46.25 -43.33
N HIS E 336 -4.19 -45.81 -42.09
CA HIS E 336 -3.10 -45.39 -41.21
C HIS E 336 -3.31 -46.02 -39.83
N TYR E 337 -2.22 -46.13 -39.09
CA TYR E 337 -2.29 -46.74 -37.77
C TYR E 337 -2.84 -45.80 -36.71
N PHE E 338 -2.87 -44.49 -36.97
CA PHE E 338 -3.33 -43.53 -35.99
C PHE E 338 -4.82 -43.23 -36.08
N GLU E 339 -5.54 -43.91 -36.96
CA GLU E 339 -6.96 -43.64 -37.17
C GLU E 339 -7.80 -44.50 -36.24
N ARG E 340 -8.88 -43.90 -35.71
CA ARG E 340 -9.69 -44.63 -34.75
C ARG E 340 -10.64 -45.60 -35.44
N LYS E 341 -10.98 -45.33 -36.71
CA LYS E 341 -11.91 -46.13 -37.47
C LYS E 341 -11.20 -46.77 -38.67
N MET E 342 -11.79 -47.86 -39.15
CA MET E 342 -11.25 -48.54 -40.32
C MET E 342 -11.43 -47.66 -41.56
N LYS E 343 -10.31 -47.26 -42.17
CA LYS E 343 -10.31 -46.41 -43.34
C LYS E 343 -9.72 -47.17 -44.53
N PRO E 344 -10.44 -47.27 -45.64
CA PRO E 344 -9.85 -47.88 -46.83
C PRO E 344 -8.69 -47.05 -47.34
N LEU E 345 -7.70 -47.74 -47.92
CA LEU E 345 -6.48 -47.07 -48.36
C LEU E 345 -6.77 -46.11 -49.51
N ILE E 346 -6.17 -44.93 -49.44
CA ILE E 346 -6.36 -43.88 -50.43
C ILE E 346 -5.14 -43.84 -51.35
N PHE E 347 -5.38 -43.75 -52.65
CA PHE E 347 -4.30 -43.72 -53.63
C PHE E 347 -4.15 -42.33 -54.23
N ASN E 350 -1.50 -40.14 -57.85
CA ASN E 350 -0.27 -39.37 -58.00
C ASN E 350 0.96 -40.25 -57.76
N HIS E 351 0.75 -41.42 -57.18
CA HIS E 351 1.83 -42.34 -56.85
C HIS E 351 1.45 -43.75 -57.29
N ASP E 352 2.47 -44.57 -57.54
CA ASP E 352 2.28 -45.96 -57.96
C ASP E 352 2.50 -46.84 -56.73
N LEU E 353 1.42 -47.08 -55.99
CA LEU E 353 1.53 -47.84 -54.74
C LEU E 353 1.81 -49.32 -55.00
N SER E 354 1.25 -49.88 -56.07
CA SER E 354 1.50 -51.28 -56.38
C SER E 354 2.95 -51.50 -56.83
N LEU E 355 3.56 -50.50 -57.46
CA LEU E 355 4.96 -50.61 -57.84
C LEU E 355 5.87 -50.54 -56.62
N GLU E 356 5.58 -49.60 -55.71
CA GLU E 356 6.38 -49.49 -54.48
C GLU E 356 6.25 -50.75 -53.63
N ALA E 357 5.03 -51.30 -53.53
CA ALA E 357 4.83 -52.53 -52.78
C ALA E 357 5.64 -53.67 -53.38
N ALA E 358 5.74 -53.71 -54.71
CA ALA E 358 6.57 -54.73 -55.35
C ALA E 358 8.05 -54.47 -55.14
N LEU E 359 8.44 -53.19 -55.00
CA LEU E 359 9.85 -52.87 -54.77
C LEU E 359 10.30 -53.35 -53.39
N TRP E 360 9.44 -53.21 -52.38
CA TRP E 360 9.81 -53.68 -51.05
C TRP E 360 9.85 -55.20 -50.97
N ARG E 361 9.15 -55.90 -51.88
CA ARG E 361 9.21 -57.35 -51.89
C ARG E 361 10.50 -57.85 -52.53
N ASP E 362 10.93 -57.23 -53.63
CA ASP E 362 12.16 -57.65 -54.28
C ASP E 362 13.38 -57.33 -53.42
N LEU E 363 13.39 -56.16 -52.78
CA LEU E 363 14.47 -55.83 -51.86
C LEU E 363 14.48 -56.75 -50.64
N HIS E 364 13.35 -57.37 -50.31
CA HIS E 364 13.29 -58.25 -49.16
C HIS E 364 13.87 -59.63 -49.48
N LYS E 365 13.60 -60.15 -50.67
CA LYS E 365 14.15 -61.43 -51.09
C LYS E 365 15.67 -61.38 -51.21
N ALA E 366 16.21 -60.25 -51.65
CA ALA E 366 17.65 -60.13 -51.87
C ALA E 366 18.43 -59.91 -50.59
N GLY E 367 17.77 -59.91 -49.43
CA GLY E 367 18.46 -59.63 -48.19
C GLY E 367 18.93 -58.20 -48.02
N ILE E 368 18.48 -57.29 -48.88
CA ILE E 368 18.87 -55.89 -48.80
C ILE E 368 17.95 -55.09 -47.89
N LEU E 369 16.70 -55.53 -47.71
CA LEU E 369 15.73 -54.80 -46.90
C LEU E 369 15.10 -55.74 -45.89
N GLN E 370 15.02 -55.29 -44.64
CA GLN E 370 14.34 -56.04 -43.58
C GLN E 370 12.93 -55.51 -43.41
N LEU E 371 12.11 -55.78 -44.42
CA LEU E 371 10.72 -55.32 -44.43
C LEU E 371 9.91 -56.05 -43.37
N TYR E 372 9.15 -55.30 -42.59
CA TYR E 372 8.27 -55.87 -41.57
C TYR E 372 6.92 -56.22 -42.20
N GLN E 373 6.50 -57.47 -42.03
CA GLN E 373 5.24 -57.94 -42.57
C GLN E 373 4.52 -58.76 -41.51
N ARG E 374 3.22 -58.91 -41.70
CA ARG E 374 2.42 -59.80 -40.86
C ARG E 374 1.08 -60.11 -41.52
N CYS F 66 4.92 39.15 32.68
CA CYS F 66 6.09 39.11 31.82
C CYS F 66 6.53 40.51 31.43
N ARG F 67 5.65 41.21 30.70
CA ARG F 67 5.96 42.51 30.10
C ARG F 67 6.14 43.61 31.13
N HIS F 68 6.03 43.32 32.43
CA HIS F 68 6.23 44.34 33.45
C HIS F 68 6.58 43.70 34.79
N LEU F 69 6.79 42.39 34.79
CA LEU F 69 7.16 41.69 36.03
C LEU F 69 8.60 41.97 36.47
N LEU F 70 9.34 42.78 35.70
CA LEU F 70 10.70 43.19 36.07
C LEU F 70 10.69 44.50 36.85
N HIS F 71 10.02 45.52 36.31
CA HIS F 71 9.95 46.81 36.99
C HIS F 71 9.24 46.69 38.33
N LEU F 72 8.36 45.71 38.47
CA LEU F 72 7.71 45.46 39.76
C LEU F 72 8.75 45.10 40.81
N ALA F 73 9.73 44.26 40.46
CA ALA F 73 10.78 43.90 41.41
C ALA F 73 11.65 45.10 41.77
N ILE F 74 11.75 46.08 40.87
CA ILE F 74 12.48 47.30 41.18
C ILE F 74 11.70 48.13 42.20
N GLN F 75 10.38 48.16 42.09
CA GLN F 75 9.56 48.90 43.04
C GLN F 75 9.50 48.19 44.39
N ARG F 76 9.55 46.86 44.40
CA ARG F 76 9.43 46.12 45.65
C ARG F 76 10.58 46.40 46.60
N HIS F 77 11.77 46.68 46.08
CA HIS F 77 12.92 46.96 46.92
C HIS F 77 13.25 48.44 46.91
N PRO F 78 13.34 49.08 48.07
CA PRO F 78 13.55 50.54 48.09
C PRO F 78 14.96 50.96 47.70
N HIS F 79 15.94 50.07 47.76
CA HIS F 79 17.31 50.44 47.43
C HIS F 79 17.44 50.77 45.94
N PHE F 80 16.92 49.91 45.07
CA PHE F 80 16.99 50.13 43.64
C PHE F 80 15.83 50.95 43.11
N ARG F 81 14.78 51.17 43.90
CA ARG F 81 13.69 52.03 43.44
C ARG F 81 14.16 53.47 43.27
N GLY F 82 14.96 53.96 44.20
CA GLY F 82 15.53 55.30 44.11
C GLY F 82 16.92 55.28 43.50
N LEU F 83 17.14 54.35 42.56
CA LEU F 83 18.41 54.20 41.87
C LEU F 83 18.21 54.05 40.37
N PHE F 84 17.16 53.35 39.95
CA PHE F 84 16.88 53.19 38.53
C PHE F 84 16.13 54.41 38.01
N ASN F 85 16.76 55.14 37.08
CA ASN F 85 16.13 56.25 36.39
C ASN F 85 15.71 55.75 35.00
N LEU F 86 14.53 55.16 34.93
CA LEU F 86 13.99 54.62 33.68
C LEU F 86 13.50 55.69 32.72
N SER F 87 14.16 56.85 32.68
CA SER F 87 13.82 57.90 31.73
C SER F 87 15.02 58.59 31.10
N ILE F 88 16.22 58.41 31.63
CA ILE F 88 17.42 58.99 31.01
C ILE F 88 17.68 58.29 29.68
N PRO F 89 18.02 59.02 28.62
CA PRO F 89 18.28 58.38 27.33
C PRO F 89 19.46 57.42 27.41
N VAL F 90 19.31 56.27 26.77
CA VAL F 90 20.34 55.23 26.78
C VAL F 90 21.19 55.37 25.53
N LEU F 91 20.59 55.86 24.45
CA LEU F 91 21.26 55.99 23.17
C LEU F 91 21.45 57.46 22.81
N LEU F 92 22.46 57.71 21.97
CA LEU F 92 22.76 59.04 21.46
C LEU F 92 22.56 59.06 19.95
N TRP F 93 21.96 60.14 19.45
CA TRP F 93 21.68 60.22 18.01
C TRP F 93 21.60 61.69 17.60
N GLY F 94 20.91 61.97 16.51
CA GLY F 94 20.89 63.31 15.94
C GLY F 94 20.03 64.35 16.66
N ASP F 95 18.78 64.01 17.01
CA ASP F 95 17.86 64.97 17.62
C ASP F 95 18.20 65.28 19.08
N LEU F 96 19.43 64.94 19.49
CA LEU F 96 19.92 65.31 20.81
C LEU F 96 21.19 66.14 20.78
N PHE F 97 21.90 66.18 19.64
CA PHE F 97 23.14 66.94 19.53
C PHE F 97 22.81 68.41 19.41
N THR F 98 22.96 69.13 20.52
CA THR F 98 22.70 70.56 20.60
C THR F 98 23.95 71.27 21.09
N PRO F 99 24.07 72.59 20.85
CA PRO F 99 25.21 73.32 21.42
C PRO F 99 25.30 73.23 22.94
N ALA F 100 24.15 73.21 23.62
CA ALA F 100 24.15 73.06 25.07
C ALA F 100 24.75 71.72 25.49
N LEU F 101 24.37 70.63 24.81
CA LEU F 101 25.00 69.35 25.06
C LEU F 101 26.48 69.37 24.69
N TRP F 102 26.84 70.16 23.68
CA TRP F 102 28.24 70.27 23.29
C TRP F 102 29.07 70.99 24.35
N ASP F 103 28.45 71.93 25.09
CA ASP F 103 29.19 72.66 26.11
C ASP F 103 29.39 71.82 27.36
N ARG F 104 28.39 71.03 27.75
CA ARG F 104 28.50 70.21 28.96
C ARG F 104 29.51 69.09 28.76
N LEU F 105 29.31 68.26 27.74
CA LEU F 105 30.18 67.10 27.53
C LEU F 105 31.58 67.48 27.09
N SER F 106 31.84 68.75 26.79
CA SER F 106 33.19 69.19 26.46
C SER F 106 34.05 69.41 27.70
N GLN F 107 33.49 69.24 28.90
CA GLN F 107 34.24 69.35 30.14
C GLN F 107 34.58 68.00 30.75
N HIS F 108 34.35 66.91 30.01
CA HIS F 108 34.58 65.56 30.51
C HIS F 108 35.32 64.75 29.46
N LYS F 109 36.41 64.11 29.87
CA LYS F 109 37.13 63.16 29.02
C LYS F 109 36.42 61.81 29.12
N ALA F 110 37.10 60.73 28.69
CA ALA F 110 36.62 59.37 28.87
C ALA F 110 35.30 59.16 28.12
N PRO F 111 34.64 58.00 28.21
CA PRO F 111 33.31 57.86 27.60
C PRO F 111 32.25 58.75 28.21
N TYR F 112 32.54 59.47 29.30
CA TYR F 112 31.55 60.33 29.92
C TYR F 112 31.33 61.63 29.16
N GLY F 113 32.23 61.97 28.24
CA GLY F 113 32.11 63.19 27.48
C GLY F 113 33.03 63.17 26.28
N TRP F 114 33.32 64.35 25.75
CA TRP F 114 34.20 64.50 24.60
C TRP F 114 35.06 65.76 24.77
N ARG F 115 35.81 65.82 25.85
CA ARG F 115 36.76 66.90 26.07
C ARG F 115 38.04 66.62 25.28
N GLY F 116 38.43 67.57 24.44
CA GLY F 116 39.56 67.38 23.55
C GLY F 116 39.22 66.73 22.24
N LEU F 117 37.95 66.43 21.99
CA LEU F 117 37.53 65.81 20.74
C LEU F 117 37.07 66.88 19.75
N SER F 118 37.24 66.59 18.47
CA SER F 118 36.92 67.55 17.42
C SER F 118 35.41 67.66 17.21
N HIS F 119 34.94 68.89 17.05
CA HIS F 119 33.53 69.10 16.74
C HIS F 119 33.21 68.58 15.34
N GLN F 120 34.10 68.81 14.37
CA GLN F 120 33.88 68.32 13.02
C GLN F 120 33.78 66.81 12.97
N VAL F 121 34.54 66.11 13.83
CA VAL F 121 34.47 64.65 13.86
C VAL F 121 33.15 64.19 14.45
N ILE F 122 32.68 64.86 15.51
CA ILE F 122 31.48 64.40 16.21
C ILE F 122 30.21 64.89 15.51
N ALA F 123 30.19 66.14 15.06
CA ALA F 123 29.00 66.65 14.38
C ALA F 123 28.74 65.92 13.08
N SER F 124 29.79 65.42 12.43
CA SER F 124 29.62 64.69 11.18
C SER F 124 29.16 63.26 11.41
N THR F 125 29.58 62.63 12.50
CA THR F 125 29.16 61.27 12.77
C THR F 125 27.82 61.19 13.49
N LEU F 126 27.46 62.24 14.25
CA LEU F 126 26.16 62.27 14.91
C LEU F 126 25.04 62.71 13.98
N SER F 127 25.37 63.45 12.91
CA SER F 127 24.37 63.84 11.92
C SER F 127 23.91 62.66 11.08
N LEU F 128 24.66 61.56 11.09
CA LEU F 128 24.27 60.37 10.34
C LEU F 128 23.22 59.54 11.05
N LEU F 129 23.10 59.68 12.38
CA LEU F 129 22.06 59.01 13.16
C LEU F 129 20.80 59.84 13.26
N ASN F 130 20.45 60.60 12.22
CA ASN F 130 19.27 61.45 12.25
C ASN F 130 17.97 60.66 12.13
N GLY F 131 18.04 59.37 11.84
CA GLY F 131 16.83 58.57 11.73
C GLY F 131 16.15 58.41 13.09
N SER F 132 14.82 58.47 13.07
CA SER F 132 14.05 58.30 14.30
C SER F 132 14.22 56.91 14.89
N GLU F 133 14.63 55.93 14.08
CA GLU F 133 14.83 54.58 14.59
C GLU F 133 16.05 54.48 15.49
N SER F 134 17.05 55.34 15.28
CA SER F 134 18.30 55.27 16.03
C SER F 134 18.14 55.70 17.48
N ALA F 135 16.95 56.11 17.92
CA ALA F 135 16.78 56.56 19.29
C ALA F 135 16.61 55.38 20.26
N LYS F 136 15.84 54.37 19.85
CA LYS F 136 15.55 53.21 20.68
C LYS F 136 16.35 52.00 20.20
N LEU F 137 16.39 50.98 21.05
CA LEU F 137 17.06 49.72 20.71
C LEU F 137 16.11 48.69 20.12
N PHE F 138 14.84 48.71 20.51
CA PHE F 138 13.87 47.73 20.08
C PHE F 138 12.87 48.33 19.09
N ALA F 139 12.03 47.46 18.54
CA ALA F 139 11.05 47.88 17.54
C ALA F 139 9.96 48.72 18.21
N PRO F 140 9.37 49.68 17.46
CA PRO F 140 8.28 50.51 17.97
C PRO F 140 6.99 49.72 18.17
N CYS F 148 6.00 41.31 25.63
CA CYS F 148 7.07 41.05 26.58
C CYS F 148 8.43 40.98 25.88
N ILE F 149 9.49 41.32 26.62
CA ILE F 149 10.85 41.33 26.08
C ILE F 149 11.77 40.66 27.10
N ARG F 150 12.20 39.44 26.80
CA ARG F 150 13.14 38.71 27.64
C ARG F 150 14.52 38.72 26.97
N CYS F 151 15.53 39.11 27.73
CA CYS F 151 16.87 39.32 27.21
C CYS F 151 17.89 38.46 27.95
N ALA F 152 19.02 38.22 27.29
CA ALA F 152 20.11 37.42 27.86
C ALA F 152 21.43 38.11 27.55
N VAL F 153 22.19 38.43 28.59
CA VAL F 153 23.48 39.08 28.46
C VAL F 153 24.55 38.04 28.75
N VAL F 154 25.41 37.79 27.77
CA VAL F 154 26.41 36.73 27.85
C VAL F 154 27.79 37.37 27.96
N GLY F 155 28.39 37.27 29.15
CA GLY F 155 29.77 37.64 29.31
C GLY F 155 30.70 36.54 28.86
N ASN F 156 31.98 36.88 28.77
CA ASN F 156 33.01 35.94 28.33
C ASN F 156 33.77 35.32 29.50
N GLY F 157 33.05 34.99 30.58
CA GLY F 157 33.70 34.41 31.74
C GLY F 157 34.03 32.95 31.56
N GLY F 158 35.01 32.49 32.35
CA GLY F 158 35.41 31.10 32.31
C GLY F 158 34.43 30.14 32.95
N ILE F 159 33.41 30.65 33.65
CA ILE F 159 32.41 29.80 34.27
C ILE F 159 31.54 29.10 33.22
N LEU F 160 31.45 29.66 32.02
CA LEU F 160 30.58 29.11 30.99
C LEU F 160 31.16 27.89 30.29
N ASN F 161 32.47 27.67 30.35
CA ASN F 161 33.03 26.48 29.71
C ASN F 161 32.56 25.24 30.44
N GLY F 162 31.89 24.34 29.72
CA GLY F 162 31.36 23.13 30.29
C GLY F 162 30.02 23.28 30.99
N SER F 163 29.46 24.49 31.03
CA SER F 163 28.17 24.69 31.68
C SER F 163 27.02 24.15 30.86
N ARG F 164 27.19 24.03 29.55
CA ARG F 164 26.15 23.54 28.64
C ARG F 164 24.88 24.38 28.75
N GLN F 165 25.05 25.69 29.00
CA GLN F 165 23.93 26.63 29.12
C GLN F 165 23.40 27.10 27.78
N GLY F 166 23.74 26.41 26.69
CA GLY F 166 23.28 26.75 25.37
C GLY F 166 21.77 26.86 25.25
N PRO F 167 21.04 25.79 25.58
CA PRO F 167 19.58 25.82 25.42
C PRO F 167 18.90 26.97 26.16
N ASN F 168 19.44 27.39 27.30
CA ASN F 168 18.81 28.48 28.05
C ASN F 168 19.11 29.85 27.44
N ILE F 169 20.31 30.05 26.93
CA ILE F 169 20.67 31.35 26.37
C ILE F 169 19.90 31.62 25.09
N ASP F 170 19.90 30.65 24.17
CA ASP F 170 19.15 30.81 22.93
C ASP F 170 17.64 30.79 23.13
N ALA F 171 17.18 30.40 24.33
CA ALA F 171 15.74 30.39 24.58
C ALA F 171 15.16 31.80 24.63
N HIS F 172 15.98 32.78 25.02
CA HIS F 172 15.53 34.17 25.03
C HIS F 172 15.36 34.67 23.59
N ASP F 173 14.59 35.75 23.46
CA ASP F 173 14.34 36.35 22.16
C ASP F 173 15.36 37.43 21.79
N TYR F 174 16.17 37.88 22.75
CA TYR F 174 17.25 38.82 22.49
C TYR F 174 18.46 38.40 23.31
N VAL F 175 19.63 38.40 22.68
CA VAL F 175 20.88 37.99 23.32
C VAL F 175 21.91 39.08 23.11
N PHE F 176 22.53 39.51 24.20
CA PHE F 176 23.58 40.53 24.17
C PHE F 176 24.94 39.85 24.32
N ARG F 177 25.88 40.19 23.44
CA ARG F 177 27.24 39.72 23.51
C ARG F 177 28.20 40.89 23.37
N LEU F 178 29.45 40.68 23.77
CA LEU F 178 30.42 41.77 23.77
C LEU F 178 31.83 41.21 23.72
N ASN F 179 32.74 42.03 23.23
CA ASN F 179 34.19 41.77 23.23
C ASN F 179 34.45 40.46 22.50
N GLY F 180 35.20 39.52 23.07
CA GLY F 180 35.57 38.30 22.38
C GLY F 180 34.49 37.24 22.42
N ALA F 181 33.34 37.54 21.83
CA ALA F 181 32.24 36.59 21.78
C ALA F 181 32.55 35.46 20.80
N VAL F 182 33.18 34.39 21.29
CA VAL F 182 33.51 33.24 20.47
C VAL F 182 32.34 32.26 20.51
N ILE F 183 31.73 32.03 19.36
CA ILE F 183 30.58 31.14 19.24
C ILE F 183 30.96 29.80 18.64
N LYS F 184 31.73 29.82 17.55
CA LYS F 184 32.18 28.59 16.91
C LYS F 184 32.98 27.74 17.89
N GLY F 185 32.56 26.50 18.09
CA GLY F 185 33.21 25.58 19.00
C GLY F 185 32.67 25.56 20.40
N PHE F 186 31.88 26.56 20.79
CA PHE F 186 31.30 26.65 22.12
C PHE F 186 29.81 26.91 22.05
N GLU F 187 29.17 26.47 20.97
CA GLU F 187 27.76 26.75 20.75
C GLU F 187 26.88 26.13 21.83
N ARG F 188 27.16 24.88 22.21
CA ARG F 188 26.34 24.21 23.20
C ARG F 188 26.49 24.78 24.60
N ASP F 189 27.48 25.65 24.82
CA ASP F 189 27.69 26.26 26.14
C ASP F 189 27.19 27.69 26.22
N VAL F 190 27.33 28.48 25.14
CA VAL F 190 26.96 29.89 25.16
C VAL F 190 25.87 30.22 24.14
N GLY F 191 25.46 29.28 23.31
CA GLY F 191 24.43 29.52 22.33
C GLY F 191 24.97 30.09 21.03
N THR F 192 24.06 30.22 20.06
CA THR F 192 24.40 30.76 18.75
C THR F 192 23.65 32.03 18.40
N LYS F 193 22.61 32.39 19.15
CA LYS F 193 21.84 33.58 18.84
C LYS F 193 22.54 34.83 19.36
N THR F 194 22.56 35.88 18.54
CA THR F 194 23.17 37.15 18.91
C THR F 194 22.35 38.27 18.29
N SER F 195 21.75 39.12 19.13
CA SER F 195 20.95 40.24 18.68
C SER F 195 21.66 41.58 18.80
N PHE F 196 22.55 41.73 19.78
CA PHE F 196 23.28 42.97 19.98
C PHE F 196 24.72 42.64 20.34
N TYR F 197 25.66 43.42 19.79
CA TYR F 197 27.09 43.26 20.06
C TYR F 197 27.66 44.62 20.42
N GLY F 198 27.97 44.80 21.70
CA GLY F 198 28.57 46.02 22.19
C GLY F 198 30.08 45.87 22.31
N PHE F 199 30.78 46.99 22.16
CA PHE F 199 32.23 46.95 22.07
C PHE F 199 32.76 48.39 22.02
N THR F 200 34.00 48.53 22.46
CA THR F 200 34.83 49.67 22.08
C THR F 200 35.74 49.21 20.96
N VAL F 201 36.10 50.14 20.07
CA VAL F 201 36.95 49.79 18.94
C VAL F 201 38.30 49.26 19.42
N ASN F 202 38.77 49.74 20.57
CA ASN F 202 40.03 49.24 21.12
C ASN F 202 39.88 47.79 21.58
N THR F 203 38.85 47.51 22.38
CA THR F 203 38.69 46.16 22.92
C THR F 203 38.29 45.15 21.85
N MSE F 204 37.66 45.58 20.77
CA MSE F 204 37.30 44.68 19.68
C MSE F 204 38.54 44.24 18.91
O MSE F 204 38.76 43.04 18.69
CB MSE F 204 36.31 45.34 18.72
CG MSE F 204 35.98 44.51 17.48
SE MSE F 204 34.91 45.45 16.17
CE MSE F 204 36.12 46.91 15.75
N LYS F 205 39.36 45.21 18.51
CA LYS F 205 40.56 44.89 17.74
C LYS F 205 41.57 44.12 18.57
N ASN F 206 41.59 44.33 19.89
CA ASN F 206 42.48 43.55 20.75
C ASN F 206 41.99 42.12 20.91
N SER F 207 40.68 41.90 20.90
CA SER F 207 40.16 40.54 20.96
C SER F 207 40.46 39.77 19.69
N LEU F 208 40.38 40.44 18.53
CA LEU F 208 40.70 39.78 17.28
C LEU F 208 42.19 39.46 17.16
N VAL F 209 43.04 40.16 17.90
CA VAL F 209 44.47 39.91 17.84
C VAL F 209 44.86 38.76 18.77
N SER F 210 44.39 38.81 20.02
CA SER F 210 44.82 37.82 21.01
C SER F 210 44.02 36.53 20.92
N TYR F 211 42.79 36.58 20.42
CA TYR F 211 41.92 35.41 20.38
C TYR F 211 41.62 34.96 18.95
N TRP F 212 42.53 35.25 18.01
CA TRP F 212 42.32 34.81 16.64
C TRP F 212 42.43 33.30 16.52
N ASN F 213 43.42 32.70 17.20
CA ASN F 213 43.59 31.25 17.21
C ASN F 213 42.70 30.54 18.21
N LEU F 214 41.73 31.24 18.80
CA LEU F 214 40.79 30.64 19.73
C LEU F 214 39.36 30.61 19.19
N GLY F 215 39.14 31.03 17.95
CA GLY F 215 37.82 31.02 17.33
C GLY F 215 37.32 32.39 16.93
N PHE F 216 37.79 33.44 17.61
CA PHE F 216 37.33 34.81 17.35
C PHE F 216 38.05 35.36 16.13
N THR F 217 37.66 34.86 14.96
CA THR F 217 38.19 35.33 13.70
C THR F 217 37.39 36.49 13.10
N SER F 218 36.17 36.73 13.61
CA SER F 218 35.35 37.85 13.16
C SER F 218 34.27 38.08 14.21
N VAL F 219 33.82 39.33 14.30
CA VAL F 219 32.76 39.70 15.24
C VAL F 219 31.47 39.04 14.77
N PRO F 220 30.53 38.75 15.67
CA PRO F 220 29.29 38.08 15.24
C PRO F 220 28.49 38.96 14.28
N GLN F 221 28.13 38.37 13.15
CA GLN F 221 27.35 39.04 12.13
C GLN F 221 26.02 38.34 11.95
N GLY F 222 24.95 39.13 11.79
CA GLY F 222 23.62 38.57 11.61
C GLY F 222 22.77 39.50 10.77
N GLN F 223 21.56 39.01 10.46
CA GLN F 223 20.62 39.77 9.64
C GLN F 223 20.14 41.01 10.38
N ASP F 224 19.28 40.82 11.38
CA ASP F 224 18.73 41.92 12.16
C ASP F 224 19.56 42.22 13.41
N LEU F 225 20.83 41.82 13.42
CA LEU F 225 21.70 42.09 14.56
C LEU F 225 22.24 43.52 14.48
N GLN F 226 22.29 44.19 15.63
CA GLN F 226 22.70 45.58 15.72
C GLN F 226 23.94 45.69 16.58
N TYR F 227 24.81 46.64 16.23
CA TYR F 227 26.05 46.86 16.97
C TYR F 227 25.92 48.11 17.84
N ILE F 228 26.51 48.04 19.03
CA ILE F 228 26.44 49.13 20.00
C ILE F 228 27.85 49.64 20.23
N PHE F 229 28.10 50.89 19.86
CA PHE F 229 29.39 51.53 20.08
C PHE F 229 29.44 52.17 21.46
N ILE F 230 30.61 52.13 22.08
CA ILE F 230 30.85 52.77 23.36
C ILE F 230 31.71 54.01 23.10
N PRO F 231 31.19 55.21 23.32
CA PRO F 231 31.93 56.43 22.93
C PRO F 231 33.11 56.73 23.84
N SER F 232 34.06 55.80 23.96
CA SER F 232 35.18 55.94 24.86
C SER F 232 36.41 56.58 24.20
N ASP F 233 36.35 56.88 22.91
CA ASP F 233 37.49 57.44 22.19
C ASP F 233 37.00 57.95 20.85
N ILE F 234 37.86 58.70 20.16
CA ILE F 234 37.54 59.14 18.81
C ILE F 234 37.54 57.96 17.84
N ARG F 235 38.28 56.90 18.15
CA ARG F 235 38.23 55.69 17.33
C ARG F 235 36.82 55.13 17.26
N ASP F 236 36.06 55.26 18.35
CA ASP F 236 34.69 54.75 18.34
C ASP F 236 33.77 55.63 17.50
N TYR F 237 34.03 56.94 17.44
CA TYR F 237 33.22 57.83 16.63
C TYR F 237 33.59 57.74 15.15
N VAL F 238 34.88 57.69 14.84
CA VAL F 238 35.31 57.60 13.45
C VAL F 238 34.90 56.26 12.84
N MSE F 239 35.00 55.19 13.62
CA MSE F 239 34.57 53.87 13.15
C MSE F 239 33.07 53.86 12.91
O MSE F 239 32.60 53.27 11.94
CB MSE F 239 34.95 52.79 14.17
CG MSE F 239 34.75 51.38 13.64
SE MSE F 239 36.00 50.96 12.21
CE MSE F 239 35.00 49.56 11.31
N LEU F 240 32.33 54.50 13.82
CA LEU F 240 30.88 54.57 13.66
C LEU F 240 30.49 55.37 12.41
N ARG F 241 31.21 56.45 12.13
CA ARG F 241 30.90 57.24 10.94
C ARG F 241 31.19 56.44 9.67
N SER F 242 32.37 55.80 9.62
CA SER F 242 32.74 55.02 8.44
C SER F 242 31.92 53.76 8.29
N ALA F 243 31.35 53.24 9.38
CA ALA F 243 30.53 52.03 9.27
C ALA F 243 29.21 52.34 8.59
N ILE F 244 28.60 53.49 8.89
CA ILE F 244 27.33 53.85 8.27
C ILE F 244 27.55 54.31 6.83
N LEU F 245 28.63 55.05 6.57
CA LEU F 245 28.88 55.54 5.22
C LEU F 245 29.36 54.43 4.29
N GLY F 246 30.04 53.41 4.83
CA GLY F 246 30.59 52.34 4.04
C GLY F 246 32.02 52.58 3.57
N VAL F 247 32.44 53.83 3.48
CA VAL F 247 33.83 54.13 3.11
C VAL F 247 34.76 53.64 4.22
N PRO F 248 35.91 53.05 3.88
CA PRO F 248 36.85 52.65 4.93
C PRO F 248 37.26 53.84 5.79
N VAL F 249 37.55 53.55 7.06
CA VAL F 249 37.91 54.58 8.04
C VAL F 249 39.13 55.35 7.53
N PRO F 250 38.99 56.64 7.25
CA PRO F 250 40.05 57.39 6.57
C PRO F 250 41.03 58.12 7.47
N GLU F 251 40.88 58.02 8.80
CA GLU F 251 41.76 58.75 9.70
C GLU F 251 41.77 58.06 11.05
N GLY F 252 42.72 58.48 11.89
CA GLY F 252 42.84 57.94 13.23
C GLY F 252 43.81 56.78 13.32
N LEU F 253 43.79 56.14 14.49
CA LEU F 253 44.66 55.00 14.74
C LEU F 253 44.31 53.81 13.86
N ASP F 254 43.09 53.77 13.32
CA ASP F 254 42.57 52.63 12.60
C ASP F 254 42.46 52.90 11.10
N LYS F 255 43.27 53.82 10.57
CA LYS F 255 43.20 54.18 9.16
C LYS F 255 43.49 52.95 8.29
N GLY F 256 42.55 52.62 7.42
CA GLY F 256 42.71 51.54 6.46
C GLY F 256 41.74 50.39 6.62
N ASP F 257 41.10 50.27 7.79
CA ASP F 257 40.22 49.13 8.02
C ASP F 257 38.94 49.25 7.22
N ARG F 258 38.41 48.11 6.79
CA ARG F 258 37.16 48.06 6.06
C ARG F 258 36.01 47.81 7.02
N PRO F 259 35.05 48.73 7.14
CA PRO F 259 33.91 48.47 8.03
C PRO F 259 33.10 47.25 7.63
N HIS F 260 33.10 46.89 6.34
CA HIS F 260 32.38 45.72 5.89
C HIS F 260 33.07 44.42 6.30
N ALA F 261 34.36 44.49 6.64
CA ALA F 261 35.06 43.29 7.10
C ALA F 261 34.59 42.85 8.47
N TYR F 262 34.32 43.81 9.36
CA TYR F 262 33.83 43.49 10.70
C TYR F 262 32.33 43.21 10.68
N PHE F 263 31.53 44.23 10.37
CA PHE F 263 30.10 44.20 10.61
C PHE F 263 29.31 43.57 9.46
N GLY F 264 29.75 43.73 8.22
CA GLY F 264 29.08 43.11 7.10
C GLY F 264 28.75 44.08 5.98
N PRO F 265 27.92 43.62 5.03
CA PRO F 265 27.66 44.47 3.85
C PRO F 265 26.74 45.64 4.13
N GLU F 266 25.71 45.46 4.97
CA GLU F 266 24.75 46.53 5.22
C GLU F 266 25.40 47.68 5.96
N ALA F 267 25.07 48.92 5.53
CA ALA F 267 25.63 50.14 6.11
C ALA F 267 24.51 51.18 6.21
N SER F 268 23.64 51.02 7.20
CA SER F 268 22.55 51.95 7.45
C SER F 268 22.55 52.35 8.92
N ALA F 269 21.86 53.46 9.21
CA ALA F 269 21.77 53.93 10.58
C ALA F 269 20.99 52.98 11.48
N SER F 270 20.15 52.11 10.90
CA SER F 270 19.43 51.11 11.66
C SER F 270 20.32 49.95 12.10
N LYS F 271 21.54 49.87 11.59
CA LYS F 271 22.45 48.78 11.91
C LYS F 271 23.36 49.10 13.08
N PHE F 272 23.67 50.37 13.31
CA PHE F 272 24.64 50.79 14.29
C PHE F 272 23.99 51.76 15.28
N LYS F 273 24.15 51.47 16.57
CA LYS F 273 23.62 52.30 17.63
C LYS F 273 24.76 52.76 18.54
N LEU F 274 24.61 53.96 19.09
CA LEU F 274 25.63 54.55 19.94
C LEU F 274 25.11 54.66 21.37
N LEU F 275 25.96 54.36 22.34
CA LEU F 275 25.60 54.47 23.74
C LEU F 275 25.74 55.92 24.21
N HIS F 276 24.79 56.37 25.01
CA HIS F 276 24.76 57.76 25.43
C HIS F 276 25.85 58.02 26.46
N PRO F 277 26.68 59.05 26.29
CA PRO F 277 27.68 59.36 27.33
C PRO F 277 27.07 59.70 28.67
N ASP F 278 25.94 60.41 28.69
CA ASP F 278 25.29 60.68 29.97
C ASP F 278 24.76 59.40 30.60
N PHE F 279 24.36 58.42 29.79
CA PHE F 279 23.93 57.13 30.34
C PHE F 279 25.09 56.39 30.98
N ILE F 280 26.31 56.60 30.49
CA ILE F 280 27.48 55.99 31.12
C ILE F 280 27.85 56.72 32.40
N SER F 281 27.67 58.05 32.44
CA SER F 281 27.91 58.79 33.67
C SER F 281 26.89 58.43 34.74
N TYR F 282 25.65 58.15 34.34
CA TYR F 282 24.62 57.79 35.30
C TYR F 282 24.83 56.40 35.88
N LEU F 283 25.40 55.49 35.09
CA LEU F 283 25.71 54.15 35.61
C LEU F 283 26.90 54.20 36.57
N THR F 284 27.92 55.00 36.23
CA THR F 284 29.10 55.13 37.06
C THR F 284 28.84 55.97 38.30
N GLU F 285 27.69 56.62 38.40
CA GLU F 285 27.36 57.45 39.56
C GLU F 285 26.36 56.79 40.49
N ARG F 286 25.34 56.11 39.95
CA ARG F 286 24.31 55.51 40.77
C ARG F 286 24.60 54.04 41.10
N PHE F 287 25.27 53.33 40.21
CA PHE F 287 25.46 51.88 40.35
C PHE F 287 26.91 51.47 40.56
N LEU F 288 27.86 52.11 39.89
CA LEU F 288 29.27 51.68 39.95
C LEU F 288 30.18 52.89 40.15
N LYS F 289 30.03 53.57 41.30
CA LYS F 289 30.99 54.60 41.69
C LYS F 289 32.03 53.94 42.60
N SER F 290 33.07 53.40 41.99
CA SER F 290 34.07 52.64 42.71
C SER F 290 34.95 53.59 43.53
N LYS F 291 36.00 53.03 44.11
CA LYS F 291 36.96 53.79 44.90
C LYS F 291 38.27 54.02 44.16
N LEU F 292 38.32 53.72 42.87
CA LEU F 292 39.52 53.83 42.06
C LEU F 292 39.51 55.06 41.15
N ILE F 293 38.80 56.11 41.55
CA ILE F 293 38.69 57.33 40.76
C ILE F 293 39.71 58.33 41.29
N ASN F 294 40.78 58.54 40.53
CA ASN F 294 41.83 59.48 40.92
C ASN F 294 41.53 60.88 40.38
N TYR F 301 38.90 55.74 34.63
CA TYR F 301 38.09 54.60 35.08
C TYR F 301 36.71 54.61 34.45
N MSE F 302 36.32 53.46 33.90
CA MSE F 302 35.00 53.26 33.34
C MSE F 302 34.55 51.84 33.64
O MSE F 302 35.39 50.96 33.83
CB MSE F 302 34.98 53.53 31.84
CG MSE F 302 35.79 52.54 31.02
SE MSE F 302 35.62 52.80 29.09
CE MSE F 302 36.72 51.31 28.49
N PRO F 303 33.24 51.62 33.72
CA PRO F 303 32.74 50.25 33.91
C PRO F 303 33.14 49.36 32.75
N SER F 304 33.31 48.08 33.05
CA SER F 304 33.71 47.12 32.02
C SER F 304 32.65 47.04 30.94
N THR F 305 33.07 46.65 29.73
CA THR F 305 32.15 46.59 28.60
C THR F 305 31.00 45.63 28.87
N GLY F 306 31.25 44.54 29.60
CA GLY F 306 30.18 43.65 29.97
C GLY F 306 29.19 44.28 30.93
N ALA F 307 29.70 45.09 31.87
CA ALA F 307 28.81 45.79 32.79
C ALA F 307 28.01 46.88 32.08
N LEU F 308 28.56 47.45 31.01
CA LEU F 308 27.84 48.47 30.25
C LEU F 308 26.70 47.86 29.46
N MSE F 309 26.79 46.59 29.10
CA MSE F 309 25.77 45.92 28.31
C MSE F 309 24.69 45.29 29.18
O MSE F 309 23.52 45.24 28.80
CB MSE F 309 26.40 44.85 27.43
CG MSE F 309 27.35 45.42 26.39
SE MSE F 309 26.40 46.60 25.17
CE MSE F 309 25.51 45.21 24.12
N LEU F 310 25.09 44.81 30.36
CA LEU F 310 24.12 44.23 31.28
C LEU F 310 23.16 45.29 31.80
N LEU F 311 23.69 46.44 32.20
CA LEU F 311 22.84 47.52 32.69
C LEU F 311 22.02 48.15 31.57
N THR F 312 22.55 48.16 30.35
CA THR F 312 21.77 48.63 29.21
C THR F 312 20.54 47.77 28.98
N ALA F 313 20.71 46.45 29.09
CA ALA F 313 19.57 45.55 28.97
C ALA F 313 18.63 45.70 30.16
N LEU F 314 19.17 46.05 31.33
CA LEU F 314 18.34 46.24 32.51
C LEU F 314 17.39 47.43 32.38
N HIS F 315 17.75 48.41 31.54
CA HIS F 315 16.91 49.60 31.35
C HIS F 315 16.01 49.51 30.13
N THR F 316 16.23 48.56 29.24
CA THR F 316 15.45 48.46 28.02
C THR F 316 14.61 47.20 27.90
N CYS F 317 14.91 46.16 28.67
CA CYS F 317 14.21 44.88 28.57
C CYS F 317 13.16 44.77 29.68
N ASP F 318 12.33 43.75 29.54
CA ASP F 318 11.32 43.40 30.55
C ASP F 318 11.74 42.19 31.39
N GLN F 319 12.93 41.66 31.16
CA GLN F 319 13.48 40.49 31.85
C GLN F 319 14.89 40.25 31.33
N VAL F 320 15.84 40.01 32.22
CA VAL F 320 17.24 39.86 31.84
C VAL F 320 17.85 38.69 32.61
N SER F 321 18.71 37.94 31.94
CA SER F 321 19.47 36.86 32.55
C SER F 321 20.93 37.02 32.16
N ALA F 322 21.82 37.04 33.16
CA ALA F 322 23.24 37.26 32.94
C ALA F 322 23.98 35.92 32.97
N TYR F 323 24.82 35.69 31.97
CA TYR F 323 25.58 34.46 31.85
C TYR F 323 27.06 34.80 31.69
N GLY F 324 27.91 34.08 32.42
CA GLY F 324 29.34 34.23 32.24
C GLY F 324 29.92 35.52 32.79
N PHE F 325 29.35 36.05 33.86
CA PHE F 325 29.86 37.25 34.50
C PHE F 325 30.69 36.89 35.72
N ILE F 326 31.32 37.90 36.30
CA ILE F 326 32.22 37.69 37.43
C ILE F 326 31.41 37.29 38.66
N THR F 327 31.75 36.14 39.23
CA THR F 327 31.09 35.61 40.41
C THR F 327 32.10 35.49 41.55
N SER F 328 31.61 35.04 42.71
CA SER F 328 32.49 34.93 43.88
C SER F 328 33.48 33.79 43.72
N ASN F 329 33.12 32.73 43.01
CA ASN F 329 34.01 31.59 42.80
C ASN F 329 34.62 31.61 41.41
N TYR F 330 35.11 32.78 40.99
CA TYR F 330 35.73 32.91 39.68
C TYR F 330 37.07 32.18 39.62
N TRP F 331 37.74 32.04 40.77
CA TRP F 331 39.05 31.40 40.80
C TRP F 331 38.98 29.92 40.45
N LYS F 332 37.80 29.29 40.54
CA LYS F 332 37.66 27.88 40.18
C LYS F 332 37.74 27.67 38.68
N PHE F 333 37.49 28.70 37.88
CA PHE F 333 37.47 28.58 36.42
C PHE F 333 38.55 29.45 35.81
N SER F 334 38.74 29.30 34.51
CA SER F 334 39.75 30.06 33.79
C SER F 334 39.26 31.48 33.57
N ASP F 335 40.06 32.26 32.82
CA ASP F 335 39.69 33.65 32.56
C ASP F 335 38.47 33.73 31.65
N HIS F 336 38.52 33.06 30.50
CA HIS F 336 37.44 33.07 29.54
C HIS F 336 37.07 31.64 29.16
N TYR F 337 35.84 31.49 28.65
CA TYR F 337 35.35 30.16 28.31
C TYR F 337 35.98 29.62 27.03
N PHE F 338 36.59 30.47 26.22
CA PHE F 338 37.26 30.02 25.00
C PHE F 338 38.73 29.70 25.22
N GLU F 339 39.23 29.85 26.44
CA GLU F 339 40.63 29.55 26.73
C GLU F 339 40.87 28.05 26.65
N ARG F 340 41.97 27.66 26.00
CA ARG F 340 42.34 26.26 25.92
C ARG F 340 43.11 25.80 27.15
N LYS F 341 43.96 26.66 27.70
CA LYS F 341 44.73 26.30 28.88
C LYS F 341 43.99 26.71 30.15
N MET F 342 44.67 27.38 31.08
CA MET F 342 44.08 27.80 32.34
C MET F 342 44.62 29.17 32.73
N LYS F 343 44.36 30.16 31.90
CA LYS F 343 44.75 31.53 32.21
C LYS F 343 43.87 32.07 33.33
N PRO F 344 44.44 32.50 34.46
CA PRO F 344 43.62 33.09 35.53
C PRO F 344 43.14 34.48 35.14
N LEU F 345 42.25 35.01 35.97
CA LEU F 345 41.67 36.33 35.74
C LEU F 345 42.72 37.38 36.11
N ILE F 346 43.22 38.09 35.10
CA ILE F 346 44.20 39.15 35.30
C ILE F 346 43.43 40.45 35.50
N PHE F 347 43.41 40.94 36.73
CA PHE F 347 42.68 42.16 37.06
C PHE F 347 43.42 43.38 36.50
N TYR F 348 42.73 44.16 35.68
CA TYR F 348 43.28 45.39 35.14
C TYR F 348 42.92 46.57 36.02
N ALA F 349 43.76 47.60 35.98
CA ALA F 349 43.42 48.87 36.61
C ALA F 349 42.37 49.64 35.81
N ASN F 350 41.89 49.07 34.70
CA ASN F 350 40.89 49.74 33.87
C ASN F 350 39.54 49.80 34.57
N HIS F 351 39.10 48.68 35.13
CA HIS F 351 37.79 48.58 35.77
C HIS F 351 37.94 47.92 37.13
N ASP F 352 36.87 48.01 37.92
CA ASP F 352 36.80 47.38 39.24
C ASP F 352 35.94 46.12 39.10
N LEU F 353 36.60 44.97 39.04
CA LEU F 353 35.88 43.72 38.82
C LEU F 353 35.16 43.24 40.08
N SER F 354 35.81 43.36 41.24
CA SER F 354 35.18 42.91 42.47
C SER F 354 33.96 43.75 42.83
N LEU F 355 33.95 45.02 42.44
CA LEU F 355 32.77 45.85 42.66
C LEU F 355 31.60 45.38 41.81
N GLU F 356 31.86 45.10 40.53
CA GLU F 356 30.80 44.60 39.66
C GLU F 356 30.29 43.25 40.13
N ALA F 357 31.17 42.41 40.66
CA ALA F 357 30.74 41.12 41.19
C ALA F 357 29.75 41.28 42.33
N ALA F 358 29.89 42.35 43.12
CA ALA F 358 28.95 42.61 44.20
C ALA F 358 27.65 43.20 43.67
N LEU F 359 27.70 43.93 42.55
CA LEU F 359 26.48 44.52 42.01
C LEU F 359 25.54 43.46 41.45
N TRP F 360 26.09 42.45 40.77
CA TRP F 360 25.25 41.39 40.24
C TRP F 360 24.68 40.51 41.35
N ARG F 361 25.32 40.47 42.52
CA ARG F 361 24.77 39.72 43.64
C ARG F 361 23.58 40.43 44.25
N ASP F 362 23.68 41.74 44.45
CA ASP F 362 22.56 42.48 45.05
C ASP F 362 21.40 42.61 44.08
N LEU F 363 21.67 42.69 42.78
CA LEU F 363 20.60 42.68 41.80
C LEU F 363 19.89 41.33 41.76
N HIS F 364 20.59 40.26 42.13
CA HIS F 364 20.00 38.93 42.13
C HIS F 364 19.08 38.71 43.32
N LYS F 365 19.39 39.32 44.47
CA LYS F 365 18.55 39.18 45.65
C LYS F 365 17.22 39.91 45.48
N ALA F 366 17.20 41.00 44.74
CA ALA F 366 15.99 41.79 44.56
C ALA F 366 15.07 41.23 43.49
N GLY F 367 15.43 40.12 42.86
CA GLY F 367 14.64 39.58 41.77
C GLY F 367 14.69 40.39 40.50
N ILE F 368 15.61 41.34 40.39
CA ILE F 368 15.70 42.16 39.19
C ILE F 368 16.56 41.48 38.13
N LEU F 369 17.50 40.63 38.54
CA LEU F 369 18.44 40.00 37.64
C LEU F 369 18.46 38.50 37.88
N GLN F 370 18.49 37.73 36.79
CA GLN F 370 18.60 36.28 36.85
C GLN F 370 20.05 35.90 36.51
N LEU F 371 20.91 36.02 37.52
CA LEU F 371 22.32 35.72 37.36
C LEU F 371 22.56 34.22 37.38
N TYR F 372 23.42 33.74 36.47
CA TYR F 372 23.77 32.33 36.42
C TYR F 372 25.00 32.07 37.28
N GLN F 373 24.90 31.10 38.18
CA GLN F 373 26.00 30.73 39.06
C GLN F 373 26.09 29.22 39.15
N ARG F 374 27.27 28.74 39.53
CA ARG F 374 27.47 27.31 39.77
C ARG F 374 28.73 27.09 40.62
C1 NAG G . 7.54 7.54 48.27
C2 NAG G . 8.17 7.35 49.64
C3 NAG G . 7.25 6.52 50.52
C4 NAG G . 5.86 7.13 50.57
C5 NAG G . 5.34 7.43 49.15
C6 NAG G . 4.05 8.22 49.15
C7 NAG G . 10.59 7.25 50.09
C8 NAG G . 11.85 6.48 49.88
N2 NAG G . 9.48 6.73 49.53
O3 NAG G . 7.78 6.41 51.83
O4 NAG G . 4.95 6.23 51.20
O5 NAG G . 6.30 8.21 48.42
O6 NAG G . 4.30 9.62 49.17
O7 NAG G . 10.56 8.29 50.74
C1 NAG H . 13.34 20.75 7.66
C2 NAG H . 13.76 19.90 6.44
C3 NAG H . 13.36 20.59 5.14
C4 NAG H . 11.89 20.96 5.16
C5 NAG H . 11.57 21.78 6.40
C6 NAG H . 10.10 22.10 6.53
C7 NAG H . 16.15 20.53 6.39
C8 NAG H . 17.56 20.01 6.43
N2 NAG H . 15.18 19.60 6.47
O3 NAG H . 13.64 19.72 4.04
O4 NAG H . 11.56 21.71 4.00
O5 NAG H . 11.94 21.05 7.58
O6 NAG H . 9.30 20.95 6.28
O7 NAG H . 15.91 21.73 6.33
C1 NAG I . -6.55 -50.62 -34.28
C2 NAG I . -7.31 -49.30 -34.00
C3 NAG I . -8.70 -49.57 -33.38
C4 NAG I . -9.47 -50.57 -34.22
C5 NAG I . -8.64 -51.85 -34.39
C6 NAG I . -9.31 -52.88 -35.26
C7 NAG I . -6.11 -48.45 -31.92
C8 NAG I . -6.40 -49.73 -31.18
N2 NAG I . -6.55 -48.34 -33.20
O3 NAG I . -9.42 -48.35 -33.29
O4 NAG I . -10.70 -50.90 -33.58
O5 NAG I . -7.40 -51.51 -35.03
O6 NAG I . -8.54 -54.07 -35.33
O7 NAG I . -5.48 -47.54 -31.39
C1 NAG J . 36.01 23.01 29.63
C2 NAG J . 37.51 22.91 29.31
C3 NAG J . 37.95 21.45 29.13
C4 NAG J . 37.49 20.60 30.32
C5 NAG J . 36.00 20.78 30.55
C6 NAG J . 35.49 20.04 31.76
C7 NAG J . 37.58 23.65 26.87
C8 NAG J . 36.60 22.58 26.48
N2 NAG J . 37.94 23.74 28.18
O3 NAG J . 39.37 21.38 29.01
O4 NAG J . 37.75 19.22 30.05
O5 NAG J . 35.70 22.17 30.75
O6 NAG J . 34.64 20.86 32.55
O7 NAG J . 38.04 24.43 26.04
#